data_8U85
#
_entry.id   8U85
#
_cell.length_a   1.00
_cell.length_b   1.00
_cell.length_c   1.00
_cell.angle_alpha   90.00
_cell.angle_beta   90.00
_cell.angle_gamma   90.00
#
_symmetry.space_group_name_H-M   'P 1'
#
loop_
_entity.id
_entity.type
_entity.pdbx_description
1 polymer 'NADPH oxidase 5'
2 polymer ALA-ALA-ALA-ALA-ALA-ALA-ALA-ALA-ALA-ALA-ALA-ALA-ALA
3 non-polymer 'HEME B/C'
4 non-polymer 'NADPH DIHYDRO-NICOTINAMIDE-ADENINE-DINUCLEOTIDE PHOSPHATE'
5 non-polymer 'FLAVIN-ADENINE DINUCLEOTIDE'
6 non-polymer 1,2-DILAUROYL-SN-GLYCERO-3-PHOSPHATE
7 non-polymer 'ZINC ION'
#
loop_
_entity_poly.entity_id
_entity_poly.type
_entity_poly.pdbx_seq_one_letter_code
_entity_poly.pdbx_strand_id
1 'polypeptide(L)'
;MSAEEDARWLRWVTQQFKTIAGEDGEISLQEFKAALHVKESFFAERFFALFDSDRSGTITLQELQEALTLLIHGSPMDKL
KFLFQVYDIDGSGSIDPDELRTVLQSCLRESAISLPDEKLDQLTLALFESADADGNGAITFEELRDELQRFPGVMENLTI
SAAHWLTAPAPRPRPRRPRQLTRAYWHNHRSQLFCLATYAGLHVLLFGLAASAHRDLGASVMVAKGCGQCLNFDCSFIAV
LMLRRCLTWLRATWLAQVLPLDQNIQFHQLMGYVVVGLSLVHTVAHTVNFVLQAQAEASPFQFWELLLTTRPGIGWVHGS
ASPTGVALLLLLLLMFICSSSCIRRSGHFEVFYWTHLSYLLVWLLLIFHGPNFWKWLLVPGILFFLEKAIGLAVSRMAAV
CIMEVNLLPSKVTHLLIKRPPFFHYRPGDYLYLNIPTIARYEWHPFTISSAPEQKDTIWLHIRSQGQWTNRLYESFKASD
PLGRGSKRLSRSVTMRKSQRSSKGSEILLEKHKFCNIKCYIDGPYGTPTRRIFASEHAVLIGAGIGITPFASILQSIMYR
HQKRKHTCPSCQHSWIEGVQDNMKLHKVDFIWINRDQRSFEWFVSLLTKLEMDQAEEAQYGRFLELHMYMTSALGKNDMK
AIGLQMALDLLANKEKKDSITGLQTRTQPGRPDWSKVFQKVAAEKKGKVQVFFCGSPALAKVLKGHCEKFGFRFFQENF
;
A,C
2 'polypeptide(L)' AAAAAAAAAAAAA B,D
#
loop_
_chem_comp.id
_chem_comp.type
_chem_comp.name
_chem_comp.formula
FAD non-polymer 'FLAVIN-ADENINE DINUCLEOTIDE' 'C27 H33 N9 O15 P2'
HEB non-polymer 'HEME B/C' 'C34 H34 Fe N4 O4'
NDP non-polymer 'NADPH DIHYDRO-NICOTINAMIDE-ADENINE-DINUCLEOTIDE PHOSPHATE' 'C21 H30 N7 O17 P3'
PX2 non-polymer 1,2-DILAUROYL-SN-GLYCERO-3-PHOSPHATE 'C27 H52 O8 P -1'
ZN non-polymer 'ZINC ION' 'Zn 2'
#
# COMPACT_ATOMS: atom_id res chain seq x y z
N GLU A 4 -15.81 -32.46 48.79
CA GLU A 4 -14.59 -32.82 49.49
C GLU A 4 -14.19 -31.74 50.48
N GLU A 5 -14.24 -30.49 50.03
CA GLU A 5 -13.89 -29.37 50.90
C GLU A 5 -14.90 -29.22 52.03
N ASP A 6 -16.17 -29.52 51.76
CA ASP A 6 -17.19 -29.45 52.80
C ASP A 6 -16.93 -30.49 53.87
N ALA A 7 -16.54 -31.71 53.47
CA ALA A 7 -16.26 -32.76 54.44
C ALA A 7 -15.04 -32.41 55.28
N ARG A 8 -14.00 -31.85 54.65
CA ARG A 8 -12.82 -31.45 55.41
C ARG A 8 -13.14 -30.31 56.37
N TRP A 9 -13.97 -29.36 55.93
CA TRP A 9 -14.40 -28.28 56.82
C TRP A 9 -15.18 -28.82 58.00
N LEU A 10 -16.08 -29.78 57.75
CA LEU A 10 -16.85 -30.38 58.84
C LEU A 10 -15.94 -31.11 59.81
N ARG A 11 -14.96 -31.85 59.29
CA ARG A 11 -14.03 -32.55 60.16
C ARG A 11 -13.21 -31.57 61.01
N TRP A 12 -12.75 -30.47 60.39
CA TRP A 12 -11.99 -29.48 61.13
C TRP A 12 -12.84 -28.78 62.19
N VAL A 13 -14.11 -28.55 61.88
CA VAL A 13 -15.02 -27.93 62.86
C VAL A 13 -15.26 -28.88 64.03
N THR A 14 -15.48 -30.16 63.72
CA THR A 14 -15.68 -31.15 64.78
C THR A 14 -14.44 -31.29 65.64
N GLN A 15 -13.25 -31.21 65.04
CA GLN A 15 -12.02 -31.28 65.82
C GLN A 15 -11.83 -30.02 66.67
N GLN A 16 -12.17 -28.85 66.13
CA GLN A 16 -12.05 -27.62 66.89
C GLN A 16 -13.09 -27.56 68.02
N PHE A 17 -14.32 -28.00 67.73
CA PHE A 17 -15.36 -28.01 68.75
C PHE A 17 -14.94 -28.84 69.96
N LYS A 18 -14.38 -30.03 69.71
CA LYS A 18 -13.89 -30.87 70.78
C LYS A 18 -12.67 -30.29 71.49
N THR A 19 -12.04 -29.27 70.90
CA THR A 19 -10.87 -28.64 71.51
C THR A 19 -11.21 -27.48 72.43
N ILE A 20 -12.37 -26.84 72.24
CA ILE A 20 -12.80 -25.75 73.10
C ILE A 20 -13.63 -26.28 74.26
N ILE A 27 -20.52 -22.56 73.07
CA ILE A 27 -19.49 -21.91 72.25
C ILE A 27 -19.82 -20.45 72.05
N SER A 28 -18.92 -19.57 72.45
CA SER A 28 -19.12 -18.14 72.31
C SER A 28 -18.92 -17.70 70.86
N LEU A 29 -19.31 -16.45 70.59
CA LEU A 29 -19.12 -15.89 69.26
C LEU A 29 -17.65 -15.79 68.89
N GLN A 30 -16.80 -15.41 69.86
CA GLN A 30 -15.37 -15.32 69.60
C GLN A 30 -14.76 -16.71 69.42
N GLU A 31 -15.24 -17.69 70.18
CA GLU A 31 -14.74 -19.06 70.03
C GLU A 31 -15.13 -19.62 68.67
N PHE A 32 -16.35 -19.33 68.21
CA PHE A 32 -16.78 -19.78 66.88
C PHE A 32 -15.90 -19.16 65.80
N LYS A 33 -15.63 -17.86 65.91
CA LYS A 33 -14.74 -17.21 64.95
C LYS A 33 -13.32 -17.76 65.05
N ALA A 34 -12.87 -18.04 66.27
CA ALA A 34 -11.53 -18.62 66.45
C ALA A 34 -11.46 -20.01 65.82
N ALA A 35 -12.52 -20.81 65.97
CA ALA A 35 -12.56 -22.11 65.33
C ALA A 35 -12.57 -21.98 63.81
N LEU A 36 -13.29 -20.99 63.30
CA LEU A 36 -13.31 -20.71 61.86
C LEU A 36 -12.05 -19.98 61.39
N HIS A 37 -11.15 -19.61 62.32
CA HIS A 37 -9.91 -18.93 61.97
C HIS A 37 -10.16 -17.61 61.25
N VAL A 38 -11.20 -16.89 61.66
CA VAL A 38 -11.50 -15.60 61.05
C VAL A 38 -11.55 -14.52 62.13
N GLU A 40 -13.07 -11.64 62.19
CA GLU A 40 -14.11 -10.74 61.72
C GLU A 40 -14.80 -11.32 60.48
N SER A 41 -16.08 -11.63 60.60
CA SER A 41 -16.84 -12.22 59.49
C SER A 41 -18.30 -11.89 59.68
N PHE A 42 -18.85 -11.10 58.77
CA PHE A 42 -20.29 -10.84 58.78
C PHE A 42 -21.08 -12.13 58.63
N PHE A 43 -20.49 -13.10 57.94
CA PHE A 43 -21.16 -14.41 57.81
C PHE A 43 -21.22 -15.13 59.15
N ALA A 44 -20.17 -15.02 59.96
CA ALA A 44 -20.13 -15.76 61.22
C ALA A 44 -21.11 -15.19 62.23
N GLU A 45 -21.19 -13.86 62.33
CA GLU A 45 -22.04 -13.25 63.33
C GLU A 45 -23.51 -13.53 63.07
N ARG A 46 -23.95 -13.41 61.81
CA ARG A 46 -25.35 -13.70 61.48
C ARG A 46 -25.64 -15.19 61.66
N PHE A 47 -24.67 -16.05 61.36
CA PHE A 47 -24.85 -17.48 61.60
C PHE A 47 -25.07 -17.77 63.08
N PHE A 48 -24.30 -17.12 63.95
CA PHE A 48 -24.52 -17.28 65.38
C PHE A 48 -25.87 -16.73 65.80
N ALA A 49 -26.24 -15.56 65.28
CA ALA A 49 -27.51 -14.94 65.65
C ALA A 49 -28.71 -15.76 65.18
N LEU A 50 -28.58 -16.51 64.10
CA LEU A 50 -29.65 -17.39 63.64
C LEU A 50 -29.64 -18.74 64.34
N PHE A 51 -28.50 -19.17 64.87
CA PHE A 51 -28.41 -20.44 65.56
C PHE A 51 -28.75 -20.33 67.04
N ASP A 52 -28.51 -19.17 67.64
CA ASP A 52 -28.81 -18.95 69.04
C ASP A 52 -30.31 -18.76 69.27
N THR A 60 -24.00 -24.26 71.58
CA THR A 60 -23.69 -25.59 72.08
C THR A 60 -23.21 -26.50 70.96
N LEU A 61 -22.63 -27.64 71.32
CA LEU A 61 -22.17 -28.59 70.31
C LEU A 61 -23.32 -29.14 69.50
N GLN A 62 -24.48 -29.33 70.13
CA GLN A 62 -25.65 -29.82 69.41
C GLN A 62 -26.14 -28.81 68.39
N GLU A 63 -26.22 -27.53 68.79
CA GLU A 63 -26.67 -26.49 67.87
C GLU A 63 -25.72 -26.34 66.70
N LEU A 64 -24.41 -26.35 66.96
CA LEU A 64 -23.43 -26.21 65.89
C LEU A 64 -23.48 -27.38 64.92
N GLN A 65 -23.57 -28.60 65.45
CA GLN A 65 -23.63 -29.78 64.58
C GLN A 65 -24.92 -29.80 63.77
N GLU A 66 -26.03 -29.45 64.40
CA GLU A 66 -27.31 -29.42 63.67
C GLU A 66 -27.29 -28.37 62.57
N ALA A 67 -26.76 -27.18 62.87
CA ALA A 67 -26.67 -26.13 61.86
C ALA A 67 -25.74 -26.54 60.72
N LEU A 68 -24.61 -27.16 61.06
CA LEU A 68 -23.68 -27.61 60.03
C LEU A 68 -24.28 -28.70 59.16
N THR A 69 -25.02 -29.63 59.77
CA THR A 69 -25.63 -30.70 58.99
C THR A 69 -26.61 -30.15 57.96
N LEU A 70 -27.43 -29.17 58.36
CA LEU A 70 -28.29 -28.50 57.38
C LEU A 70 -27.46 -27.72 56.37
N LEU A 71 -26.30 -27.21 56.80
CA LEU A 71 -25.44 -26.47 55.90
C LEU A 71 -24.56 -27.38 55.05
N ILE A 72 -24.31 -28.59 55.51
CA ILE A 72 -23.51 -29.54 54.74
C ILE A 72 -24.39 -30.47 53.91
N HIS A 73 -25.24 -31.24 54.57
CA HIS A 73 -26.08 -32.22 53.87
C HIS A 73 -27.46 -31.68 53.56
N SER A 75 -26.98 -29.89 47.71
CA SER A 75 -28.04 -28.91 47.69
C SER A 75 -27.49 -27.50 47.57
N PRO A 76 -27.03 -27.13 46.38
CA PRO A 76 -26.40 -25.80 46.22
C PRO A 76 -27.36 -24.64 46.47
N MET A 77 -28.57 -24.74 45.91
CA MET A 77 -29.55 -23.67 46.12
C MET A 77 -29.84 -23.47 47.60
N ASP A 78 -29.80 -24.55 48.39
CA ASP A 78 -29.97 -24.42 49.82
C ASP A 78 -28.81 -23.65 50.45
N LYS A 79 -27.58 -23.88 49.98
CA LYS A 79 -26.45 -23.11 50.45
C LYS A 79 -26.61 -21.64 50.11
N LEU A 80 -27.11 -21.35 48.90
CA LEU A 80 -27.29 -19.96 48.52
C LEU A 80 -28.38 -19.30 49.35
N LYS A 81 -29.45 -20.03 49.66
CA LYS A 81 -30.48 -19.49 50.54
C LYS A 81 -29.93 -19.26 51.94
N PHE A 82 -29.07 -20.17 52.41
CA PHE A 82 -28.42 -19.98 53.70
C PHE A 82 -27.62 -18.69 53.72
N LEU A 83 -26.79 -18.48 52.68
CA LEU A 83 -26.02 -17.24 52.58
C LEU A 83 -26.94 -16.02 52.51
N PHE A 84 -28.06 -16.15 51.79
CA PHE A 84 -29.02 -15.05 51.68
C PHE A 84 -29.54 -14.67 53.06
N GLN A 85 -30.00 -15.65 53.83
CA GLN A 85 -30.51 -15.35 55.17
C GLN A 85 -29.41 -14.83 56.07
N VAL A 86 -28.16 -15.27 55.87
CA VAL A 86 -27.05 -14.71 56.64
C VAL A 86 -26.90 -13.23 56.36
N TYR A 87 -26.82 -12.86 55.09
CA TYR A 87 -26.70 -11.45 54.72
C TYR A 87 -28.02 -10.70 54.81
N ASP A 88 -29.13 -11.39 55.09
CA ASP A 88 -30.45 -10.77 55.07
C ASP A 88 -30.65 -9.74 56.18
N ILE A 89 -29.79 -9.74 57.20
CA ILE A 89 -29.93 -8.84 58.35
C ILE A 89 -31.25 -9.07 59.05
N ASP A 96 -32.87 -4.18 46.68
CA ASP A 96 -31.85 -4.77 47.54
C ASP A 96 -30.53 -4.96 46.78
N PRO A 97 -30.06 -3.91 46.08
CA PRO A 97 -28.96 -4.10 45.14
C PRO A 97 -27.61 -4.35 45.80
N ASP A 98 -27.21 -3.49 46.73
CA ASP A 98 -25.85 -3.57 47.26
C ASP A 98 -25.63 -4.85 48.05
N GLU A 99 -26.70 -5.41 48.62
CA GLU A 99 -26.54 -6.62 49.42
C GLU A 99 -26.34 -7.84 48.54
N LEU A 100 -27.10 -7.95 47.45
CA LEU A 100 -26.91 -9.06 46.53
C LEU A 100 -25.49 -9.08 45.97
N ARG A 101 -24.92 -7.89 45.73
CA ARG A 101 -23.54 -7.80 45.28
C ARG A 101 -22.59 -8.46 46.27
N THR A 102 -22.85 -8.27 47.57
CA THR A 102 -22.03 -8.94 48.57
C THR A 102 -22.26 -10.44 48.57
N VAL A 103 -23.48 -10.88 48.28
CA VAL A 103 -23.73 -12.31 48.17
C VAL A 103 -22.89 -12.91 47.05
N LEU A 104 -22.90 -12.26 45.88
CA LEU A 104 -22.11 -12.78 44.76
C LEU A 104 -20.62 -12.70 45.04
N GLN A 105 -20.17 -11.64 45.73
CA GLN A 105 -18.78 -11.57 46.15
C GLN A 105 -18.43 -12.74 47.06
N SER A 106 -19.37 -13.15 47.90
CA SER A 106 -19.15 -14.31 48.77
C SER A 106 -19.14 -15.60 47.96
N CYS A 107 -19.89 -15.64 46.85
CA CYS A 107 -19.99 -16.84 46.04
C CYS A 107 -19.04 -16.85 44.85
N LEU A 108 -17.82 -16.33 45.01
CA LEU A 108 -16.83 -16.35 43.95
C LEU A 108 -15.46 -16.65 44.55
N ARG A 109 -14.85 -17.76 44.11
CA ARG A 109 -13.50 -18.09 44.52
C ARG A 109 -12.54 -17.35 43.60
N GLU A 110 -12.32 -16.08 43.93
CA GLU A 110 -11.46 -15.21 43.13
C GLU A 110 -10.02 -15.65 43.39
N SER A 111 -9.50 -16.52 42.53
CA SER A 111 -8.26 -17.22 42.80
C SER A 111 -7.13 -16.84 41.85
N ALA A 112 -7.28 -17.07 40.55
CA ALA A 112 -6.22 -16.73 39.60
C ALA A 112 -6.70 -15.74 38.56
N ILE A 113 -7.78 -16.03 37.86
CA ILE A 113 -8.43 -15.07 36.96
C ILE A 113 -9.72 -14.65 37.63
N SER A 114 -10.09 -13.38 37.45
CA SER A 114 -11.14 -12.79 38.25
C SER A 114 -12.24 -12.20 37.38
N LEU A 115 -13.37 -11.92 38.02
CA LEU A 115 -14.46 -11.19 37.38
C LEU A 115 -14.30 -9.72 37.69
N PRO A 116 -14.04 -8.86 36.69
CA PRO A 116 -13.82 -7.44 36.98
C PRO A 116 -15.03 -6.80 37.65
N ASP A 117 -14.74 -5.82 38.50
CA ASP A 117 -15.80 -5.22 39.32
C ASP A 117 -16.92 -4.63 38.48
N GLU A 118 -16.61 -4.12 37.28
CA GLU A 118 -17.66 -3.63 36.41
C GLU A 118 -18.56 -4.77 35.97
N LYS A 119 -17.98 -5.91 35.61
CA LYS A 119 -18.80 -7.06 35.25
C LYS A 119 -19.58 -7.59 36.44
N LEU A 120 -19.02 -7.50 37.64
CA LEU A 120 -19.75 -7.91 38.83
C LEU A 120 -20.96 -7.03 39.07
N ASP A 121 -20.76 -5.71 38.97
CA ASP A 121 -21.89 -4.79 39.09
C ASP A 121 -22.95 -5.07 38.03
N GLN A 122 -22.52 -5.32 36.79
CA GLN A 122 -23.47 -5.63 35.73
C GLN A 122 -24.24 -6.91 36.03
N LEU A 123 -23.55 -7.93 36.53
CA LEU A 123 -24.21 -9.19 36.84
C LEU A 123 -25.23 -9.01 37.96
N THR A 124 -24.86 -8.29 39.01
CA THR A 124 -25.77 -8.08 40.13
C THR A 124 -26.97 -7.25 39.70
N LEU A 125 -26.76 -6.25 38.86
CA LEU A 125 -27.88 -5.45 38.37
C LEU A 125 -28.78 -6.30 37.48
N ALA A 126 -28.19 -7.21 36.70
CA ALA A 126 -28.99 -8.04 35.81
C ALA A 126 -29.86 -9.03 36.61
N LEU A 127 -29.29 -9.64 37.65
CA LEU A 127 -30.08 -10.49 38.52
C LEU A 127 -31.18 -9.70 39.22
N PHE A 128 -30.80 -8.63 39.91
CA PHE A 128 -31.77 -7.88 40.71
C PHE A 128 -32.90 -7.33 39.84
N GLU A 129 -32.57 -6.85 38.64
CA GLU A 129 -33.59 -6.23 37.81
C GLU A 129 -34.63 -7.26 37.35
N SER A 130 -34.17 -8.33 36.71
CA SER A 130 -35.12 -9.32 36.19
C SER A 130 -35.87 -10.03 37.31
N ALA A 131 -35.27 -10.12 38.50
CA ALA A 131 -35.96 -10.72 39.63
C ALA A 131 -37.16 -9.86 40.05
N ASP A 132 -36.94 -8.55 40.19
CA ASP A 132 -38.01 -7.65 40.59
C ASP A 132 -38.41 -6.72 39.44
N ASN A 136 -40.92 -3.84 43.39
CA ASN A 136 -40.06 -2.83 42.78
C ASN A 136 -38.88 -2.51 43.67
N GLY A 137 -39.00 -2.84 44.95
CA GLY A 137 -37.94 -2.61 45.91
C GLY A 137 -37.00 -3.78 46.07
N ALA A 138 -36.79 -4.21 47.31
CA ALA A 138 -35.89 -5.33 47.59
C ALA A 138 -36.43 -6.61 46.97
N ILE A 139 -35.53 -7.50 46.61
CA ILE A 139 -35.90 -8.79 46.05
C ILE A 139 -36.04 -9.82 47.17
N THR A 140 -36.75 -10.90 46.86
CA THR A 140 -36.95 -12.00 47.80
C THR A 140 -36.25 -13.24 47.28
N PHE A 141 -35.62 -13.98 48.20
CA PHE A 141 -34.79 -15.12 47.82
C PHE A 141 -35.58 -16.19 47.09
N GLU A 142 -36.87 -16.32 47.37
CA GLU A 142 -37.65 -17.38 46.75
C GLU A 142 -37.74 -17.18 45.24
N GLU A 143 -38.18 -16.01 44.80
CA GLU A 143 -38.21 -15.72 43.37
C GLU A 143 -36.82 -15.50 42.80
N LEU A 144 -35.87 -15.05 43.63
CA LEU A 144 -34.48 -14.98 43.18
C LEU A 144 -33.96 -16.35 42.80
N ARG A 145 -34.44 -17.41 43.46
CA ARG A 145 -34.02 -18.75 43.11
C ARG A 145 -34.39 -19.08 41.66
N ASP A 146 -35.65 -18.90 41.29
CA ASP A 146 -36.06 -19.24 39.93
C ASP A 146 -35.48 -18.25 38.92
N GLU A 147 -35.25 -17.01 39.34
CA GLU A 147 -34.55 -16.07 38.47
C GLU A 147 -33.13 -16.55 38.17
N LEU A 148 -32.45 -17.06 39.19
CA LEU A 148 -31.12 -17.61 38.99
C LEU A 148 -31.16 -18.85 38.10
N GLN A 149 -32.12 -19.74 38.32
CA GLN A 149 -32.25 -20.91 37.47
C GLN A 149 -32.58 -20.52 36.04
N ARG A 150 -33.19 -19.35 35.84
CA ARG A 150 -33.49 -18.89 34.49
C ARG A 150 -32.23 -18.52 33.73
N PHE A 151 -31.22 -18.00 34.42
CA PHE A 151 -29.94 -17.72 33.78
C PHE A 151 -29.30 -19.03 33.36
N PRO A 152 -28.88 -19.18 32.10
CA PRO A 152 -28.37 -20.49 31.67
C PRO A 152 -27.02 -20.83 32.26
N GLY A 153 -26.12 -19.86 32.42
CA GLY A 153 -24.76 -20.16 32.82
C GLY A 153 -24.32 -19.54 34.14
N VAL A 154 -25.21 -18.80 34.80
CA VAL A 154 -24.82 -18.16 36.04
C VAL A 154 -24.73 -19.18 37.17
N MET A 155 -25.59 -20.20 37.17
CA MET A 155 -25.60 -21.18 38.25
C MET A 155 -24.29 -21.95 38.28
N GLU A 156 -23.94 -22.60 37.16
CA GLU A 156 -22.79 -23.50 37.17
C GLU A 156 -21.49 -22.75 37.42
N ASN A 157 -21.43 -21.47 37.09
CA ASN A 157 -20.20 -20.71 37.23
C ASN A 157 -20.04 -20.06 38.60
N LEU A 158 -21.11 -19.94 39.37
CA LEU A 158 -21.03 -19.42 40.74
C LEU A 158 -20.67 -20.57 41.67
N THR A 159 -19.44 -20.58 42.16
CA THR A 159 -19.05 -21.58 43.13
C THR A 159 -19.96 -21.50 44.36
N ILE A 160 -20.33 -22.65 44.88
CA ILE A 160 -21.30 -22.75 45.96
C ILE A 160 -20.59 -23.35 47.16
N SER A 161 -20.38 -22.53 48.19
CA SER A 161 -19.72 -22.97 49.42
C SER A 161 -19.97 -21.90 50.47
N ALA A 162 -19.59 -22.20 51.71
CA ALA A 162 -19.71 -21.23 52.79
C ALA A 162 -18.58 -20.21 52.75
N ALA A 163 -17.34 -20.68 52.67
CA ALA A 163 -16.19 -19.80 52.63
C ALA A 163 -15.13 -20.31 51.66
N GLN A 180 13.13 -19.09 37.31
CA GLN A 180 13.44 -17.84 36.63
C GLN A 180 14.48 -18.05 35.54
N LEU A 181 15.34 -19.05 35.72
CA LEU A 181 16.38 -19.38 34.75
C LEU A 181 15.88 -20.52 33.86
N THR A 182 15.65 -20.19 32.60
CA THR A 182 15.21 -21.16 31.60
C THR A 182 15.86 -20.82 30.28
N ARG A 183 16.04 -21.82 29.43
CA ARG A 183 16.58 -21.56 28.10
C ARG A 183 15.59 -20.75 27.26
N ALA A 184 14.29 -20.85 27.57
CA ALA A 184 13.32 -20.03 26.88
C ALA A 184 13.49 -18.56 27.24
N TYR A 185 13.89 -18.27 28.48
CA TYR A 185 14.11 -16.89 28.89
C TYR A 185 15.23 -16.25 28.05
N TRP A 186 16.40 -16.88 28.03
CA TRP A 186 17.47 -16.37 27.21
C TRP A 186 17.10 -16.40 25.73
N HIS A 187 16.28 -17.34 25.31
CA HIS A 187 15.90 -17.37 23.90
C HIS A 187 15.05 -16.17 23.55
N ASN A 188 14.19 -15.74 24.48
CA ASN A 188 13.43 -14.52 24.28
C ASN A 188 14.33 -13.30 24.27
N HIS A 189 15.19 -13.18 25.28
CA HIS A 189 15.94 -11.95 25.51
C HIS A 189 17.32 -11.93 24.86
N ARG A 190 17.63 -12.88 23.98
CA ARG A 190 18.95 -12.86 23.37
C ARG A 190 19.13 -11.65 22.46
N SER A 191 18.08 -11.17 21.82
CA SER A 191 18.24 -10.01 20.96
C SER A 191 18.51 -8.75 21.77
N GLN A 192 17.73 -8.55 22.83
CA GLN A 192 17.95 -7.41 23.71
C GLN A 192 19.32 -7.49 24.38
N LEU A 193 19.74 -8.69 24.76
CA LEU A 193 21.05 -8.87 25.36
C LEU A 193 22.16 -8.58 24.37
N PHE A 194 21.96 -8.94 23.10
CA PHE A 194 22.99 -8.63 22.11
C PHE A 194 23.05 -7.14 21.83
N CYS A 195 21.91 -6.45 21.87
CA CYS A 195 21.94 -4.99 21.70
C CYS A 195 22.68 -4.33 22.86
N LEU A 196 22.36 -4.73 24.09
CA LEU A 196 23.10 -4.20 25.23
C LEU A 196 24.57 -4.57 25.18
N ALA A 197 24.91 -5.75 24.66
CA ALA A 197 26.30 -6.17 24.63
C ALA A 197 27.07 -5.43 23.54
N THR A 198 26.44 -5.17 22.39
CA THR A 198 27.07 -4.33 21.39
C THR A 198 27.29 -2.92 21.92
N TYR A 199 26.30 -2.37 22.61
CA TYR A 199 26.46 -1.05 23.21
C TYR A 199 27.62 -1.02 24.20
N ALA A 200 27.62 -1.93 25.17
CA ALA A 200 28.68 -1.95 26.17
C ALA A 200 30.04 -2.26 25.55
N GLY A 201 30.08 -3.08 24.50
CA GLY A 201 31.35 -3.36 23.86
C GLY A 201 31.88 -2.15 23.10
N LEU A 202 31.00 -1.42 22.42
CA LEU A 202 31.43 -0.19 21.78
C LEU A 202 31.93 0.82 22.80
N HIS A 203 31.30 0.86 23.97
CA HIS A 203 31.78 1.75 25.02
C HIS A 203 33.15 1.33 25.51
N VAL A 204 33.35 0.03 25.74
CA VAL A 204 34.67 -0.44 26.15
C VAL A 204 35.70 -0.11 25.09
N LEU A 205 35.36 -0.28 23.82
CA LEU A 205 36.26 0.06 22.73
C LEU A 205 36.65 1.53 22.77
N LEU A 206 35.67 2.43 22.87
CA LEU A 206 35.98 3.85 22.84
C LEU A 206 36.77 4.29 24.07
N PHE A 207 36.35 3.84 25.25
CA PHE A 207 37.08 4.17 26.46
C PHE A 207 38.52 3.68 26.39
N GLY A 208 38.72 2.43 25.94
CA GLY A 208 40.06 1.89 25.90
C GLY A 208 40.93 2.59 24.87
N LEU A 209 40.39 2.83 23.68
CA LEU A 209 41.17 3.50 22.65
C LEU A 209 41.52 4.92 23.05
N ALA A 210 40.66 5.58 23.82
CA ALA A 210 40.99 6.93 24.27
C ALA A 210 42.00 6.92 25.41
N ALA A 211 41.83 6.03 26.39
CA ALA A 211 42.76 5.98 27.51
C ALA A 211 44.12 5.44 27.10
N SER A 212 44.20 4.71 25.98
CA SER A 212 45.50 4.23 25.50
C SER A 212 46.31 5.36 24.87
N ALA A 213 45.71 6.06 23.91
CA ALA A 213 46.40 7.18 23.27
C ALA A 213 46.81 8.22 24.29
N HIS A 214 45.91 8.56 25.22
CA HIS A 214 46.22 9.52 26.26
C HIS A 214 46.71 8.83 27.53
N ARG A 215 47.72 7.98 27.38
CA ARG A 215 48.37 7.35 28.52
C ARG A 215 49.46 8.24 29.10
N ASP A 216 49.92 9.23 28.33
CA ASP A 216 50.92 10.17 28.82
C ASP A 216 50.39 10.95 30.01
N LEU A 217 49.30 11.68 29.81
CA LEU A 217 48.72 12.48 30.87
C LEU A 217 48.28 11.59 32.02
N GLY A 218 48.51 12.07 33.24
CA GLY A 218 48.53 11.19 34.40
C GLY A 218 47.30 11.08 35.27
N ALA A 219 46.59 9.96 35.16
CA ALA A 219 45.70 9.43 36.18
C ALA A 219 44.39 10.20 36.34
N SER A 220 44.26 11.34 35.68
CA SER A 220 42.98 12.04 35.67
C SER A 220 42.60 12.59 34.31
N VAL A 221 43.54 12.75 33.37
CA VAL A 221 43.15 13.03 32.00
C VAL A 221 42.82 11.75 31.26
N MET A 222 43.28 10.59 31.75
CA MET A 222 42.85 9.33 31.16
C MET A 222 41.36 9.12 31.37
N VAL A 223 40.90 9.28 32.61
CA VAL A 223 39.47 9.13 32.91
C VAL A 223 38.65 10.14 32.14
N ALA A 224 39.07 11.41 32.16
CA ALA A 224 38.31 12.46 31.49
C ALA A 224 38.28 12.25 29.99
N LYS A 225 39.39 11.81 29.41
CA LYS A 225 39.40 11.58 27.96
C LYS A 225 38.56 10.38 27.59
N GLY A 226 38.57 9.32 28.41
CA GLY A 226 37.71 8.19 28.15
C GLY A 226 36.24 8.57 28.21
N CYS A 227 35.83 9.24 29.29
CA CYS A 227 34.44 9.67 29.40
C CYS A 227 34.06 10.63 28.28
N GLY A 228 34.98 11.49 27.85
CA GLY A 228 34.63 12.40 26.78
C GLY A 228 34.41 11.68 25.47
N GLN A 229 35.32 10.77 25.12
CA GLN A 229 35.15 10.01 23.89
C GLN A 229 33.88 9.19 23.93
N CYS A 230 33.42 8.78 25.12
CA CYS A 230 32.13 8.11 25.22
C CYS A 230 30.97 9.09 25.01
N LEU A 231 31.01 10.24 25.67
CA LEU A 231 29.92 11.22 25.56
C LEU A 231 29.68 11.64 24.12
N ASN A 232 30.76 11.79 23.35
CA ASN A 232 30.62 12.13 21.94
C ASN A 232 29.58 11.25 21.26
N PHE A 233 29.69 9.94 21.47
CA PHE A 233 28.78 9.01 20.82
C PHE A 233 27.45 8.94 21.55
N ASP A 234 27.49 8.95 22.88
CA ASP A 234 26.28 8.80 23.67
C ASP A 234 25.24 9.85 23.33
N CYS A 235 25.63 11.13 23.30
CA CYS A 235 24.65 12.15 22.97
C CYS A 235 24.15 12.03 21.53
N SER A 236 25.09 12.04 20.59
CA SER A 236 24.74 12.01 19.18
C SER A 236 23.77 10.88 18.85
N PHE A 237 24.02 9.68 19.39
CA PHE A 237 23.16 8.55 19.09
C PHE A 237 22.08 8.30 20.13
N ILE A 238 22.02 9.08 21.21
CA ILE A 238 20.81 9.11 22.00
C ILE A 238 19.75 9.85 21.23
N ALA A 239 20.16 10.69 20.27
CA ALA A 239 19.18 11.27 19.36
C ALA A 239 18.41 10.21 18.58
N VAL A 240 19.13 9.31 17.90
CA VAL A 240 18.56 8.54 16.80
C VAL A 240 17.42 7.65 17.28
N LEU A 241 17.45 7.25 18.56
CA LEU A 241 16.41 6.36 19.07
C LEU A 241 15.02 6.94 18.95
N MET A 242 14.89 8.24 18.70
CA MET A 242 13.61 8.91 18.65
C MET A 242 13.19 9.28 17.23
N LEU A 243 13.53 8.45 16.25
CA LEU A 243 13.07 8.66 14.88
C LEU A 243 11.82 7.82 14.65
N ARG A 244 10.75 8.22 15.33
CA ARG A 244 9.50 7.51 15.21
C ARG A 244 8.87 7.63 13.82
N ARG A 245 9.48 8.39 12.92
CA ARG A 245 9.11 8.34 11.51
C ARG A 245 9.89 7.28 10.76
N CYS A 246 11.00 6.80 11.32
CA CYS A 246 11.76 5.70 10.77
C CYS A 246 11.49 4.38 11.45
N LEU A 247 11.14 4.40 12.74
CA LEU A 247 10.76 3.16 13.41
C LEU A 247 9.50 2.57 12.80
N THR A 248 8.57 3.41 12.36
CA THR A 248 7.41 2.88 11.66
C THR A 248 7.78 2.21 10.35
N TRP A 249 8.95 2.55 9.79
CA TRP A 249 9.41 1.90 8.57
C TRP A 249 10.24 0.66 8.86
N LEU A 250 11.11 0.71 9.87
CA LEU A 250 11.89 -0.46 10.23
C LEU A 250 11.02 -1.53 10.86
N ARG A 251 9.91 -1.14 11.47
CA ARG A 251 9.04 -2.12 12.13
C ARG A 251 8.26 -2.93 11.11
N ALA A 252 8.01 -2.37 9.92
CA ALA A 252 7.32 -3.11 8.88
C ALA A 252 8.16 -4.28 8.39
N THR A 253 9.48 -4.08 8.32
CA THR A 253 10.38 -5.07 7.75
C THR A 253 10.60 -6.22 8.73
N TRP A 254 11.44 -7.17 8.30
CA TRP A 254 11.82 -8.30 9.12
C TRP A 254 12.86 -7.95 10.16
N LEU A 255 13.41 -6.73 10.11
CA LEU A 255 14.41 -6.35 11.11
C LEU A 255 13.83 -6.36 12.51
N ALA A 256 12.52 -6.16 12.65
CA ALA A 256 11.91 -6.21 13.96
C ALA A 256 12.03 -7.59 14.59
N GLN A 257 12.13 -8.63 13.76
CA GLN A 257 12.26 -9.98 14.29
C GLN A 257 13.63 -10.20 14.94
N VAL A 258 14.66 -9.52 14.44
CA VAL A 258 16.00 -9.73 14.95
C VAL A 258 16.37 -8.73 16.04
N LEU A 259 16.09 -7.44 15.85
CA LEU A 259 16.41 -6.50 16.92
C LEU A 259 15.15 -5.88 17.49
N PRO A 260 15.09 -5.67 18.80
CA PRO A 260 13.85 -5.16 19.41
C PRO A 260 13.62 -3.72 19.02
N LEU A 261 12.46 -3.45 18.42
CA LEU A 261 12.10 -2.09 18.07
C LEU A 261 11.08 -1.48 19.01
N ASP A 262 10.65 -2.21 20.03
CA ASP A 262 9.71 -1.69 21.01
C ASP A 262 10.38 -1.29 22.31
N GLN A 263 11.69 -1.47 22.42
CA GLN A 263 12.42 -1.03 23.59
C GLN A 263 13.10 0.30 23.37
N ASN A 264 12.80 0.99 22.26
CA ASN A 264 13.58 2.17 21.91
C ASN A 264 13.44 3.26 22.96
N ILE A 265 12.22 3.46 23.49
CA ILE A 265 12.03 4.50 24.49
C ILE A 265 12.87 4.22 25.72
N GLN A 266 13.00 2.94 26.09
CA GLN A 266 13.71 2.60 27.31
C GLN A 266 15.13 2.13 27.06
N PHE A 267 15.56 2.06 25.80
CA PHE A 267 16.98 2.16 25.53
C PHE A 267 17.42 3.61 25.55
N HIS A 268 16.51 4.52 25.20
CA HIS A 268 16.79 5.94 25.29
C HIS A 268 16.91 6.39 26.73
N GLN A 269 15.98 5.96 27.57
CA GLN A 269 16.12 6.23 29.00
C GLN A 269 17.34 5.56 29.61
N LEU A 270 18.00 4.65 28.89
CA LEU A 270 19.22 4.02 29.37
C LEU A 270 20.46 4.78 28.92
N MET A 271 20.49 5.17 27.66
CA MET A 271 21.54 6.08 27.20
C MET A 271 21.49 7.39 27.95
N GLY A 272 20.30 7.85 28.34
CA GLY A 272 20.23 9.04 29.16
C GLY A 272 20.93 8.86 30.49
N TYR A 273 20.74 7.72 31.13
CA TYR A 273 21.37 7.50 32.42
C TYR A 273 22.87 7.30 32.28
N VAL A 274 23.30 6.64 31.20
CA VAL A 274 24.74 6.49 31.07
C VAL A 274 25.38 7.84 30.77
N VAL A 275 24.69 8.72 30.05
CA VAL A 275 25.21 10.07 29.82
C VAL A 275 25.30 10.82 31.14
N VAL A 276 24.25 10.75 31.95
CA VAL A 276 24.27 11.44 33.25
C VAL A 276 25.30 10.85 34.20
N GLY A 277 25.76 9.63 33.98
CA GLY A 277 26.82 9.11 34.81
C GLY A 277 28.19 9.48 34.28
N LEU A 278 28.36 9.35 32.98
CA LEU A 278 29.65 9.62 32.37
C LEU A 278 30.00 11.09 32.41
N SER A 279 29.02 11.98 32.28
CA SER A 279 29.31 13.40 32.37
C SER A 279 29.69 13.80 33.79
N LEU A 280 29.09 13.16 34.79
CA LEU A 280 29.50 13.39 36.17
C LEU A 280 30.92 12.90 36.41
N VAL A 281 31.28 11.74 35.86
CA VAL A 281 32.65 11.28 36.01
C VAL A 281 33.62 12.18 35.25
N HIS A 282 33.23 12.62 34.05
CA HIS A 282 34.01 13.58 33.28
C HIS A 282 34.26 14.85 34.08
N THR A 283 33.22 15.35 34.74
CA THR A 283 33.35 16.58 35.51
C THR A 283 34.23 16.39 36.74
N VAL A 284 34.07 15.27 37.45
CA VAL A 284 34.92 15.08 38.61
C VAL A 284 36.36 14.85 38.17
N ALA A 285 36.57 14.24 37.00
CA ALA A 285 37.93 14.09 36.50
C ALA A 285 38.55 15.44 36.17
N HIS A 286 37.81 16.30 35.47
CA HIS A 286 38.36 17.61 35.12
C HIS A 286 38.43 18.58 36.30
N THR A 287 37.73 18.31 37.41
CA THR A 287 38.01 19.15 38.57
C THR A 287 39.12 18.59 39.43
N VAL A 288 39.29 17.27 39.48
CA VAL A 288 40.45 16.70 40.14
C VAL A 288 41.72 17.06 39.39
N ASN A 289 41.66 17.11 38.06
CA ASN A 289 42.81 17.49 37.27
C ASN A 289 43.22 18.93 37.56
N PHE A 290 42.23 19.83 37.61
CA PHE A 290 42.54 21.22 37.92
C PHE A 290 43.01 21.38 39.36
N VAL A 291 42.54 20.53 40.28
CA VAL A 291 43.04 20.57 41.64
C VAL A 291 44.50 20.12 41.69
N LEU A 292 44.85 19.07 40.95
CA LEU A 292 46.23 18.64 40.88
C LEU A 292 47.11 19.69 40.20
N GLN A 293 46.54 20.43 39.24
CA GLN A 293 47.27 21.54 38.65
C GLN A 293 47.42 22.71 39.61
N ALA A 294 46.52 22.82 40.59
CA ALA A 294 46.67 23.86 41.60
C ALA A 294 47.92 23.61 42.46
N GLN A 295 48.21 22.36 42.76
CA GLN A 295 49.38 22.00 43.54
C GLN A 295 50.63 21.94 42.67
N HIS A 318 42.46 31.63 30.04
CA HIS A 318 41.06 31.27 30.09
C HIS A 318 40.62 30.62 28.78
N GLY A 319 39.39 30.14 28.74
CA GLY A 319 38.86 29.51 27.55
C GLY A 319 37.38 29.26 27.69
N SER A 320 36.73 29.04 26.55
CA SER A 320 35.30 28.79 26.51
C SER A 320 34.97 27.30 26.56
N ALA A 321 35.87 26.46 27.08
CA ALA A 321 35.63 25.04 27.19
C ALA A 321 35.07 24.62 28.54
N SER A 322 35.52 25.24 29.63
CA SER A 322 35.04 24.87 30.96
C SER A 322 33.73 25.53 31.39
N PRO A 323 33.52 26.84 31.17
CA PRO A 323 32.24 27.42 31.58
C PRO A 323 31.06 26.83 30.84
N THR A 324 31.21 26.60 29.55
CA THR A 324 30.23 25.79 28.83
C THR A 324 30.12 24.41 29.46
N GLY A 325 31.16 23.95 30.17
CA GLY A 325 31.05 22.71 30.92
C GLY A 325 30.11 22.80 32.10
N VAL A 326 30.22 23.86 32.88
CA VAL A 326 29.27 24.05 33.96
C VAL A 326 27.86 24.16 33.40
N ALA A 327 27.72 24.87 32.28
CA ALA A 327 26.40 25.00 31.66
C ALA A 327 25.83 23.65 31.24
N LEU A 328 26.67 22.79 30.65
CA LEU A 328 26.22 21.47 30.24
C LEU A 328 25.88 20.59 31.44
N LEU A 329 26.67 20.66 32.50
CA LEU A 329 26.34 19.87 33.68
C LEU A 329 24.99 20.28 34.25
N LEU A 330 24.72 21.59 34.31
CA LEU A 330 23.43 22.03 34.85
C LEU A 330 22.29 21.67 33.91
N LEU A 331 22.47 21.83 32.61
CA LEU A 331 21.41 21.47 31.67
C LEU A 331 21.11 19.97 31.72
N LEU A 332 22.14 19.14 31.87
CA LEU A 332 21.89 17.71 31.95
C LEU A 332 21.22 17.34 33.25
N LEU A 333 21.56 18.00 34.35
CA LEU A 333 20.85 17.71 35.58
C LEU A 333 19.41 18.19 35.51
N LEU A 334 19.11 19.22 34.71
CA LEU A 334 17.71 19.58 34.51
C LEU A 334 16.98 18.54 33.66
N MET A 335 17.58 18.13 32.54
CA MET A 335 16.95 17.10 31.72
C MET A 335 16.84 15.77 32.44
N PHE A 336 17.61 15.57 33.50
CA PHE A 336 17.56 14.32 34.26
C PHE A 336 16.63 14.42 35.45
N ILE A 337 16.47 15.59 36.06
CA ILE A 337 15.52 15.74 37.16
C ILE A 337 14.10 15.79 36.63
N CYS A 338 13.88 16.51 35.53
CA CYS A 338 12.52 16.67 35.04
C CYS A 338 12.04 15.43 34.30
N SER A 339 12.95 14.64 33.75
CA SER A 339 12.54 13.45 33.01
C SER A 339 12.21 12.28 33.90
N SER A 340 12.21 12.43 35.21
CA SER A 340 11.89 11.31 36.07
C SER A 340 10.44 10.88 35.83
N SER A 341 10.03 9.83 36.52
CA SER A 341 8.65 9.39 36.39
C SER A 341 7.71 10.32 37.13
N CYS A 342 8.17 10.91 38.23
CA CYS A 342 7.32 11.73 39.07
C CYS A 342 6.79 12.96 38.34
N ILE A 343 7.41 13.34 37.23
CA ILE A 343 6.99 14.56 36.54
C ILE A 343 5.84 14.29 35.59
N ARG A 344 5.82 13.12 34.97
CA ARG A 344 4.67 12.74 34.15
C ARG A 344 3.64 11.93 34.93
N ARG A 345 4.01 11.33 36.06
CA ARG A 345 3.02 10.70 36.91
C ARG A 345 2.03 11.73 37.43
N SER A 346 2.52 12.79 38.06
CA SER A 346 1.72 13.98 38.22
C SER A 346 1.35 14.50 36.84
N GLY A 347 0.20 15.13 36.74
CA GLY A 347 -0.31 15.41 35.41
C GLY A 347 0.42 16.52 34.70
N HIS A 348 1.76 16.50 34.76
CA HIS A 348 2.58 17.49 34.09
C HIS A 348 3.18 16.86 32.83
N PHE A 349 2.44 16.92 31.74
CA PHE A 349 2.92 16.37 30.49
C PHE A 349 3.44 17.45 29.56
N GLU A 350 3.21 18.72 29.87
CA GLU A 350 3.81 19.81 29.12
C GLU A 350 5.10 20.28 29.77
N VAL A 351 5.19 20.16 31.09
CA VAL A 351 6.41 20.52 31.80
C VAL A 351 7.54 19.56 31.44
N PHE A 352 7.23 18.28 31.34
CA PHE A 352 8.25 17.34 30.89
C PHE A 352 8.70 17.68 29.49
N TYR A 353 7.76 18.05 28.63
CA TYR A 353 8.11 18.28 27.22
C TYR A 353 8.96 19.52 27.06
N TRP A 354 8.68 20.57 27.84
CA TRP A 354 9.45 21.78 27.70
C TRP A 354 10.86 21.60 28.23
N THR A 355 11.02 21.07 29.44
CA THR A 355 12.36 20.91 29.98
C THR A 355 13.22 19.98 29.14
N HIS A 356 12.64 18.94 28.53
CA HIS A 356 13.40 18.21 27.53
C HIS A 356 13.70 19.01 26.30
N LEU A 357 12.94 20.05 25.99
CA LEU A 357 13.24 20.76 24.76
C LEU A 357 14.60 21.43 24.84
N SER A 358 15.26 21.35 25.99
CA SER A 358 16.61 21.84 26.19
C SER A 358 17.67 20.90 25.66
N TYR A 359 17.29 19.75 25.10
CA TYR A 359 18.30 18.93 24.44
C TYR A 359 18.94 19.68 23.28
N LEU A 360 18.26 20.71 22.79
CA LEU A 360 18.87 21.61 21.82
C LEU A 360 20.02 22.40 22.44
N LEU A 361 19.79 22.96 23.63
CA LEU A 361 20.85 23.74 24.27
C LEU A 361 21.99 22.85 24.73
N VAL A 362 21.70 21.62 25.15
CA VAL A 362 22.78 20.67 25.42
C VAL A 362 23.49 20.31 24.12
N TRP A 363 22.76 20.25 23.03
CA TRP A 363 23.38 20.05 21.73
C TRP A 363 24.07 21.29 21.19
N LEU A 364 23.64 22.47 21.63
CA LEU A 364 24.31 23.69 21.20
C LEU A 364 25.62 23.87 21.96
N LEU A 365 25.54 23.93 23.30
CA LEU A 365 26.72 24.11 24.12
C LEU A 365 27.78 23.08 23.82
N LEU A 366 27.37 21.86 23.44
CA LEU A 366 28.33 20.81 23.22
C LEU A 366 29.09 20.98 21.91
N ILE A 367 28.53 21.69 20.94
CA ILE A 367 29.32 22.00 19.75
C ILE A 367 30.44 22.96 20.09
N PHE A 368 30.17 23.93 20.94
CA PHE A 368 31.21 24.82 21.43
C PHE A 368 32.06 24.17 22.51
N HIS A 369 31.80 22.92 22.85
CA HIS A 369 32.56 22.20 23.87
C HIS A 369 33.46 21.13 23.25
N GLY A 370 32.86 20.19 22.53
CA GLY A 370 33.61 19.12 21.94
C GLY A 370 34.14 19.54 20.58
N PRO A 371 35.47 19.69 20.49
CA PRO A 371 36.05 20.16 19.23
C PRO A 371 35.71 19.26 18.05
N ASN A 372 35.57 17.96 18.29
CA ASN A 372 35.20 17.02 17.24
C ASN A 372 33.74 16.60 17.35
N PHE A 373 32.99 17.17 18.29
CA PHE A 373 31.64 16.69 18.54
C PHE A 373 30.71 16.94 17.36
N TRP A 374 30.95 18.00 16.59
CA TRP A 374 30.00 18.38 15.56
C TRP A 374 29.81 17.31 14.51
N LYS A 375 30.78 16.41 14.31
CA LYS A 375 30.58 15.33 13.35
C LYS A 375 29.58 14.30 13.88
N TRP A 376 29.82 13.84 15.11
CA TRP A 376 28.87 12.99 15.81
C TRP A 376 27.48 13.61 15.74
N LEU A 377 27.33 14.81 16.28
CA LEU A 377 26.03 15.45 16.26
C LEU A 377 25.53 15.71 14.85
N LEU A 378 26.41 15.71 13.86
CA LEU A 378 26.00 16.04 12.51
C LEU A 378 25.23 14.90 11.87
N VAL A 379 25.76 13.69 11.96
CA VAL A 379 25.08 12.62 11.22
C VAL A 379 23.72 12.32 11.87
N PRO A 380 23.64 11.85 13.13
CA PRO A 380 22.32 11.69 13.74
C PRO A 380 21.55 12.99 13.92
N GLY A 381 22.22 14.13 14.08
CA GLY A 381 21.48 15.38 14.21
C GLY A 381 20.80 15.79 12.92
N ILE A 382 21.50 15.62 11.79
CA ILE A 382 20.84 15.83 10.50
C ILE A 382 19.70 14.84 10.33
N LEU A 383 19.90 13.58 10.69
CA LEU A 383 18.81 12.62 10.62
C LEU A 383 17.60 13.09 11.44
N PHE A 384 17.85 13.47 12.68
CA PHE A 384 16.77 13.80 13.60
C PHE A 384 16.02 15.05 13.14
N PHE A 385 16.72 16.08 12.73
CA PHE A 385 16.00 17.28 12.32
C PHE A 385 15.39 17.12 10.93
N LEU A 386 16.00 16.30 10.08
CA LEU A 386 15.32 15.90 8.84
C LEU A 386 13.97 15.29 9.14
N GLU A 387 13.92 14.40 10.13
CA GLU A 387 12.63 13.78 10.47
C GLU A 387 11.68 14.78 11.10
N LYS A 388 12.16 15.57 12.07
CA LYS A 388 11.29 16.52 12.74
C LYS A 388 10.78 17.59 11.79
N ALA A 389 11.44 17.78 10.65
CA ALA A 389 10.94 18.70 9.64
C ALA A 389 10.02 18.00 8.65
N ILE A 390 10.35 16.76 8.29
CA ILE A 390 9.51 15.97 7.40
C ILE A 390 8.11 15.80 7.97
N GLY A 391 8.00 15.86 9.30
CA GLY A 391 6.70 15.88 9.94
C GLY A 391 6.28 17.28 10.31
N LEU A 392 5.22 17.78 9.66
CA LEU A 392 4.70 19.11 9.91
C LEU A 392 3.20 19.01 10.19
N ALA A 393 2.58 20.17 10.40
CA ALA A 393 1.23 20.33 10.96
C ALA A 393 0.29 19.28 10.38
N VAL A 394 0.14 19.18 9.06
CA VAL A 394 -0.88 18.30 8.50
C VAL A 394 -0.29 17.20 7.63
N SER A 395 0.92 16.74 7.98
CA SER A 395 1.60 15.71 7.20
C SER A 395 0.68 14.53 6.89
N ARG A 396 0.21 13.85 7.94
CA ARG A 396 -0.80 12.79 7.79
C ARG A 396 -1.86 12.88 8.88
N MET A 397 -1.96 14.03 9.54
CA MET A 397 -2.86 14.20 10.67
C MET A 397 -4.29 14.45 10.22
N ALA A 398 -5.22 14.29 11.15
CA ALA A 398 -6.63 14.51 10.90
C ALA A 398 -7.31 14.82 12.23
N ALA A 399 -7.81 16.03 12.39
CA ALA A 399 -8.29 16.45 13.71
C ALA A 399 -9.64 15.83 14.04
N VAL A 400 -9.70 14.49 13.99
CA VAL A 400 -10.96 13.79 14.11
C VAL A 400 -11.61 14.04 15.47
N CYS A 401 -12.88 13.70 15.56
CA CYS A 401 -13.66 13.87 16.78
C CYS A 401 -13.94 12.52 17.40
N ILE A 402 -13.63 12.39 18.68
CA ILE A 402 -13.98 11.20 19.43
C ILE A 402 -15.49 11.15 19.57
N MET A 403 -16.14 10.19 18.90
CA MET A 403 -17.60 10.13 18.93
C MET A 403 -18.09 9.68 20.30
N GLU A 404 -17.73 8.48 20.71
CA GLU A 404 -18.14 7.97 22.01
C GLU A 404 -16.94 7.32 22.67
N VAL A 405 -16.98 7.30 24.01
CA VAL A 405 -15.93 6.70 24.82
C VAL A 405 -16.61 5.79 25.82
N ASN A 406 -16.37 4.50 25.70
CA ASN A 406 -16.87 3.49 26.63
C ASN A 406 -15.71 3.06 27.51
N LEU A 407 -15.93 3.04 28.82
CA LEU A 407 -14.91 2.62 29.76
C LEU A 407 -15.14 1.16 30.08
N LEU A 408 -14.44 0.29 29.37
CA LEU A 408 -14.62 -1.14 29.57
C LEU A 408 -13.98 -1.54 30.90
N PRO A 409 -14.28 -2.73 31.40
CA PRO A 409 -13.82 -3.08 32.75
C PRO A 409 -12.32 -3.33 32.79
N SER A 410 -11.79 -3.27 34.01
CA SER A 410 -10.36 -3.44 34.28
C SER A 410 -9.54 -2.32 33.66
N LYS A 411 -10.08 -1.11 33.68
CA LYS A 411 -9.37 0.10 33.29
C LYS A 411 -8.83 -0.01 31.86
N VAL A 412 -9.76 -0.11 30.92
CA VAL A 412 -9.45 0.00 29.50
C VAL A 412 -10.46 0.94 28.87
N THR A 413 -9.95 1.87 28.08
CA THR A 413 -10.76 2.91 27.45
C THR A 413 -11.03 2.54 26.01
N HIS A 414 -12.28 2.61 25.61
CA HIS A 414 -12.69 2.32 24.24
C HIS A 414 -13.05 3.62 23.55
N LEU A 415 -12.27 3.99 22.55
CA LEU A 415 -12.49 5.22 21.79
C LEU A 415 -13.11 4.88 20.45
N LEU A 416 -14.24 5.48 20.16
CA LEU A 416 -14.79 5.48 18.81
C LEU A 416 -14.51 6.86 18.23
N ILE A 417 -13.60 6.91 17.26
CA ILE A 417 -13.18 8.17 16.64
C ILE A 417 -13.68 8.17 15.20
N LYS A 418 -14.48 9.18 14.86
CA LYS A 418 -15.11 9.24 13.55
C LYS A 418 -14.10 9.10 12.44
N ARG A 419 -14.33 8.14 11.56
CA ARG A 419 -13.36 7.82 10.54
C ARG A 419 -13.21 8.97 9.57
N PRO A 420 -11.98 9.40 9.26
CA PRO A 420 -11.78 10.37 8.18
C PRO A 420 -12.23 9.78 6.86
N PRO A 421 -12.81 10.59 5.99
CA PRO A 421 -13.39 10.05 4.74
C PRO A 421 -12.43 9.19 3.95
N PHE A 422 -11.27 9.73 3.60
CA PHE A 422 -10.27 8.95 2.85
C PHE A 422 -9.22 8.37 3.80
N PHE A 423 -9.70 7.57 4.75
CA PHE A 423 -8.85 6.85 5.69
C PHE A 423 -9.02 5.36 5.40
N HIS A 424 -8.09 4.80 4.66
CA HIS A 424 -8.12 3.39 4.29
C HIS A 424 -6.98 2.67 4.99
N TYR A 425 -7.31 1.65 5.77
CA TYR A 425 -6.31 0.86 6.46
C TYR A 425 -6.57 -0.62 6.24
N ARG A 426 -5.56 -1.36 6.34
CA ARG A 426 -5.58 -2.81 6.34
C ARG A 426 -5.80 -3.29 7.77
N PRO A 427 -6.36 -4.49 7.96
CA PRO A 427 -6.57 -4.97 9.33
C PRO A 427 -5.24 -5.27 10.01
N GLY A 428 -5.04 -4.67 11.17
CA GLY A 428 -3.82 -4.85 11.93
C GLY A 428 -2.91 -3.64 11.85
N ASP A 429 -3.47 -2.49 11.51
CA ASP A 429 -2.71 -1.27 11.31
C ASP A 429 -2.87 -0.36 12.51
N TYR A 430 -1.77 0.09 13.08
CA TYR A 430 -1.86 0.97 14.23
C TYR A 430 -1.85 2.43 13.79
N LEU A 431 -1.95 3.33 14.76
CA LEU A 431 -1.97 4.75 14.48
C LEU A 431 -1.48 5.48 15.72
N TYR A 432 -0.82 6.61 15.51
CA TYR A 432 -0.35 7.40 16.64
C TYR A 432 -1.43 8.37 17.07
N LEU A 433 -1.90 8.22 18.29
CA LEU A 433 -3.01 8.99 18.82
C LEU A 433 -2.48 10.18 19.60
N ASN A 434 -3.19 11.30 19.50
CA ASN A 434 -2.81 12.49 20.25
C ASN A 434 -4.07 13.17 20.74
N ILE A 435 -4.11 13.51 22.02
CA ILE A 435 -5.29 14.12 22.62
C ILE A 435 -4.83 15.32 23.46
N PRO A 436 -4.93 16.54 22.94
CA PRO A 436 -4.36 17.69 23.64
C PRO A 436 -4.87 17.90 25.05
N THR A 437 -6.07 17.44 25.37
CA THR A 437 -6.53 17.58 26.76
C THR A 437 -5.67 16.77 27.71
N ILE A 438 -5.19 15.61 27.25
CA ILE A 438 -4.35 14.76 28.09
C ILE A 438 -2.93 15.30 28.13
N ALA A 439 -2.27 15.30 26.98
CA ALA A 439 -0.89 15.75 26.84
C ALA A 439 -0.77 16.36 25.46
N ARG A 440 -0.29 17.60 25.41
CA ARG A 440 -0.43 18.37 24.19
C ARG A 440 0.52 17.93 23.10
N TYR A 441 1.67 17.35 23.44
CA TYR A 441 2.68 17.05 22.44
C TYR A 441 3.08 15.58 22.42
N GLU A 442 2.34 14.70 23.08
CA GLU A 442 2.69 13.29 23.18
C GLU A 442 1.87 12.49 22.19
N TRP A 443 2.53 11.62 21.44
CA TRP A 443 1.89 10.81 20.42
C TRP A 443 2.10 9.34 20.74
N HIS A 444 1.09 8.70 21.32
CA HIS A 444 1.27 7.29 21.60
C HIS A 444 0.64 6.43 20.52
N PRO A 445 1.20 5.26 20.22
CA PRO A 445 0.66 4.42 19.16
C PRO A 445 -0.36 3.43 19.68
N PHE A 446 -1.38 3.18 18.87
CA PHE A 446 -2.43 2.26 19.30
C PHE A 446 -2.94 1.50 18.09
N THR A 447 -3.21 0.21 18.29
CA THR A 447 -3.69 -0.63 17.21
C THR A 447 -5.16 -0.38 16.98
N ILE A 448 -5.54 -0.23 15.71
CA ILE A 448 -6.95 -0.12 15.37
C ILE A 448 -7.61 -1.47 15.56
N SER A 449 -8.53 -1.55 16.53
CA SER A 449 -9.20 -2.80 16.85
C SER A 449 -10.57 -2.86 16.24
N SER A 450 -10.74 -2.35 15.03
CA SER A 450 -12.00 -2.41 14.31
C SER A 450 -11.72 -2.75 12.86
N ALA A 451 -12.47 -3.69 12.32
CA ALA A 451 -12.21 -4.14 10.96
C ALA A 451 -12.42 -3.00 9.98
N PRO A 452 -11.63 -2.95 8.91
CA PRO A 452 -11.82 -1.86 7.93
C PRO A 452 -13.21 -1.83 7.34
N GLU A 453 -13.88 -2.98 7.26
CA GLU A 453 -15.22 -3.04 6.70
C GLU A 453 -16.19 -2.20 7.51
N GLN A 454 -15.90 -1.97 8.78
CA GLN A 454 -16.69 -1.04 9.56
C GLN A 454 -16.40 0.37 9.07
N LYS A 455 -17.39 1.02 8.49
CA LYS A 455 -17.15 2.25 7.74
C LYS A 455 -17.33 3.51 8.57
N ASP A 456 -18.15 3.47 9.62
CA ASP A 456 -18.48 4.70 10.32
C ASP A 456 -17.31 5.19 11.18
N THR A 457 -16.94 4.40 12.18
CA THR A 457 -15.98 4.85 13.19
C THR A 457 -14.73 3.97 13.20
N ILE A 458 -13.79 4.37 14.05
CA ILE A 458 -12.55 3.64 14.25
C ILE A 458 -12.44 3.34 15.73
N TRP A 459 -12.26 2.08 16.07
CA TRP A 459 -12.15 1.70 17.47
C TRP A 459 -10.70 1.73 17.89
N LEU A 460 -10.48 1.98 19.18
CA LEU A 460 -9.19 1.81 19.81
C LEU A 460 -9.45 1.38 21.23
N HIS A 461 -8.87 0.28 21.64
CA HIS A 461 -8.98 -0.18 23.01
C HIS A 461 -7.66 0.11 23.71
N ILE A 462 -7.68 1.05 24.62
CA ILE A 462 -6.49 1.69 25.15
C ILE A 462 -6.34 1.25 26.60
N ARG A 463 -5.55 0.22 26.83
CA ARG A 463 -5.42 -0.34 28.16
C ARG A 463 -4.48 0.51 29.00
N SER A 464 -4.86 0.71 30.26
CA SER A 464 -4.09 1.58 31.13
C SER A 464 -2.78 0.93 31.56
N GLN A 465 -1.72 1.18 30.81
CA GLN A 465 -0.41 0.58 31.07
C GLN A 465 0.63 1.60 31.48
N GLY A 466 0.24 2.85 31.73
CA GLY A 466 1.23 3.88 31.95
C GLY A 466 0.59 5.15 32.44
N GLN A 467 1.28 6.27 32.19
CA GLN A 467 0.83 7.53 32.76
C GLN A 467 -0.07 8.32 31.82
N TRP A 468 0.19 8.27 30.52
CA TRP A 468 -0.72 8.93 29.59
C TRP A 468 -2.03 8.18 29.48
N THR A 469 -1.96 6.86 29.29
CA THR A 469 -3.18 6.07 29.16
C THR A 469 -3.99 6.08 30.45
N ASN A 470 -3.32 6.03 31.60
CA ASN A 470 -4.03 6.20 32.87
C ASN A 470 -4.69 7.56 32.93
N ARG A 471 -4.00 8.60 32.45
CA ARG A 471 -4.60 9.93 32.47
C ARG A 471 -5.84 9.97 31.61
N LEU A 472 -5.79 9.34 30.44
CA LEU A 472 -6.95 9.29 29.56
C LEU A 472 -8.12 8.62 30.26
N TYR A 473 -7.91 7.42 30.80
CA TYR A 473 -8.99 6.74 31.50
C TYR A 473 -9.49 7.59 32.67
N GLU A 474 -8.65 7.79 33.69
CA GLU A 474 -9.09 8.48 34.89
C GLU A 474 -9.66 9.87 34.60
N SER A 475 -9.35 10.46 33.45
CA SER A 475 -9.98 11.72 33.10
C SER A 475 -11.41 11.47 32.61
N PHE A 476 -11.60 10.41 31.81
CA PHE A 476 -12.96 10.13 31.36
C PHE A 476 -13.84 9.54 32.46
N LYS A 477 -13.23 8.91 33.47
CA LYS A 477 -14.03 8.26 34.51
C LYS A 477 -14.69 9.29 35.42
N ALA A 478 -13.99 10.37 35.74
CA ALA A 478 -14.57 11.40 36.59
C ALA A 478 -15.77 12.06 35.93
N SER A 479 -15.78 12.11 34.60
CA SER A 479 -16.88 12.72 33.87
C SER A 479 -18.17 11.91 34.00
N CYS A 515 -18.55 13.83 25.42
CA CYS A 515 -17.43 13.03 24.93
C CYS A 515 -17.16 13.37 23.47
N ASN A 516 -16.70 14.60 23.23
CA ASN A 516 -16.39 15.07 21.88
C ASN A 516 -14.98 15.68 21.83
N ILE A 517 -14.01 15.03 22.47
CA ILE A 517 -12.69 15.62 22.63
C ILE A 517 -11.98 15.73 21.27
N LYS A 518 -10.94 16.56 21.23
CA LYS A 518 -10.20 16.84 20.02
C LYS A 518 -9.05 15.84 19.89
N CYS A 519 -9.00 15.15 18.76
CA CYS A 519 -8.06 14.06 18.56
C CYS A 519 -7.40 14.19 17.21
N TYR A 520 -6.06 14.09 17.18
CA TYR A 520 -5.29 14.17 15.94
C TYR A 520 -4.57 12.84 15.73
N ILE A 521 -5.20 11.91 15.04
CA ILE A 521 -4.54 10.64 14.77
C ILE A 521 -3.52 10.83 13.65
N ASP A 522 -2.62 9.86 13.51
CA ASP A 522 -1.57 9.91 12.50
C ASP A 522 -1.54 8.61 11.71
N GLY A 523 -2.43 8.49 10.73
CA GLY A 523 -2.28 7.56 9.65
C GLY A 523 -2.26 6.10 10.04
N PRO A 524 -2.45 5.23 9.07
CA PRO A 524 -2.25 3.80 9.31
C PRO A 524 -0.83 3.34 9.04
N TYR A 525 -0.21 2.68 10.00
CA TYR A 525 1.07 2.01 9.81
C TYR A 525 0.89 0.55 10.11
N GLY A 526 1.49 -0.32 9.30
CA GLY A 526 1.43 -1.73 9.63
C GLY A 526 1.90 -2.66 8.54
N THR A 527 2.36 -3.84 8.94
CA THR A 527 2.74 -4.87 7.98
C THR A 527 1.50 -5.36 7.21
N PRO A 528 1.66 -5.70 5.94
CA PRO A 528 0.52 -6.21 5.16
C PRO A 528 0.13 -7.60 5.63
N THR A 529 -1.16 -7.81 5.84
CA THR A 529 -1.67 -9.09 6.30
C THR A 529 -2.39 -9.86 5.20
N ARG A 530 -2.08 -9.57 3.93
CA ARG A 530 -2.72 -10.28 2.85
C ARG A 530 -2.28 -11.74 2.77
N ARG A 531 -1.21 -12.11 3.46
CA ARG A 531 -0.84 -13.52 3.54
C ARG A 531 -1.93 -14.33 4.21
N ILE A 532 -2.68 -13.72 5.14
CA ILE A 532 -3.73 -14.43 5.85
C ILE A 532 -4.95 -14.61 4.95
N PHE A 533 -5.52 -13.51 4.47
CA PHE A 533 -6.73 -13.59 3.67
C PHE A 533 -6.53 -14.32 2.36
N ALA A 534 -5.28 -14.60 1.97
CA ALA A 534 -5.00 -15.46 0.84
C ALA A 534 -4.33 -16.69 1.43
N SER A 535 -5.15 -17.63 1.86
CA SER A 535 -4.70 -18.85 2.52
C SER A 535 -5.88 -19.79 2.57
N GLU A 536 -5.67 -20.95 3.18
CA GLU A 536 -6.75 -21.89 3.45
C GLU A 536 -6.45 -22.59 4.76
N HIS A 537 -7.43 -22.60 5.63
CA HIS A 537 -7.32 -23.14 6.98
C HIS A 537 -6.19 -22.48 7.75
N ALA A 538 -6.14 -21.15 7.70
CA ALA A 538 -5.16 -20.43 8.50
C ALA A 538 -5.34 -20.79 9.96
N VAL A 539 -4.25 -20.80 10.70
CA VAL A 539 -4.29 -21.04 12.14
C VAL A 539 -3.63 -19.83 12.79
N LEU A 540 -4.44 -18.85 13.16
CA LEU A 540 -3.92 -17.67 13.83
C LEU A 540 -3.62 -18.02 15.27
N ILE A 541 -2.35 -17.99 15.66
CA ILE A 541 -1.96 -18.23 17.03
C ILE A 541 -1.46 -16.91 17.59
N GLY A 542 -1.86 -16.60 18.82
CA GLY A 542 -1.42 -15.38 19.45
C GLY A 542 -1.22 -15.63 20.93
N ALA A 543 -0.21 -14.98 21.49
CA ALA A 543 0.14 -15.21 22.88
C ALA A 543 0.50 -13.88 23.53
N GLY A 544 0.25 -13.80 24.83
CA GLY A 544 0.53 -12.57 25.54
C GLY A 544 -0.51 -11.51 25.26
N ILE A 545 -0.07 -10.25 25.29
CA ILE A 545 -0.94 -9.11 25.16
C ILE A 545 -0.90 -8.50 23.77
N GLY A 546 -0.12 -9.06 22.87
CA GLY A 546 -0.06 -8.53 21.52
C GLY A 546 -1.11 -9.11 20.62
N ILE A 547 -2.38 -9.00 21.02
CA ILE A 547 -3.49 -9.58 20.26
C ILE A 547 -4.48 -8.54 19.79
N THR A 548 -4.26 -7.26 20.08
CA THR A 548 -5.17 -6.25 19.57
C THR A 548 -5.23 -6.23 18.05
N PRO A 549 -4.18 -6.58 17.30
CA PRO A 549 -4.36 -6.73 15.84
C PRO A 549 -5.17 -7.94 15.46
N PHE A 550 -5.23 -8.96 16.31
CA PHE A 550 -6.07 -10.11 15.98
C PHE A 550 -7.54 -9.77 16.13
N ALA A 551 -7.88 -8.77 16.95
CA ALA A 551 -9.26 -8.31 16.99
C ALA A 551 -9.70 -7.78 15.64
N SER A 552 -8.93 -6.87 15.08
CA SER A 552 -9.22 -6.34 13.76
C SER A 552 -9.20 -7.44 12.71
N ILE A 553 -8.25 -8.35 12.80
CA ILE A 553 -8.14 -9.38 11.77
C ILE A 553 -9.34 -10.31 11.81
N LEU A 554 -9.77 -10.72 13.00
CA LEU A 554 -10.91 -11.65 13.07
C LEU A 554 -12.21 -10.94 12.69
N GLN A 555 -12.36 -9.68 13.08
CA GLN A 555 -13.56 -8.97 12.66
C GLN A 555 -13.61 -8.81 11.16
N SER A 556 -12.46 -8.56 10.53
CA SER A 556 -12.45 -8.42 9.08
C SER A 556 -12.68 -9.75 8.39
N ILE A 557 -12.07 -10.82 8.90
CA ILE A 557 -12.35 -12.16 8.39
C ILE A 557 -13.84 -12.43 8.40
N MET A 558 -14.49 -12.12 9.52
CA MET A 558 -15.91 -12.45 9.62
C MET A 558 -16.77 -11.57 8.74
N TYR A 559 -16.41 -10.28 8.61
CA TYR A 559 -17.13 -9.41 7.69
C TYR A 559 -17.04 -9.93 6.27
N ARG A 560 -15.83 -10.25 5.83
CA ARG A 560 -15.66 -10.74 4.47
C ARG A 560 -16.28 -12.11 4.26
N HIS A 561 -16.36 -12.92 5.31
CA HIS A 561 -16.94 -14.24 5.14
C HIS A 561 -18.45 -14.19 5.13
N GLN A 562 -19.06 -13.24 5.82
CA GLN A 562 -20.49 -13.09 5.71
C GLN A 562 -20.88 -12.30 4.49
N LYS A 563 -19.95 -11.56 3.90
CA LYS A 563 -20.25 -10.83 2.67
C LYS A 563 -20.45 -11.76 1.49
N ARG A 564 -19.89 -12.96 1.54
CA ARG A 564 -20.07 -13.92 0.46
C ARG A 564 -21.24 -14.84 0.69
N LYS A 565 -22.25 -14.39 1.44
CA LYS A 565 -23.51 -15.12 1.60
C LYS A 565 -24.59 -14.29 0.94
N HIS A 566 -25.00 -14.70 -0.25
CA HIS A 566 -26.01 -13.98 -1.01
C HIS A 566 -27.38 -14.57 -0.74
N THR A 567 -28.39 -13.70 -0.69
CA THR A 567 -29.77 -14.10 -0.46
C THR A 567 -30.61 -13.57 -1.62
N CYS A 568 -31.20 -14.46 -2.39
CA CYS A 568 -31.99 -14.03 -3.54
C CYS A 568 -33.20 -13.23 -3.07
N PRO A 569 -33.43 -12.04 -3.61
CA PRO A 569 -34.60 -11.27 -3.18
C PRO A 569 -35.91 -11.86 -3.68
N SER A 570 -35.89 -12.62 -4.77
CA SER A 570 -37.13 -13.14 -5.33
C SER A 570 -37.59 -14.40 -4.60
N CYS A 571 -36.79 -15.46 -4.63
CA CYS A 571 -37.19 -16.74 -4.07
C CYS A 571 -36.46 -17.11 -2.79
N GLN A 572 -35.54 -16.26 -2.32
CA GLN A 572 -34.86 -16.46 -1.05
C GLN A 572 -34.15 -17.81 -0.98
N HIS A 573 -33.53 -18.20 -2.08
CA HIS A 573 -32.62 -19.35 -2.07
C HIS A 573 -31.23 -18.83 -1.77
N SER A 574 -30.90 -18.74 -0.48
CA SER A 574 -29.65 -18.16 -0.05
C SER A 574 -28.51 -19.15 -0.25
N TRP A 575 -27.56 -18.81 -1.09
CA TRP A 575 -26.41 -19.66 -1.36
C TRP A 575 -25.14 -18.97 -0.92
N ILE A 576 -24.05 -19.74 -0.92
CA ILE A 576 -22.74 -19.26 -0.49
C ILE A 576 -21.83 -19.30 -1.71
N GLU A 577 -21.40 -18.12 -2.15
CA GLU A 577 -20.50 -18.07 -3.28
C GLU A 577 -19.07 -18.41 -2.85
N GLY A 578 -18.23 -18.73 -3.83
CA GLY A 578 -16.85 -19.07 -3.57
C GLY A 578 -16.01 -17.86 -3.25
N VAL A 579 -14.71 -17.98 -3.54
CA VAL A 579 -13.78 -16.92 -3.22
C VAL A 579 -14.15 -15.64 -3.97
N GLN A 580 -13.84 -14.50 -3.36
CA GLN A 580 -14.23 -13.20 -3.90
C GLN A 580 -13.03 -12.30 -4.14
N ASP A 581 -11.90 -12.88 -4.53
CA ASP A 581 -10.71 -12.14 -4.94
C ASP A 581 -10.07 -11.39 -3.78
N ASN A 582 -10.72 -11.40 -2.62
CA ASN A 582 -10.20 -10.80 -1.39
C ASN A 582 -9.84 -11.84 -0.35
N MET A 583 -10.63 -12.88 -0.26
CA MET A 583 -10.55 -13.88 0.79
C MET A 583 -10.64 -15.26 0.18
N LYS A 584 -9.85 -16.19 0.71
CA LYS A 584 -9.85 -17.55 0.21
C LYS A 584 -10.03 -18.60 1.30
N LEU A 585 -10.09 -18.21 2.57
CA LEU A 585 -9.96 -19.18 3.64
C LEU A 585 -11.18 -20.08 3.69
N HIS A 586 -10.95 -21.37 3.80
CA HIS A 586 -12.04 -22.31 4.03
C HIS A 586 -12.27 -22.55 5.50
N LYS A 587 -11.26 -22.33 6.34
CA LYS A 587 -11.36 -22.50 7.77
C LYS A 587 -10.42 -21.49 8.40
N VAL A 588 -10.73 -21.09 9.63
CA VAL A 588 -9.83 -20.21 10.38
C VAL A 588 -9.84 -20.64 11.83
N ASP A 589 -8.73 -21.16 12.31
CA ASP A 589 -8.62 -21.29 13.75
C ASP A 589 -8.07 -20.00 14.35
N PHE A 590 -8.26 -19.85 15.64
CA PHE A 590 -7.61 -18.78 16.39
C PHE A 590 -7.36 -19.32 17.78
N ILE A 591 -6.11 -19.36 18.20
CA ILE A 591 -5.73 -19.83 19.52
C ILE A 591 -5.11 -18.67 20.26
N TRP A 592 -5.73 -18.27 21.37
CA TRP A 592 -5.24 -17.18 22.19
C TRP A 592 -4.78 -17.75 23.51
N ILE A 593 -3.50 -17.62 23.78
CA ILE A 593 -2.87 -18.14 24.99
C ILE A 593 -2.41 -16.94 25.79
N ASN A 594 -2.87 -16.82 27.02
CA ASN A 594 -2.44 -15.70 27.84
C ASN A 594 -2.57 -16.10 29.29
N ARG A 595 -1.79 -15.45 30.15
CA ARG A 595 -1.80 -15.83 31.56
C ARG A 595 -3.16 -15.59 32.19
N ASP A 596 -3.86 -14.54 31.77
CA ASP A 596 -5.24 -14.32 32.18
C ASP A 596 -5.80 -13.15 31.39
N GLN A 597 -7.14 -13.09 31.37
CA GLN A 597 -7.86 -11.98 30.76
C GLN A 597 -7.88 -10.81 31.74
N ARG A 598 -6.73 -10.19 31.91
CA ARG A 598 -6.64 -9.10 32.88
C ARG A 598 -7.25 -7.84 32.30
N SER A 599 -6.62 -7.27 31.27
CA SER A 599 -7.18 -6.12 30.60
C SER A 599 -7.99 -6.49 29.37
N PHE A 600 -7.98 -7.76 28.98
CA PHE A 600 -8.67 -8.22 27.78
C PHE A 600 -10.00 -8.86 28.13
N GLU A 601 -10.87 -8.13 28.81
CA GLU A 601 -12.25 -8.60 28.89
C GLU A 601 -13.01 -8.21 27.63
N TRP A 602 -12.64 -7.09 27.02
CA TRP A 602 -13.22 -6.73 25.75
C TRP A 602 -12.91 -7.78 24.69
N PHE A 603 -11.74 -8.42 24.79
CA PHE A 603 -11.38 -9.41 23.79
C PHE A 603 -12.15 -10.70 24.01
N VAL A 604 -12.32 -11.11 25.27
CA VAL A 604 -13.13 -12.28 25.54
C VAL A 604 -14.57 -12.05 25.07
N SER A 605 -15.09 -10.83 25.30
CA SER A 605 -16.43 -10.52 24.80
C SER A 605 -16.46 -10.47 23.28
N LEU A 606 -15.35 -10.12 22.65
CA LEU A 606 -15.30 -10.12 21.19
C LEU A 606 -15.31 -11.53 20.64
N LEU A 607 -14.53 -12.42 21.23
CA LEU A 607 -14.56 -13.82 20.82
C LEU A 607 -15.94 -14.43 21.06
N THR A 608 -16.56 -14.07 22.18
CA THR A 608 -17.93 -14.51 22.42
C THR A 608 -18.88 -13.98 21.35
N LYS A 609 -18.70 -12.74 20.93
CA LYS A 609 -19.59 -12.17 19.92
C LYS A 609 -19.39 -12.87 18.57
N LEU A 610 -18.16 -13.15 18.20
CA LEU A 610 -17.93 -13.85 16.94
C LEU A 610 -18.49 -15.26 16.98
N GLU A 611 -18.35 -15.95 18.11
CA GLU A 611 -18.93 -17.28 18.21
C GLU A 611 -20.45 -17.23 18.23
N MET A 612 -21.05 -16.21 18.83
CA MET A 612 -22.49 -16.09 18.75
C MET A 612 -22.94 -15.87 17.31
N ASP A 613 -22.26 -14.99 16.59
CA ASP A 613 -22.68 -14.62 15.26
C ASP A 613 -22.41 -15.70 14.23
N GLN A 614 -21.55 -16.68 14.52
CA GLN A 614 -21.37 -17.78 13.59
C GLN A 614 -21.61 -19.14 14.23
N ALA A 615 -22.37 -19.20 15.32
CA ALA A 615 -22.87 -20.48 15.81
C ALA A 615 -24.30 -20.75 15.39
N GLU A 616 -25.05 -19.72 14.99
CA GLU A 616 -26.31 -19.94 14.32
C GLU A 616 -26.11 -20.52 12.93
N GLU A 617 -24.88 -20.52 12.42
CA GLU A 617 -24.64 -20.97 11.06
C GLU A 617 -23.79 -22.21 11.07
N ALA A 618 -23.49 -22.73 12.24
CA ALA A 618 -22.53 -23.84 12.33
C ALA A 618 -23.08 -25.23 12.18
N GLN A 619 -24.37 -25.34 11.92
CA GLN A 619 -24.97 -26.65 11.69
C GLN A 619 -24.42 -27.33 10.46
N TYR A 620 -24.18 -26.57 9.39
CA TYR A 620 -23.65 -27.14 8.16
C TYR A 620 -22.14 -27.05 8.05
N GLY A 621 -21.54 -26.03 8.63
CA GLY A 621 -20.10 -25.88 8.65
C GLY A 621 -19.71 -24.78 9.61
N ARG A 622 -18.56 -24.98 10.26
CA ARG A 622 -18.04 -24.01 11.21
C ARG A 622 -16.80 -23.39 10.61
N PHE A 623 -16.85 -22.08 10.36
CA PHE A 623 -15.75 -21.40 9.69
C PHE A 623 -14.65 -21.04 10.68
N LEU A 624 -14.99 -20.29 11.72
CA LEU A 624 -14.04 -19.86 12.72
C LEU A 624 -14.12 -20.77 13.94
N GLU A 625 -12.96 -21.19 14.44
CA GLU A 625 -12.89 -21.82 15.75
C GLU A 625 -11.98 -20.99 16.63
N LEU A 626 -12.52 -20.53 17.75
CA LEU A 626 -11.83 -19.61 18.63
C LEU A 626 -11.45 -20.36 19.89
N HIS A 627 -10.18 -20.72 20.01
CA HIS A 627 -9.70 -21.34 21.24
C HIS A 627 -9.25 -20.27 22.22
N MET A 628 -9.07 -20.69 23.46
CA MET A 628 -8.61 -19.79 24.51
C MET A 628 -8.00 -20.62 25.60
N TYR A 629 -6.73 -20.38 25.90
CA TYR A 629 -6.08 -21.05 27.01
C TYR A 629 -5.66 -19.99 28.00
N MET A 630 -5.65 -20.36 29.28
CA MET A 630 -5.41 -19.39 30.32
C MET A 630 -4.12 -19.60 31.11
N THR A 631 -3.53 -20.80 31.08
CA THR A 631 -2.13 -20.96 31.48
C THR A 631 -1.81 -20.49 32.89
N SER A 632 -2.80 -20.00 33.63
CA SER A 632 -2.57 -19.63 35.01
C SER A 632 -3.69 -20.18 35.89
N ALA A 633 -4.86 -20.40 35.31
CA ALA A 633 -5.89 -21.16 35.97
C ALA A 633 -5.52 -22.63 35.94
N LEU A 634 -5.17 -23.19 37.10
CA LEU A 634 -4.66 -24.56 37.14
C LEU A 634 -5.71 -25.55 36.66
N GLY A 635 -6.97 -25.35 37.03
CA GLY A 635 -8.01 -26.28 36.67
C GLY A 635 -9.27 -25.55 36.22
N LYS A 636 -10.05 -26.25 35.40
CA LYS A 636 -11.27 -25.68 34.83
C LYS A 636 -12.20 -25.12 35.91
N ASN A 637 -12.06 -25.57 37.15
CA ASN A 637 -12.82 -24.96 38.22
C ASN A 637 -12.44 -23.50 38.41
N ASP A 638 -11.23 -23.12 38.01
CA ASP A 638 -10.78 -21.75 38.21
C ASP A 638 -11.30 -20.81 37.13
N MET A 639 -11.53 -21.32 35.92
CA MET A 639 -12.03 -20.50 34.83
C MET A 639 -13.55 -20.34 34.92
N LYS A 640 -14.00 -19.89 36.09
CA LYS A 640 -15.41 -19.61 36.29
C LYS A 640 -15.73 -18.14 36.19
N ALA A 641 -14.72 -17.27 36.11
CA ALA A 641 -15.00 -15.86 35.85
C ALA A 641 -15.26 -15.62 34.39
N ILE A 642 -14.76 -16.48 33.50
CA ILE A 642 -15.03 -16.33 32.08
C ILE A 642 -16.39 -16.92 31.74
N GLY A 643 -16.78 -18.01 32.38
CA GLY A 643 -18.13 -18.51 32.21
C GLY A 643 -19.16 -17.46 32.58
N LEU A 644 -18.89 -16.68 33.63
CA LEU A 644 -19.81 -15.62 34.01
C LEU A 644 -19.89 -14.55 32.94
N GLN A 645 -18.75 -14.18 32.36
CA GLN A 645 -18.76 -13.19 31.30
C GLN A 645 -19.55 -13.67 30.09
N MET A 646 -19.40 -14.95 29.75
CA MET A 646 -20.10 -15.46 28.58
C MET A 646 -21.60 -15.57 28.85
N ALA A 647 -21.99 -16.01 30.03
CA ALA A 647 -23.40 -16.04 30.37
C ALA A 647 -23.98 -14.64 30.48
N LEU A 648 -23.16 -13.65 30.78
CA LEU A 648 -23.63 -12.27 30.78
C LEU A 648 -23.78 -11.73 29.37
N ASP A 649 -22.89 -12.11 28.46
CA ASP A 649 -23.01 -11.66 27.08
C ASP A 649 -24.16 -12.35 26.37
N LEU A 650 -24.50 -13.57 26.77
CA LEU A 650 -25.67 -14.25 26.20
C LEU A 650 -26.97 -13.55 26.54
N LEU A 651 -26.96 -12.55 27.42
CA LEU A 651 -28.17 -11.84 27.79
C LEU A 651 -28.24 -10.42 27.24
N ALA A 652 -27.15 -9.90 26.67
CA ALA A 652 -27.26 -8.70 25.86
C ALA A 652 -27.80 -9.03 24.48
N ASN A 653 -27.30 -10.10 23.89
CA ASN A 653 -27.85 -10.70 22.67
C ASN A 653 -28.58 -11.96 23.10
N LYS A 654 -29.88 -11.85 23.33
CA LYS A 654 -30.65 -12.98 23.86
C LYS A 654 -30.50 -14.18 22.96
N GLU A 655 -29.79 -15.20 23.43
CA GLU A 655 -29.52 -16.39 22.64
C GLU A 655 -29.56 -17.61 23.54
N LYS A 656 -29.45 -18.78 22.92
CA LYS A 656 -29.40 -20.03 23.65
C LYS A 656 -27.96 -20.41 23.95
N LYS A 657 -27.78 -21.18 25.03
CA LYS A 657 -26.45 -21.61 25.43
C LYS A 657 -25.74 -22.38 24.33
N ASP A 658 -26.49 -22.96 23.37
CA ASP A 658 -25.86 -23.70 22.29
C ASP A 658 -25.05 -22.80 21.37
N SER A 659 -25.22 -21.49 21.44
CA SER A 659 -24.38 -20.58 20.68
C SER A 659 -22.93 -20.66 21.18
N ILE A 660 -22.75 -20.59 22.49
CA ILE A 660 -21.40 -20.60 23.06
C ILE A 660 -20.88 -22.00 23.30
N THR A 661 -21.75 -23.02 23.34
CA THR A 661 -21.32 -24.36 23.73
C THR A 661 -20.13 -24.84 22.92
N GLY A 662 -19.91 -24.26 21.74
CA GLY A 662 -18.67 -24.52 21.02
C GLY A 662 -17.47 -23.89 21.71
N LEU A 663 -17.61 -22.63 22.13
CA LEU A 663 -16.49 -21.92 22.73
C LEU A 663 -16.26 -22.34 24.17
N GLN A 664 -17.28 -22.83 24.85
CA GLN A 664 -17.09 -23.27 26.23
C GLN A 664 -16.12 -24.44 26.33
N THR A 665 -16.14 -25.35 25.36
CA THR A 665 -15.25 -26.50 25.38
C THR A 665 -13.90 -26.21 24.75
N ARG A 666 -13.75 -25.06 24.11
CA ARG A 666 -12.46 -24.61 23.60
C ARG A 666 -11.85 -23.53 24.47
N THR A 667 -12.48 -23.20 25.59
CA THR A 667 -11.94 -22.26 26.56
C THR A 667 -11.33 -23.06 27.70
N GLN A 668 -10.08 -23.47 27.52
CA GLN A 668 -9.44 -24.44 28.39
C GLN A 668 -8.50 -23.77 29.36
N PRO A 669 -8.22 -24.40 30.50
CA PRO A 669 -7.25 -23.85 31.44
C PRO A 669 -5.89 -24.45 31.25
N GLY A 670 -4.86 -23.70 31.63
CA GLY A 670 -3.50 -24.19 31.53
C GLY A 670 -3.01 -24.18 30.11
N ARG A 671 -1.72 -24.50 29.96
CA ARG A 671 -1.07 -24.40 28.67
C ARG A 671 -1.73 -25.35 27.67
N PRO A 672 -1.47 -25.15 26.38
CA PRO A 672 -1.98 -26.08 25.38
C PRO A 672 -1.22 -27.39 25.40
N ASP A 673 -1.70 -28.33 24.60
CA ASP A 673 -0.97 -29.55 24.28
C ASP A 673 -0.78 -29.55 22.77
N TRP A 674 0.35 -29.00 22.31
CA TRP A 674 0.50 -28.68 20.90
C TRP A 674 0.40 -29.91 20.01
N SER A 675 0.79 -31.07 20.51
CA SER A 675 0.63 -32.30 19.74
C SER A 675 -0.83 -32.49 19.35
N LYS A 676 -1.73 -32.49 20.33
CA LYS A 676 -3.14 -32.69 20.05
C LYS A 676 -3.72 -31.58 19.20
N VAL A 677 -3.29 -30.34 19.45
CA VAL A 677 -3.83 -29.20 18.71
C VAL A 677 -3.49 -29.32 17.24
N PHE A 678 -2.20 -29.46 16.92
CA PHE A 678 -1.81 -29.54 15.53
C PHE A 678 -2.33 -30.81 14.88
N GLN A 679 -2.41 -31.90 15.64
CA GLN A 679 -2.92 -33.14 15.08
C GLN A 679 -4.40 -33.02 14.73
N LYS A 680 -5.18 -32.30 15.54
CA LYS A 680 -6.58 -32.07 15.19
C LYS A 680 -6.70 -31.14 13.99
N VAL A 681 -5.87 -30.09 13.95
CA VAL A 681 -5.85 -29.24 12.76
C VAL A 681 -5.54 -30.06 11.52
N ALA A 682 -4.71 -31.11 11.67
CA ALA A 682 -4.40 -31.97 10.55
C ALA A 682 -5.56 -32.90 10.21
N ALA A 683 -6.30 -33.35 11.21
CA ALA A 683 -7.43 -34.25 10.96
C ALA A 683 -8.42 -33.63 10.00
N GLU A 684 -8.68 -32.34 10.14
CA GLU A 684 -9.51 -31.64 9.17
C GLU A 684 -8.75 -31.44 7.88
N LYS A 685 -9.47 -31.48 6.76
CA LYS A 685 -8.89 -31.31 5.43
C LYS A 685 -9.63 -30.16 4.78
N LYS A 686 -9.11 -28.94 4.94
CA LYS A 686 -9.72 -27.75 4.35
C LYS A 686 -8.71 -26.94 3.54
N GLY A 687 -7.58 -27.53 3.20
CA GLY A 687 -6.54 -26.85 2.46
C GLY A 687 -5.20 -27.14 3.09
N LYS A 688 -4.23 -26.25 2.85
CA LYS A 688 -2.90 -26.38 3.43
C LYS A 688 -2.79 -25.40 4.59
N VAL A 689 -2.62 -25.94 5.80
CA VAL A 689 -2.56 -25.13 7.00
C VAL A 689 -1.39 -24.17 6.93
N GLN A 690 -1.63 -22.92 7.34
CA GLN A 690 -0.61 -21.88 7.33
C GLN A 690 -0.62 -21.17 8.67
N VAL A 691 0.15 -21.69 9.63
CA VAL A 691 0.18 -21.11 10.96
C VAL A 691 0.71 -19.69 10.92
N PHE A 692 0.06 -18.79 11.64
CA PHE A 692 0.52 -17.42 11.81
C PHE A 692 0.67 -17.14 13.29
N PHE A 693 1.86 -16.72 13.70
CA PHE A 693 2.13 -16.51 15.11
C PHE A 693 2.34 -15.04 15.40
N CYS A 694 1.97 -14.63 16.60
CA CYS A 694 2.26 -13.28 17.10
C CYS A 694 2.54 -13.40 18.59
N GLY A 695 3.80 -13.59 18.94
CA GLY A 695 4.17 -13.77 20.33
C GLY A 695 5.66 -13.96 20.47
N SER A 696 6.07 -14.44 21.65
CA SER A 696 7.47 -14.50 22.01
C SER A 696 8.23 -15.43 21.07
N PRO A 697 9.57 -15.34 21.04
CA PRO A 697 10.34 -16.20 20.13
C PRO A 697 10.58 -17.60 20.65
N ALA A 698 10.54 -17.85 21.96
CA ALA A 698 10.64 -19.22 22.44
C ALA A 698 9.45 -20.04 21.98
N LEU A 699 8.25 -19.51 22.18
CA LEU A 699 7.06 -20.17 21.67
C LEU A 699 7.07 -20.20 20.15
N ALA A 700 7.64 -19.19 19.51
CA ALA A 700 7.71 -19.21 18.06
C ALA A 700 8.52 -20.40 17.57
N LYS A 701 9.65 -20.68 18.22
CA LYS A 701 10.44 -21.84 17.79
C LYS A 701 9.75 -23.15 18.13
N VAL A 702 9.09 -23.23 19.29
CA VAL A 702 8.34 -24.44 19.60
C VAL A 702 7.32 -24.73 18.50
N LEU A 703 6.58 -23.71 18.10
CA LEU A 703 5.57 -23.88 17.08
C LEU A 703 6.19 -24.17 15.72
N LYS A 704 7.33 -23.56 15.40
CA LYS A 704 7.96 -23.84 14.12
C LYS A 704 8.41 -25.29 14.05
N GLY A 705 8.90 -25.83 15.17
CA GLY A 705 9.23 -27.24 15.20
C GLY A 705 8.03 -28.11 14.93
N HIS A 706 6.96 -27.94 15.74
CA HIS A 706 5.78 -28.76 15.53
C HIS A 706 5.21 -28.59 14.13
N CYS A 707 5.29 -27.37 13.60
CA CYS A 707 4.68 -27.08 12.31
C CYS A 707 5.42 -27.75 11.18
N GLU A 708 6.74 -27.55 11.10
CA GLU A 708 7.51 -28.20 10.05
C GLU A 708 7.52 -29.72 10.21
N LYS A 709 7.27 -30.22 11.43
CA LYS A 709 7.00 -31.65 11.56
C LYS A 709 5.71 -32.02 10.83
N PHE A 710 4.61 -31.32 11.14
CA PHE A 710 3.32 -31.73 10.59
C PHE A 710 3.14 -31.33 9.13
N GLY A 711 3.97 -30.43 8.62
CA GLY A 711 3.87 -30.04 7.23
C GLY A 711 3.02 -28.82 6.97
N PHE A 712 2.87 -27.93 7.95
CA PHE A 712 2.17 -26.67 7.76
C PHE A 712 3.21 -25.61 7.40
N ARG A 713 2.75 -24.46 6.94
CA ARG A 713 3.68 -23.40 6.54
C ARG A 713 3.68 -22.31 7.61
N PHE A 714 4.57 -22.45 8.58
CA PHE A 714 4.66 -21.48 9.66
C PHE A 714 4.95 -20.09 9.14
N PHE A 715 4.46 -19.09 9.88
CA PHE A 715 4.80 -17.70 9.68
C PHE A 715 5.02 -17.09 11.05
N GLN A 716 5.58 -15.89 11.08
CA GLN A 716 5.58 -15.09 12.30
C GLN A 716 5.25 -13.67 11.90
N GLU A 717 3.98 -13.31 12.05
CA GLU A 717 3.52 -11.96 11.80
C GLU A 717 3.95 -11.07 12.95
N ASN A 718 4.49 -9.90 12.62
CA ASN A 718 5.13 -9.10 13.63
C ASN A 718 4.26 -7.98 14.18
N PHE A 719 3.08 -7.75 13.60
CA PHE A 719 2.20 -6.73 14.14
C PHE A 719 1.94 -6.95 15.63
N ALA B 1 -25.52 3.63 48.46
CA ALA B 1 -24.47 4.61 48.16
C ALA B 1 -24.54 5.04 46.70
N ALA B 2 -23.40 4.96 46.01
CA ALA B 2 -23.37 5.31 44.59
C ALA B 2 -24.13 4.29 43.75
N ALA B 3 -24.00 3.01 44.08
CA ALA B 3 -24.66 1.98 43.28
C ALA B 3 -26.15 1.90 43.58
N ALA B 4 -26.56 2.28 44.80
CA ALA B 4 -27.98 2.34 45.11
C ALA B 4 -28.67 3.40 44.27
N ALA B 5 -28.05 4.57 44.14
CA ALA B 5 -28.59 5.60 43.24
C ALA B 5 -28.61 5.11 41.80
N ALA B 6 -27.61 4.29 41.43
CA ALA B 6 -27.58 3.72 40.08
C ALA B 6 -28.76 2.80 39.85
N ALA B 7 -29.06 1.93 40.83
CA ALA B 7 -30.21 1.05 40.70
C ALA B 7 -31.52 1.84 40.68
N ALA B 8 -31.60 2.89 41.49
CA ALA B 8 -32.80 3.72 41.47
C ALA B 8 -33.00 4.39 40.12
N ALA B 9 -31.92 4.91 39.54
CA ALA B 9 -32.02 5.54 38.23
C ALA B 9 -32.36 4.52 37.15
N ALA B 10 -31.82 3.31 37.26
CA ALA B 10 -32.12 2.28 36.27
C ALA B 10 -33.58 1.86 36.35
N ALA B 11 -34.11 1.73 37.56
CA ALA B 11 -35.54 1.43 37.71
C ALA B 11 -36.39 2.58 37.19
N ALA B 12 -35.97 3.82 37.45
CA ALA B 12 -36.72 4.97 36.95
C ALA B 12 -36.60 5.11 35.44
N ALA B 13 -35.48 4.71 34.87
CA ALA B 13 -35.25 4.84 33.43
C ALA B 13 -36.21 3.95 32.64
N GLU C 4 -18.98 15.59 -55.50
CA GLU C 4 -18.33 16.86 -55.84
C GLU C 4 -16.98 16.63 -56.49
N GLU C 5 -16.18 15.75 -55.90
CA GLU C 5 -14.87 15.44 -56.45
C GLU C 5 -14.98 14.74 -57.79
N ASP C 6 -16.03 13.92 -57.97
CA ASP C 6 -16.24 13.25 -59.25
C ASP C 6 -16.56 14.27 -60.34
N ALA C 7 -17.39 15.26 -60.02
CA ALA C 7 -17.73 16.28 -61.00
C ALA C 7 -16.51 17.13 -61.37
N ARG C 8 -15.69 17.48 -60.38
CA ARG C 8 -14.48 18.24 -60.67
C ARG C 8 -13.50 17.42 -61.50
N TRP C 9 -13.38 16.12 -61.20
CA TRP C 9 -12.53 15.26 -62.00
C TRP C 9 -13.03 15.18 -63.45
N LEU C 10 -14.35 15.05 -63.62
CA LEU C 10 -14.92 15.00 -64.96
C LEU C 10 -14.66 16.30 -65.72
N ARG C 11 -14.83 17.44 -65.03
CA ARG C 11 -14.56 18.73 -65.68
C ARG C 11 -13.10 18.85 -66.06
N TRP C 12 -12.19 18.42 -65.20
CA TRP C 12 -10.76 18.50 -65.51
C TRP C 12 -10.40 17.57 -66.66
N VAL C 13 -11.04 16.40 -66.73
CA VAL C 13 -10.78 15.48 -67.84
C VAL C 13 -11.28 16.06 -69.14
N THR C 14 -12.48 16.66 -69.11
CA THR C 14 -13.03 17.28 -70.31
C THR C 14 -12.17 18.45 -70.77
N GLN C 15 -11.61 19.20 -69.83
CA GLN C 15 -10.73 20.31 -70.19
C GLN C 15 -9.41 19.79 -70.75
N GLN C 16 -8.87 18.72 -70.17
CA GLN C 16 -7.62 18.15 -70.68
C GLN C 16 -7.82 17.48 -72.03
N PHE C 17 -8.95 16.78 -72.21
CA PHE C 17 -9.24 16.14 -73.49
C PHE C 17 -9.27 17.18 -74.62
N LYS C 18 -9.93 18.31 -74.38
CA LYS C 18 -9.98 19.38 -75.37
C LYS C 18 -8.62 20.05 -75.56
N THR C 19 -7.66 19.80 -74.68
CA THR C 19 -6.33 20.39 -74.80
C THR C 19 -5.36 19.53 -75.61
N ILE C 20 -5.59 18.23 -75.69
CA ILE C 20 -4.73 17.34 -76.46
C ILE C 20 -5.26 17.22 -77.89
N ILE C 27 -6.69 9.44 -78.33
CA ILE C 27 -5.87 9.69 -77.16
C ILE C 27 -5.00 8.48 -76.85
N SER C 28 -3.69 8.69 -76.83
CA SER C 28 -2.76 7.62 -76.55
C SER C 28 -2.74 7.27 -75.07
N LEU C 29 -2.10 6.15 -74.74
CA LEU C 29 -1.97 5.74 -73.35
C LEU C 29 -1.16 6.75 -72.54
N GLN C 30 -0.09 7.30 -73.14
CA GLN C 30 0.71 8.30 -72.43
C GLN C 30 -0.07 9.60 -72.28
N GLU C 31 -0.85 9.99 -73.29
CA GLU C 31 -1.65 11.19 -73.19
C GLU C 31 -2.73 11.04 -72.11
N PHE C 32 -3.34 9.86 -72.02
CA PHE C 32 -4.33 9.62 -70.96
C PHE C 32 -3.68 9.73 -69.59
N LYS C 33 -2.50 9.14 -69.41
CA LYS C 33 -1.79 9.26 -68.15
C LYS C 33 -1.37 10.71 -67.88
N ALA C 34 -0.96 11.42 -68.94
CA ALA C 34 -0.60 12.83 -68.78
C ALA C 34 -1.80 13.66 -68.37
N ALA C 35 -2.97 13.37 -68.95
CA ALA C 35 -4.18 14.07 -68.55
C ALA C 35 -4.55 13.75 -67.10
N LEU C 36 -4.36 12.49 -66.70
CA LEU C 36 -4.58 12.10 -65.31
C LEU C 36 -3.46 12.52 -64.38
N HIS C 37 -2.39 13.12 -64.92
CA HIS C 37 -1.26 13.59 -64.13
C HIS C 37 -0.61 12.46 -63.32
N VAL C 38 -0.53 11.28 -63.91
CA VAL C 38 0.10 10.13 -63.26
C VAL C 38 1.23 9.60 -64.13
N GLU C 40 2.58 6.62 -64.22
CA GLU C 40 2.52 5.19 -63.97
C GLU C 40 1.33 4.85 -63.09
N SER C 41 0.39 4.08 -63.66
CA SER C 41 -0.83 3.71 -62.92
C SER C 41 -1.36 2.42 -63.50
N PHE C 42 -1.34 1.35 -62.70
CA PHE C 42 -1.95 0.09 -63.11
C PHE C 42 -3.43 0.28 -63.41
N PHE C 43 -4.06 1.24 -62.72
CA PHE C 43 -5.46 1.53 -62.98
C PHE C 43 -5.65 2.14 -64.36
N ALA C 44 -4.72 3.00 -64.79
CA ALA C 44 -4.88 3.67 -66.07
C ALA C 44 -4.70 2.72 -67.24
N GLU C 45 -3.70 1.85 -67.17
CA GLU C 45 -3.40 0.95 -68.28
C GLU C 45 -4.54 -0.03 -68.53
N ARG C 46 -5.08 -0.62 -67.46
CA ARG C 46 -6.20 -1.55 -67.61
C ARG C 46 -7.45 -0.82 -68.09
N PHE C 47 -7.64 0.42 -67.64
CA PHE C 47 -8.77 1.22 -68.13
C PHE C 47 -8.67 1.45 -69.63
N PHE C 48 -7.47 1.76 -70.12
CA PHE C 48 -7.27 1.92 -71.56
C PHE C 48 -7.50 0.60 -72.29
N ALA C 49 -6.97 -0.49 -71.74
CA ALA C 49 -7.11 -1.81 -72.37
C ALA C 49 -8.56 -2.27 -72.44
N LEU C 50 -9.39 -1.86 -71.48
CA LEU C 50 -10.80 -2.20 -71.51
C LEU C 50 -11.62 -1.25 -72.36
N PHE C 51 -11.14 -0.01 -72.57
CA PHE C 51 -11.85 0.96 -73.38
C PHE C 51 -11.51 0.84 -74.86
N ASP C 52 -10.30 0.39 -75.18
CA ASP C 52 -9.88 0.23 -76.57
C ASP C 52 -10.52 -1.00 -77.20
N THR C 60 -10.43 7.62 -78.26
CA THR C 60 -11.12 8.78 -78.82
C THR C 60 -11.88 9.53 -77.74
N LEU C 61 -12.32 10.76 -78.08
CA LEU C 61 -13.08 11.56 -77.12
C LEU C 61 -14.41 10.90 -76.80
N GLN C 62 -15.02 10.23 -77.78
CA GLN C 62 -16.28 9.53 -77.53
C GLN C 62 -16.09 8.36 -76.57
N GLU C 63 -15.04 7.57 -76.79
CA GLU C 63 -14.78 6.43 -75.90
C GLU C 63 -14.48 6.89 -74.48
N LEU C 64 -13.67 7.93 -74.33
CA LEU C 64 -13.32 8.43 -73.01
C LEU C 64 -14.54 8.98 -72.29
N GLN C 65 -15.36 9.76 -72.99
CA GLN C 65 -16.56 10.32 -72.36
C GLN C 65 -17.56 9.24 -72.00
N GLU C 66 -17.74 8.24 -72.87
CA GLU C 66 -18.66 7.15 -72.58
C GLU C 66 -18.18 6.34 -71.38
N ALA C 67 -16.87 6.04 -71.33
CA ALA C 67 -16.33 5.30 -70.19
C ALA C 67 -16.46 6.09 -68.90
N LEU C 68 -16.20 7.40 -68.96
CA LEU C 68 -16.32 8.24 -67.77
C LEU C 68 -17.76 8.33 -67.30
N THR C 69 -18.70 8.44 -68.22
CA THR C 69 -20.11 8.53 -67.85
C THR C 69 -20.56 7.28 -67.10
N LEU C 70 -20.16 6.10 -67.57
CA LEU C 70 -20.43 4.88 -66.83
C LEU C 70 -19.66 4.86 -65.51
N LEU C 71 -18.48 5.49 -65.48
CA LEU C 71 -17.70 5.55 -64.25
C LEU C 71 -18.16 6.67 -63.34
N ILE C 72 -18.81 7.70 -63.87
CA ILE C 72 -19.31 8.78 -63.03
C ILE C 72 -20.77 8.57 -62.66
N HIS C 73 -21.65 8.49 -63.65
CA HIS C 73 -23.08 8.38 -63.40
C HIS C 73 -23.54 6.92 -63.45
N SER C 75 -23.69 5.30 -57.54
CA SER C 75 -23.54 3.85 -57.68
C SER C 75 -22.18 3.38 -57.20
N PRO C 76 -22.00 3.32 -55.89
CA PRO C 76 -20.68 2.94 -55.36
C PRO C 76 -20.28 1.52 -55.71
N MET C 77 -21.20 0.57 -55.58
CA MET C 77 -20.88 -0.82 -55.91
C MET C 77 -20.44 -0.94 -57.37
N ASP C 78 -21.00 -0.12 -58.24
CA ASP C 78 -20.56 -0.11 -59.63
C ASP C 78 -19.13 0.39 -59.76
N LYS C 79 -18.75 1.39 -58.97
CA LYS C 79 -17.37 1.85 -58.97
C LYS C 79 -16.44 0.75 -58.47
N LEU C 80 -16.86 0.01 -57.45
CA LEU C 80 -16.03 -1.07 -56.92
C LEU C 80 -15.89 -2.19 -57.95
N LYS C 81 -16.97 -2.50 -58.67
CA LYS C 81 -16.86 -3.49 -59.74
C LYS C 81 -15.96 -3.01 -60.86
N PHE C 82 -16.02 -1.71 -61.17
CA PHE C 82 -15.10 -1.13 -62.16
C PHE C 82 -13.66 -1.33 -61.73
N LEU C 83 -13.34 -0.99 -60.48
CA LEU C 83 -11.99 -1.19 -59.96
C LEU C 83 -11.60 -2.67 -60.00
N PHE C 84 -12.56 -3.55 -59.69
CA PHE C 84 -12.30 -4.98 -59.72
C PHE C 84 -11.88 -5.42 -61.11
N GLN C 85 -12.66 -5.04 -62.13
CA GLN C 85 -12.32 -5.41 -63.50
C GLN C 85 -11.01 -4.76 -63.94
N VAL C 86 -10.70 -3.57 -63.44
CA VAL C 86 -9.41 -2.95 -63.74
C VAL C 86 -8.27 -3.81 -63.20
N TYR C 87 -8.33 -4.17 -61.93
CA TYR C 87 -7.30 -5.02 -61.34
C TYR C 87 -7.45 -6.49 -61.72
N ASP C 88 -8.52 -6.86 -62.42
CA ASP C 88 -8.80 -8.27 -62.71
C ASP C 88 -7.80 -8.89 -63.68
N ILE C 89 -7.00 -8.08 -64.37
CA ILE C 89 -6.04 -8.57 -65.36
C ILE C 89 -6.76 -9.34 -66.46
N ASP C 96 -7.70 -15.51 -54.60
CA ASP C 96 -7.31 -14.23 -55.19
C ASP C 96 -6.93 -13.23 -54.10
N PRO C 97 -6.08 -13.63 -53.15
CA PRO C 97 -5.88 -12.80 -51.94
C PRO C 97 -5.11 -11.52 -52.19
N ASP C 98 -3.93 -11.62 -52.81
CA ASP C 98 -3.07 -10.45 -52.91
C ASP C 98 -3.67 -9.36 -53.79
N GLU C 99 -4.54 -9.74 -54.71
CA GLU C 99 -5.13 -8.74 -55.60
C GLU C 99 -6.22 -7.94 -54.89
N LEU C 100 -7.06 -8.62 -54.12
CA LEU C 100 -8.09 -7.92 -53.34
C LEU C 100 -7.45 -6.91 -52.40
N ARG C 101 -6.30 -7.25 -51.82
CA ARG C 101 -5.59 -6.32 -50.96
C ARG C 101 -5.26 -5.04 -51.70
N THR C 102 -4.85 -5.15 -52.97
CA THR C 102 -4.59 -3.96 -53.77
C THR C 102 -5.87 -3.19 -54.04
N VAL C 103 -6.99 -3.90 -54.21
CA VAL C 103 -8.27 -3.20 -54.39
C VAL C 103 -8.59 -2.36 -53.18
N LEU C 104 -8.45 -2.93 -51.98
CA LEU C 104 -8.73 -2.19 -50.77
C LEU C 104 -7.74 -1.05 -50.57
N GLN C 105 -6.47 -1.28 -50.91
CA GLN C 105 -5.50 -0.19 -50.88
C GLN C 105 -5.91 0.95 -51.79
N SER C 106 -6.51 0.61 -52.94
CA SER C 106 -7.00 1.65 -53.85
C SER C 106 -8.23 2.34 -53.28
N CYS C 107 -9.02 1.63 -52.47
CA CYS C 107 -10.26 2.18 -51.91
C CYS C 107 -10.07 2.72 -50.50
N LEU C 108 -8.93 3.36 -50.20
CA LEU C 108 -8.70 3.96 -48.90
C LEU C 108 -7.98 5.29 -49.09
N ARG C 109 -8.61 6.38 -48.66
CA ARG C 109 -7.97 7.69 -48.68
C ARG C 109 -7.13 7.82 -47.41
N GLU C 110 -5.94 7.24 -47.47
CA GLU C 110 -5.02 7.23 -46.33
C GLU C 110 -4.46 8.64 -46.18
N SER C 111 -5.11 9.46 -45.34
CA SER C 111 -4.84 10.88 -45.33
C SER C 111 -4.20 11.37 -44.04
N ALA C 112 -4.86 11.20 -42.89
CA ALA C 112 -4.29 11.65 -41.62
C ALA C 112 -4.11 10.50 -40.65
N ILE C 113 -5.17 9.75 -40.36
CA ILE C 113 -5.08 8.53 -39.57
C ILE C 113 -5.29 7.37 -40.52
N SER C 114 -4.58 6.27 -40.29
CA SER C 114 -4.48 5.21 -41.29
C SER C 114 -4.92 3.87 -40.71
N LEU C 115 -5.15 2.93 -41.61
CA LEU C 115 -5.41 1.55 -41.24
C LEU C 115 -4.10 0.79 -41.26
N PRO C 116 -3.61 0.28 -40.13
CA PRO C 116 -2.31 -0.38 -40.12
C PRO C 116 -2.29 -1.60 -41.02
N ASP C 117 -1.12 -1.88 -41.61
CA ASP C 117 -1.02 -2.94 -42.62
C ASP C 117 -1.46 -4.29 -42.07
N GLU C 118 -1.25 -4.54 -40.78
CA GLU C 118 -1.74 -5.79 -40.20
C GLU C 118 -3.27 -5.84 -40.23
N LYS C 119 -3.92 -4.73 -39.89
CA LYS C 119 -5.37 -4.68 -39.96
C LYS C 119 -5.86 -4.76 -41.40
N LEU C 120 -5.11 -4.21 -42.35
CA LEU C 120 -5.48 -4.33 -43.75
C LEU C 120 -5.41 -5.78 -44.21
N ASP C 121 -4.33 -6.47 -43.87
CA ASP C 121 -4.23 -7.89 -44.19
C ASP C 121 -5.37 -8.67 -43.56
N GLN C 122 -5.69 -8.39 -42.30
CA GLN C 122 -6.79 -9.08 -41.64
C GLN C 122 -8.12 -8.81 -42.34
N LEU C 123 -8.35 -7.57 -42.76
CA LEU C 123 -9.60 -7.24 -43.44
C LEU C 123 -9.70 -7.96 -44.78
N THR C 124 -8.61 -7.97 -45.54
CA THR C 124 -8.64 -8.63 -46.83
C THR C 124 -8.81 -10.13 -46.68
N LEU C 125 -8.18 -10.73 -45.68
CA LEU C 125 -8.36 -12.15 -45.45
C LEU C 125 -9.79 -12.44 -45.01
N ALA C 126 -10.39 -11.54 -44.22
CA ALA C 126 -11.76 -11.77 -43.77
C ALA C 126 -12.75 -11.69 -44.92
N LEU C 127 -12.58 -10.70 -45.81
CA LEU C 127 -13.42 -10.64 -47.00
C LEU C 127 -13.22 -11.88 -47.88
N PHE C 128 -11.98 -12.16 -48.26
CA PHE C 128 -11.72 -13.25 -49.19
C PHE C 128 -12.20 -14.58 -48.64
N GLU C 129 -12.02 -14.82 -47.34
CA GLU C 129 -12.38 -16.12 -46.78
C GLU C 129 -13.89 -16.32 -46.81
N SER C 130 -14.65 -15.40 -46.23
CA SER C 130 -16.10 -15.58 -46.18
C SER C 130 -16.72 -15.54 -47.57
N ALA C 131 -16.09 -14.84 -48.51
CA ALA C 131 -16.60 -14.83 -49.88
C ALA C 131 -16.49 -16.21 -50.51
N ASP C 132 -15.33 -16.85 -50.38
CA ASP C 132 -15.13 -18.18 -50.96
C ASP C 132 -14.99 -19.23 -49.86
N ASN C 136 -13.01 -22.37 -53.93
CA ASN C 136 -11.95 -22.44 -52.94
C ASN C 136 -10.76 -21.59 -53.37
N GLY C 137 -10.68 -21.30 -54.67
CA GLY C 137 -9.62 -20.49 -55.21
C GLY C 137 -9.94 -19.01 -55.24
N ALA C 138 -9.75 -18.39 -56.40
CA ALA C 138 -10.02 -16.96 -56.54
C ALA C 138 -11.50 -16.66 -56.33
N ILE C 139 -11.77 -15.45 -55.84
CA ILE C 139 -13.14 -15.01 -55.61
C ILE C 139 -13.66 -14.32 -56.86
N THR C 140 -14.99 -14.22 -56.94
CA THR C 140 -15.65 -13.54 -58.04
C THR C 140 -16.36 -12.31 -57.52
N PHE C 141 -16.29 -11.23 -58.31
CA PHE C 141 -16.80 -9.94 -57.87
C PHE C 141 -18.29 -9.97 -57.57
N GLU C 142 -19.05 -10.84 -58.25
CA GLU C 142 -20.49 -10.85 -58.06
C GLU C 142 -20.85 -11.28 -56.64
N GLU C 143 -20.34 -12.42 -56.19
CA GLU C 143 -20.56 -12.83 -54.81
C GLU C 143 -19.77 -11.99 -53.82
N LEU C 144 -18.64 -11.44 -54.24
CA LEU C 144 -17.93 -10.48 -53.39
C LEU C 144 -18.79 -9.28 -53.07
N ARG C 145 -19.68 -8.89 -53.99
CA ARG C 145 -20.58 -7.78 -53.72
C ARG C 145 -21.47 -8.06 -52.53
N ASP C 146 -22.17 -9.20 -52.54
CA ASP C 146 -23.07 -9.50 -51.43
C ASP C 146 -22.30 -9.84 -50.16
N GLU C 147 -21.09 -10.38 -50.30
CA GLU C 147 -20.24 -10.57 -49.13
C GLU C 147 -19.89 -9.23 -48.48
N LEU C 148 -19.58 -8.23 -49.32
CA LEU C 148 -19.31 -6.89 -48.81
C LEU C 148 -20.54 -6.28 -48.15
N GLN C 149 -21.70 -6.43 -48.79
CA GLN C 149 -22.93 -5.92 -48.19
C GLN C 149 -23.26 -6.63 -46.90
N ARG C 150 -22.77 -7.86 -46.73
CA ARG C 150 -23.00 -8.58 -45.48
C ARG C 150 -22.23 -7.96 -44.32
N PHE C 151 -21.05 -7.42 -44.58
CA PHE C 151 -20.30 -6.71 -43.55
C PHE C 151 -21.07 -5.46 -43.16
N PRO C 152 -21.34 -5.25 -41.87
CA PRO C 152 -22.16 -4.09 -41.49
C PRO C 152 -21.48 -2.74 -41.69
N GLY C 153 -20.18 -2.66 -41.41
CA GLY C 153 -19.51 -1.38 -41.43
C GLY C 153 -18.39 -1.23 -42.44
N VAL C 154 -18.13 -2.28 -43.22
CA VAL C 154 -17.04 -2.18 -44.18
C VAL C 154 -17.43 -1.31 -45.37
N MET C 155 -18.69 -1.33 -45.77
CA MET C 155 -19.11 -0.56 -46.93
C MET C 155 -18.95 0.94 -46.67
N GLU C 156 -19.59 1.44 -45.62
CA GLU C 156 -19.62 2.88 -45.40
C GLU C 156 -18.23 3.45 -45.13
N ASN C 157 -17.32 2.63 -44.62
CA ASN C 157 -16.00 3.12 -44.26
C ASN C 157 -14.99 3.04 -45.40
N LEU C 158 -15.27 2.27 -46.44
CA LEU C 158 -14.42 2.20 -47.61
C LEU C 158 -14.81 3.34 -48.55
N THR C 159 -13.96 4.37 -48.64
CA THR C 159 -14.21 5.43 -49.59
C THR C 159 -14.29 4.87 -50.99
N ILE C 160 -15.24 5.39 -51.77
CA ILE C 160 -15.53 4.87 -53.11
C ILE C 160 -15.23 5.98 -54.11
N SER C 161 -14.16 5.79 -54.88
CA SER C 161 -13.75 6.74 -55.90
C SER C 161 -12.74 6.03 -56.82
N ALA C 162 -12.39 6.71 -57.90
CA ALA C 162 -11.39 6.17 -58.82
C ALA C 162 -9.98 6.38 -58.28
N ALA C 163 -9.66 7.61 -57.90
CA ALA C 163 -8.34 7.93 -57.37
C ALA C 163 -8.42 8.91 -56.22
N GLN C 180 4.22 27.57 -33.88
CA GLN C 180 5.16 26.91 -32.98
C GLN C 180 5.24 27.67 -31.66
N LEU C 181 5.02 28.99 -31.71
CA LEU C 181 5.08 29.84 -30.53
C LEU C 181 3.65 30.03 -30.01
N THR C 182 3.38 29.46 -28.84
CA THR C 182 2.08 29.58 -28.18
C THR C 182 2.33 29.67 -26.69
N ARG C 183 1.39 30.32 -25.98
CA ARG C 183 1.50 30.35 -24.53
C ARG C 183 1.30 28.96 -23.94
N ALA C 184 0.58 28.09 -24.63
CA ALA C 184 0.45 26.72 -24.16
C ALA C 184 1.77 25.99 -24.22
N TYR C 185 2.59 26.29 -25.23
CA TYR C 185 3.90 25.65 -25.34
C TYR C 185 4.77 25.98 -24.13
N TRP C 186 4.94 27.26 -23.83
CA TRP C 186 5.70 27.63 -22.66
C TRP C 186 5.02 27.16 -21.38
N HIS C 187 3.70 27.05 -21.38
CA HIS C 187 3.04 26.58 -20.18
C HIS C 187 3.36 25.11 -19.93
N ASN C 188 3.49 24.33 -21.01
CA ASN C 188 3.92 22.94 -20.88
C ASN C 188 5.37 22.87 -20.41
N HIS C 189 6.26 23.61 -21.07
CA HIS C 189 7.69 23.44 -20.89
C HIS C 189 8.29 24.38 -19.85
N ARG C 190 7.48 25.08 -19.07
CA ARG C 190 8.05 25.99 -18.08
C ARG C 190 8.81 25.23 -17.00
N SER C 191 8.38 24.03 -16.64
CA SER C 191 9.10 23.29 -15.61
C SER C 191 10.46 22.82 -16.11
N GLN C 192 10.49 22.26 -17.32
CA GLN C 192 11.76 21.86 -17.91
C GLN C 192 12.67 23.05 -18.14
N LEU C 193 12.11 24.19 -18.54
CA LEU C 193 12.90 25.39 -18.73
C LEU C 193 13.45 25.90 -17.41
N PHE C 194 12.68 25.79 -16.33
CA PHE C 194 13.19 26.22 -15.04
C PHE C 194 14.28 25.29 -14.54
N CYS C 195 14.18 23.99 -14.82
CA CYS C 195 15.26 23.08 -14.44
C CYS C 195 16.53 23.41 -15.21
N LEU C 196 16.43 23.59 -16.52
CA LEU C 196 17.60 23.99 -17.30
C LEU C 196 18.15 25.34 -16.85
N ALA C 197 17.27 26.26 -16.43
CA ALA C 197 17.73 27.58 -16.03
C ALA C 197 18.41 27.54 -14.67
N THR C 198 17.90 26.73 -13.75
CA THR C 198 18.59 26.53 -12.48
C THR C 198 19.95 25.89 -12.70
N TYR C 199 20.02 24.89 -13.59
CA TYR C 199 21.31 24.28 -13.90
C TYR C 199 22.29 25.30 -14.47
N ALA C 200 21.89 26.01 -15.51
CA ALA C 200 22.79 26.97 -16.13
C ALA C 200 23.13 28.12 -15.19
N GLY C 201 22.21 28.50 -14.31
CA GLY C 201 22.52 29.55 -13.36
C GLY C 201 23.51 29.09 -12.31
N LEU C 202 23.37 27.85 -11.82
CA LEU C 202 24.36 27.31 -10.91
C LEU C 202 25.72 27.21 -11.58
N HIS C 203 25.74 26.88 -12.86
CA HIS C 203 27.02 26.85 -13.56
C HIS C 203 27.63 28.24 -13.68
N VAL C 204 26.82 29.24 -14.01
CA VAL C 204 27.33 30.60 -14.07
C VAL C 204 27.85 31.03 -12.71
N LEU C 205 27.14 30.68 -11.64
CA LEU C 205 27.58 30.99 -10.29
C LEU C 205 28.94 30.37 -9.99
N LEU C 206 29.10 29.07 -10.26
CA LEU C 206 30.35 28.40 -9.93
C LEU C 206 31.50 28.92 -10.78
N PHE C 207 31.28 29.06 -12.08
CA PHE C 207 32.32 29.59 -12.95
C PHE C 207 32.74 30.99 -12.51
N GLY C 208 31.77 31.86 -12.22
CA GLY C 208 32.11 33.21 -11.84
C GLY C 208 32.82 33.28 -10.51
N LEU C 209 32.34 32.55 -9.51
CA LEU C 209 32.98 32.57 -8.21
C LEU C 209 34.39 31.99 -8.27
N ALA C 210 34.64 31.04 -9.16
CA ALA C 210 35.99 30.51 -9.28
C ALA C 210 36.90 31.46 -10.04
N ALA C 211 36.42 32.04 -11.15
CA ALA C 211 37.26 32.95 -11.92
C ALA C 211 37.49 34.27 -11.21
N SER C 212 36.64 34.62 -10.24
CA SER C 212 36.86 35.83 -9.46
C SER C 212 38.00 35.65 -8.45
N ALA C 213 37.90 34.60 -7.62
CA ALA C 213 38.95 34.34 -6.65
C ALA C 213 40.30 34.14 -7.34
N HIS C 214 40.32 33.39 -8.42
CA HIS C 214 41.54 33.17 -9.19
C HIS C 214 41.69 34.18 -10.32
N ARG C 215 41.56 35.46 -9.99
CA ARG C 215 41.80 36.52 -10.97
C ARG C 215 43.28 36.88 -11.04
N ASP C 216 44.06 36.50 -10.04
CA ASP C 216 45.50 36.74 -10.05
C ASP C 216 46.16 36.04 -11.22
N LEU C 217 46.04 34.71 -11.25
CA LEU C 217 46.64 33.92 -12.31
C LEU C 217 46.05 34.32 -13.67
N GLY C 218 46.93 34.38 -14.68
CA GLY C 218 46.61 35.12 -15.88
C GLY C 218 46.09 34.37 -17.10
N ALA C 219 44.80 34.54 -17.37
CA ALA C 219 44.21 34.33 -18.68
C ALA C 219 44.10 32.88 -19.12
N SER C 220 44.69 31.96 -18.37
CA SER C 220 44.50 30.54 -18.64
C SER C 220 44.29 29.70 -17.40
N VAL C 221 44.65 30.18 -16.22
CA VAL C 221 44.24 29.50 -15.01
C VAL C 221 42.84 29.94 -14.59
N MET C 222 42.37 31.09 -15.08
CA MET C 222 40.98 31.47 -14.85
C MET C 222 40.03 30.48 -15.53
N VAL C 223 40.26 30.22 -16.82
CA VAL C 223 39.44 29.28 -17.56
C VAL C 223 39.50 27.89 -16.93
N ALA C 224 40.72 27.43 -16.65
CA ALA C 224 40.89 26.09 -16.09
C ALA C 224 40.26 25.97 -14.72
N LYS C 225 40.37 27.00 -13.89
CA LYS C 225 39.77 26.94 -12.57
C LYS C 225 38.26 26.99 -12.65
N GLY C 226 37.71 27.78 -13.57
CA GLY C 226 36.26 27.79 -13.76
C GLY C 226 35.74 26.45 -14.21
N CYS C 227 36.35 25.88 -15.24
CA CYS C 227 35.93 24.57 -15.72
C CYS C 227 36.10 23.51 -14.64
N GLY C 228 37.15 23.60 -13.83
CA GLY C 228 37.32 22.61 -12.80
C GLY C 228 36.23 22.69 -11.74
N GLN C 229 35.96 23.90 -11.26
CA GLN C 229 34.91 24.07 -10.27
C GLN C 229 33.56 23.62 -10.82
N CYS C 230 33.37 23.70 -12.14
CA CYS C 230 32.14 23.16 -12.72
C CYS C 230 32.16 21.62 -12.73
N LEU C 231 33.27 21.02 -13.18
CA LEU C 231 33.37 19.57 -13.27
C LEU C 231 33.11 18.90 -11.92
N ASN C 232 33.61 19.51 -10.84
CA ASN C 232 33.36 18.99 -9.50
C ASN C 232 31.89 18.64 -9.32
N PHE C 233 31.01 19.58 -9.66
CA PHE C 233 29.58 19.36 -9.47
C PHE C 233 28.99 18.50 -10.58
N ASP C 234 29.44 18.73 -11.81
CA ASP C 234 28.86 18.02 -12.95
C ASP C 234 28.98 16.52 -12.80
N CYS C 235 30.16 16.01 -12.46
CA CYS C 235 30.29 14.56 -12.30
C CYS C 235 29.48 14.05 -11.11
N SER C 236 29.73 14.62 -9.94
CA SER C 236 29.08 14.15 -8.72
C SER C 236 27.57 14.08 -8.88
N PHE C 237 26.96 15.10 -9.49
CA PHE C 237 25.51 15.11 -9.64
C PHE C 237 25.03 14.59 -10.98
N ILE C 238 25.91 14.22 -11.90
CA ILE C 238 25.48 13.39 -13.01
C ILE C 238 25.22 12.01 -12.50
N ALA C 239 25.79 11.66 -11.35
CA ALA C 239 25.41 10.40 -10.71
C ALA C 239 23.92 10.37 -10.37
N VAL C 240 23.44 11.37 -9.64
CA VAL C 240 22.19 11.25 -8.90
C VAL C 240 21.00 11.02 -9.82
N LEU C 241 21.11 11.47 -11.07
CA LEU C 241 19.99 11.33 -12.01
C LEU C 241 19.60 9.88 -12.23
N MET C 242 20.45 8.93 -11.84
CA MET C 242 20.21 7.51 -12.10
C MET C 242 19.84 6.75 -10.83
N LEU C 243 19.10 7.38 -9.93
CA LEU C 243 18.58 6.71 -8.75
C LEU C 243 17.16 6.24 -9.03
N ARG C 244 17.06 5.27 -9.94
CA ARG C 244 15.76 4.75 -10.32
C ARG C 244 15.08 3.98 -9.20
N ARG C 245 15.73 3.84 -8.04
CA ARG C 245 15.06 3.36 -6.84
C ARG C 245 14.46 4.51 -6.04
N CYS C 246 14.90 5.74 -6.31
CA CYS C 246 14.32 6.94 -5.70
C CYS C 246 13.37 7.67 -6.63
N LEU C 247 13.58 7.59 -7.95
CA LEU C 247 12.61 8.17 -8.88
C LEU C 247 11.26 7.49 -8.77
N THR C 248 11.24 6.18 -8.52
CA THR C 248 9.96 5.52 -8.30
C THR C 248 9.27 6.04 -7.05
N TRP C 249 10.01 6.62 -6.12
CA TRP C 249 9.41 7.20 -4.93
C TRP C 249 9.02 8.66 -5.13
N LEU C 250 9.86 9.44 -5.79
CA LEU C 250 9.52 10.83 -6.06
C LEU C 250 8.40 10.93 -7.08
N ARG C 251 8.25 9.93 -7.95
CA ARG C 251 7.22 9.98 -8.96
C ARG C 251 5.84 9.74 -8.37
N ALA C 252 5.77 9.02 -7.24
CA ALA C 252 4.49 8.80 -6.59
C ALA C 252 3.93 10.10 -6.03
N THR C 253 4.80 10.98 -5.53
CA THR C 253 4.38 12.19 -4.87
C THR C 253 3.92 13.24 -5.89
N TRP C 254 3.55 14.40 -5.37
CA TRP C 254 3.15 15.53 -6.20
C TRP C 254 4.33 16.27 -6.80
N LEU C 255 5.56 15.91 -6.41
CA LEU C 255 6.72 16.58 -6.99
C LEU C 255 6.81 16.36 -8.49
N ALA C 256 6.26 15.25 -8.99
CA ALA C 256 6.28 15.02 -10.42
C ALA C 256 5.47 16.08 -11.17
N GLN C 257 4.49 16.68 -10.51
CA GLN C 257 3.69 17.70 -11.17
C GLN C 257 4.51 18.98 -11.40
N VAL C 258 5.45 19.26 -10.51
CA VAL C 258 6.22 20.50 -10.60
C VAL C 258 7.51 20.31 -11.39
N LEU C 259 8.29 19.27 -11.09
CA LEU C 259 9.52 19.09 -11.86
C LEU C 259 9.44 17.82 -12.69
N PRO C 260 9.97 17.83 -13.91
CA PRO C 260 9.83 16.66 -14.79
C PRO C 260 10.69 15.51 -14.29
N LEU C 261 10.06 14.37 -14.04
CA LEU C 261 10.78 13.19 -13.61
C LEU C 261 10.95 12.16 -14.73
N ASP C 262 10.46 12.45 -15.92
CA ASP C 262 10.63 11.56 -17.06
C ASP C 262 11.70 12.01 -18.02
N GLN C 263 12.34 13.14 -17.75
CA GLN C 263 13.44 13.61 -18.56
C GLN C 263 14.79 13.26 -17.95
N ASN C 264 14.81 12.44 -16.90
CA ASN C 264 16.04 12.22 -16.16
C ASN C 264 17.12 11.59 -17.04
N ILE C 265 16.73 10.62 -17.86
CA ILE C 265 17.73 9.97 -18.71
C ILE C 265 18.36 10.98 -19.65
N GLN C 266 17.57 11.92 -20.16
CA GLN C 266 18.08 12.87 -21.14
C GLN C 266 18.46 14.21 -20.53
N PHE C 267 18.27 14.40 -19.23
CA PHE C 267 19.07 15.37 -18.52
C PHE C 267 20.43 14.80 -18.19
N HIS C 268 20.51 13.48 -18.01
CA HIS C 268 21.78 12.82 -17.79
C HIS C 268 22.63 12.84 -19.05
N GLN C 269 22.03 12.53 -20.19
CA GLN C 269 22.74 12.69 -21.45
C GLN C 269 23.12 14.13 -21.75
N LEU C 270 22.57 15.10 -20.99
CA LEU C 270 22.94 16.50 -21.18
C LEU C 270 24.08 16.89 -20.27
N MET C 271 24.01 16.48 -19.00
CA MET C 271 25.16 16.65 -18.12
C MET C 271 26.37 15.89 -18.65
N GLY C 272 26.16 14.76 -19.31
CA GLY C 272 27.28 14.08 -19.94
C GLY C 272 27.94 14.92 -20.99
N TYR C 273 27.16 15.59 -21.82
CA TYR C 273 27.75 16.40 -22.88
C TYR C 273 28.40 17.65 -22.31
N VAL C 274 27.82 18.24 -21.26
CA VAL C 274 28.48 19.42 -20.72
C VAL C 274 29.78 19.02 -20.04
N VAL C 275 29.84 17.81 -19.46
CA VAL C 275 31.10 17.34 -18.88
C VAL C 275 32.13 17.13 -19.98
N VAL C 276 31.72 16.50 -21.08
CA VAL C 276 32.65 16.28 -22.18
C VAL C 276 33.08 17.57 -22.86
N GLY C 277 32.34 18.65 -22.68
CA GLY C 277 32.80 19.91 -23.23
C GLY C 277 33.70 20.65 -22.26
N LEU C 278 33.30 20.68 -20.99
CA LEU C 278 34.05 21.40 -19.98
C LEU C 278 35.39 20.74 -19.69
N SER C 279 35.48 19.41 -19.75
CA SER C 279 36.76 18.76 -19.54
C SER C 279 37.71 19.01 -20.70
N LEU C 280 37.18 19.09 -21.92
CA LEU C 280 38.01 19.48 -23.05
C LEU C 280 38.53 20.91 -22.91
N VAL C 281 37.67 21.83 -22.46
CA VAL C 281 38.15 23.19 -22.25
C VAL C 281 39.15 23.24 -21.10
N HIS C 282 38.89 22.49 -20.04
CA HIS C 282 39.84 22.36 -18.93
C HIS C 282 41.20 21.88 -19.41
N THR C 283 41.20 20.88 -20.28
CA THR C 283 42.44 20.31 -20.79
C THR C 283 43.16 21.28 -21.70
N VAL C 284 42.44 21.97 -22.58
CA VAL C 284 43.12 22.92 -23.45
C VAL C 284 43.63 24.10 -22.62
N ALA C 285 42.94 24.47 -21.55
CA ALA C 285 43.43 25.52 -20.68
C ALA C 285 44.72 25.10 -19.98
N HIS C 286 44.75 23.89 -19.43
CA HIS C 286 45.96 23.43 -18.75
C HIS C 286 47.10 23.06 -19.68
N THR C 287 46.84 22.86 -20.97
CA THR C 287 47.97 22.71 -21.87
C THR C 287 48.44 24.05 -22.42
N VAL C 288 47.54 25.02 -22.61
CA VAL C 288 47.97 26.36 -22.96
C VAL C 288 48.75 26.99 -21.81
N ASN C 289 48.33 26.70 -20.57
CA ASN C 289 49.05 27.23 -19.42
C ASN C 289 50.47 26.68 -19.36
N PHE C 290 50.62 25.37 -19.57
CA PHE C 290 51.94 24.77 -19.56
C PHE C 290 52.78 25.25 -20.75
N VAL C 291 52.13 25.57 -21.88
CA VAL C 291 52.86 26.14 -23.00
C VAL C 291 53.37 27.54 -22.66
N LEU C 292 52.53 28.35 -22.01
CA LEU C 292 52.97 29.66 -21.59
C LEU C 292 54.07 29.57 -20.53
N GLN C 293 54.01 28.53 -19.70
CA GLN C 293 55.10 28.30 -18.74
C GLN C 293 56.37 27.81 -19.44
N ALA C 294 56.24 27.21 -20.62
CA ALA C 294 57.43 26.83 -21.38
C ALA C 294 58.21 28.06 -21.82
N GLN C 295 57.50 29.12 -22.21
CA GLN C 295 58.14 30.36 -22.65
C GLN C 295 58.54 31.22 -21.45
N HIS C 318 57.46 17.00 -10.65
CA HIS C 318 56.39 16.16 -11.18
C HIS C 318 55.25 16.04 -10.17
N GLY C 319 54.18 15.39 -10.58
CA GLY C 319 53.03 15.20 -9.72
C GLY C 319 52.05 14.25 -10.34
N SER C 320 51.16 13.71 -9.51
CA SER C 320 50.13 12.78 -9.93
C SER C 320 48.82 13.48 -10.30
N ALA C 321 48.86 14.76 -10.64
CA ALA C 321 47.66 15.49 -11.03
C ALA C 321 47.45 15.53 -12.53
N SER C 322 48.50 15.64 -13.33
CA SER C 322 48.36 15.71 -14.78
C SER C 322 48.25 14.36 -15.49
N PRO C 323 49.06 13.35 -15.15
CA PRO C 323 48.90 12.06 -15.85
C PRO C 323 47.55 11.42 -15.59
N THR C 324 47.06 11.49 -14.36
CA THR C 324 45.67 11.15 -14.11
C THR C 324 44.74 12.02 -14.94
N GLY C 325 45.21 13.21 -15.36
CA GLY C 325 44.41 14.01 -16.27
C GLY C 325 44.31 13.42 -17.66
N VAL C 326 45.43 12.96 -18.20
CA VAL C 326 45.35 12.28 -19.49
C VAL C 326 44.47 11.04 -19.38
N ALA C 327 44.58 10.32 -18.26
CA ALA C 327 43.75 9.14 -18.07
C ALA C 327 42.27 9.49 -18.04
N LEU C 328 41.92 10.58 -17.36
CA LEU C 328 40.52 11.00 -17.30
C LEU C 328 40.02 11.48 -18.66
N LEU C 329 40.84 12.19 -19.40
CA LEU C 329 40.41 12.62 -20.72
C LEU C 329 40.13 11.41 -21.61
N LEU C 330 40.99 10.40 -21.57
CA LEU C 330 40.75 9.23 -22.41
C LEU C 330 39.54 8.43 -21.93
N LEU C 331 39.38 8.27 -20.61
CA LEU C 331 38.21 7.56 -20.11
C LEU C 331 36.92 8.27 -20.47
N LEU C 332 36.91 9.59 -20.41
CA LEU C 332 35.70 10.32 -20.78
C LEU C 332 35.43 10.24 -22.26
N LEU C 333 36.48 10.25 -23.09
CA LEU C 333 36.22 10.07 -24.52
C LEU C 333 35.74 8.65 -24.82
N LEU C 334 36.11 7.67 -24.01
CA LEU C 334 35.53 6.34 -24.19
C LEU C 334 34.06 6.30 -23.77
N MET C 335 33.75 6.86 -22.60
CA MET C 335 32.36 6.90 -22.16
C MET C 335 31.50 7.76 -23.07
N PHE C 336 32.10 8.64 -23.86
CA PHE C 336 31.35 9.48 -24.77
C PHE C 336 31.25 8.90 -26.17
N ILE C 337 32.24 8.13 -26.62
CA ILE C 337 32.15 7.49 -27.92
C ILE C 337 31.22 6.28 -27.84
N CYS C 338 31.31 5.49 -26.79
CA CYS C 338 30.51 4.28 -26.70
C CYS C 338 29.07 4.59 -26.34
N SER C 339 28.81 5.70 -25.65
CA SER C 339 27.46 6.03 -25.26
C SER C 339 26.64 6.63 -26.37
N SER C 340 27.15 6.73 -27.59
CA SER C 340 26.37 7.32 -28.65
C SER C 340 25.15 6.45 -28.94
N SER C 341 24.31 6.91 -29.86
CA SER C 341 23.16 6.11 -30.22
C SER C 341 23.56 4.92 -31.07
N CYS C 342 24.61 5.07 -31.87
CA CYS C 342 25.01 4.03 -32.81
C CYS C 342 25.42 2.74 -32.11
N ILE C 343 25.73 2.80 -30.82
CA ILE C 343 26.22 1.63 -30.12
C ILE C 343 25.07 0.76 -29.62
N ARG C 344 23.96 1.39 -29.21
CA ARG C 344 22.77 0.64 -28.86
C ARG C 344 21.82 0.46 -30.02
N ARG C 345 21.91 1.29 -31.05
CA ARG C 345 21.12 1.05 -32.25
C ARG C 345 21.50 -0.26 -32.90
N SER C 346 22.78 -0.44 -33.18
CA SER C 346 23.29 -1.79 -33.40
C SER C 346 23.05 -2.60 -32.14
N GLY C 347 22.84 -3.89 -32.30
CA GLY C 347 22.36 -4.66 -31.18
C GLY C 347 23.41 -4.90 -30.12
N HIS C 348 24.17 -3.87 -29.76
CA HIS C 348 25.20 -3.95 -28.73
C HIS C 348 24.67 -3.30 -27.47
N PHE C 349 23.97 -4.06 -26.65
CA PHE C 349 23.44 -3.54 -25.41
C PHE C 349 24.28 -3.95 -24.22
N GLU C 350 25.22 -4.88 -24.40
CA GLU C 350 26.15 -5.23 -23.34
C GLU C 350 27.44 -4.44 -23.49
N VAL C 351 27.81 -4.10 -24.73
CA VAL C 351 29.01 -3.28 -24.96
C VAL C 351 28.80 -1.88 -24.43
N PHE C 352 27.61 -1.31 -24.61
CA PHE C 352 27.34 -0.01 -24.02
C PHE C 352 27.42 -0.09 -22.50
N TYR C 353 26.91 -1.18 -21.92
CA TYR C 353 26.85 -1.27 -20.47
C TYR C 353 28.24 -1.43 -19.88
N TRP C 354 29.11 -2.19 -20.54
CA TRP C 354 30.45 -2.38 -20.00
C TRP C 354 31.27 -1.10 -20.09
N THR C 355 31.32 -0.46 -21.25
CA THR C 355 32.13 0.74 -21.38
C THR C 355 31.65 1.86 -20.46
N HIS C 356 30.35 1.97 -20.22
CA HIS C 356 29.92 2.85 -19.15
C HIS C 356 30.32 2.39 -17.77
N LEU C 357 30.58 1.12 -17.57
CA LEU C 357 30.93 0.71 -16.22
C LEU C 357 32.24 1.35 -15.78
N SER C 358 32.90 2.08 -16.67
CA SER C 358 34.10 2.83 -16.38
C SER C 358 33.83 4.14 -15.68
N TYR C 359 32.57 4.50 -15.44
CA TYR C 359 32.30 5.68 -14.64
C TYR C 359 32.90 5.53 -13.24
N LEU C 360 33.15 4.29 -12.83
CA LEU C 360 33.89 4.04 -11.60
C LEU C 360 35.33 4.52 -11.72
N LEU C 361 35.99 4.17 -12.82
CA LEU C 361 37.38 4.58 -13.00
C LEU C 361 37.50 6.08 -13.20
N VAL C 362 36.51 6.70 -13.87
CA VAL C 362 36.48 8.16 -13.93
C VAL C 362 36.22 8.72 -12.54
N TRP C 363 35.42 8.03 -11.75
CA TRP C 363 35.22 8.45 -10.37
C TRP C 363 36.40 8.11 -9.48
N LEU C 364 37.20 7.10 -9.84
CA LEU C 364 38.39 6.80 -9.05
C LEU C 364 39.49 7.79 -9.34
N LEU C 365 39.89 7.89 -10.61
CA LEU C 365 40.96 8.81 -11.00
C LEU C 365 40.68 10.22 -10.54
N LEU C 366 39.40 10.61 -10.49
CA LEU C 366 39.07 11.98 -10.14
C LEU C 366 39.24 12.25 -8.66
N ILE C 367 39.17 11.23 -7.80
CA ILE C 367 39.49 11.45 -6.40
C ILE C 367 40.97 11.77 -6.24
N PHE C 368 41.82 11.08 -6.98
CA PHE C 368 43.24 11.38 -7.00
C PHE C 368 43.56 12.60 -7.84
N HIS C 369 42.55 13.24 -8.43
CA HIS C 369 42.74 14.43 -9.25
C HIS C 369 42.25 15.69 -8.56
N GLY C 370 40.98 15.72 -8.21
CA GLY C 370 40.40 16.87 -7.56
C GLY C 370 40.61 16.82 -6.07
N PRO C 371 41.45 17.71 -5.56
CA PRO C 371 41.76 17.68 -4.12
C PRO C 371 40.53 17.80 -3.25
N ASN C 372 39.52 18.55 -3.70
CA ASN C 372 38.27 18.70 -2.97
C ASN C 372 37.15 17.87 -3.58
N PHE C 373 37.45 17.08 -4.61
CA PHE C 373 36.39 16.39 -5.33
C PHE C 373 35.70 15.34 -4.47
N TRP C 374 36.42 14.74 -3.52
CA TRP C 374 35.85 13.61 -2.78
C TRP C 374 34.60 13.99 -2.00
N LYS C 375 34.40 15.26 -1.65
CA LYS C 375 33.17 15.65 -0.98
C LYS C 375 31.98 15.61 -1.93
N TRP C 376 32.14 16.27 -3.09
CA TRP C 376 31.15 16.18 -4.15
C TRP C 376 30.82 14.72 -4.42
N LEU C 377 31.82 13.93 -4.80
CA LEU C 377 31.56 12.53 -5.09
C LEU C 377 31.04 11.79 -3.87
N LEU C 378 31.25 12.31 -2.67
CA LEU C 378 30.85 11.57 -1.48
C LEU C 378 29.35 11.61 -1.29
N VAL C 379 28.75 12.79 -1.38
CA VAL C 379 27.32 12.83 -1.05
C VAL C 379 26.51 12.08 -2.12
N PRO C 380 26.50 12.50 -3.39
CA PRO C 380 25.82 11.68 -4.40
C PRO C 380 26.42 10.32 -4.62
N GLY C 381 27.72 10.13 -4.40
CA GLY C 381 28.29 8.81 -4.56
C GLY C 381 27.82 7.83 -3.49
N ILE C 382 27.75 8.30 -2.24
CA ILE C 382 27.14 7.47 -1.20
C ILE C 382 25.69 7.19 -1.53
N LEU C 383 24.95 8.20 -1.99
CA LEU C 383 23.57 7.95 -2.40
C LEU C 383 23.50 6.86 -3.47
N PHE C 384 24.31 6.99 -4.52
CA PHE C 384 24.23 6.09 -5.66
C PHE C 384 24.60 4.68 -5.27
N PHE C 385 25.68 4.50 -4.52
CA PHE C 385 26.05 3.13 -4.18
C PHE C 385 25.16 2.56 -3.10
N LEU C 386 24.62 3.40 -2.22
CA LEU C 386 23.56 2.96 -1.31
C LEU C 386 22.41 2.36 -2.11
N GLU C 387 21.99 3.03 -3.18
CA GLU C 387 20.90 2.48 -3.98
C GLU C 387 21.32 1.23 -4.72
N LYS C 388 22.48 1.25 -5.37
CA LYS C 388 22.91 0.08 -6.13
C LYS C 388 23.16 -1.12 -5.23
N ALA C 389 23.34 -0.90 -3.93
CA ALA C 389 23.45 -2.02 -3.00
C ALA C 389 22.08 -2.43 -2.46
N ILE C 390 21.21 -1.45 -2.20
CA ILE C 390 19.86 -1.74 -1.73
C ILE C 390 19.11 -2.61 -2.73
N GLY C 391 19.49 -2.54 -4.00
CA GLY C 391 18.97 -3.45 -5.00
C GLY C 391 19.91 -4.59 -5.25
N LEU C 392 19.50 -5.80 -4.90
CA LEU C 392 20.29 -7.00 -5.10
C LEU C 392 19.45 -8.04 -5.83
N ALA C 393 20.05 -9.21 -6.06
CA ALA C 393 19.57 -10.27 -6.97
C ALA C 393 18.05 -10.41 -6.87
N VAL C 394 17.49 -10.66 -5.69
CA VAL C 394 16.07 -10.98 -5.60
C VAL C 394 15.31 -9.95 -4.76
N SER C 395 15.75 -8.69 -4.79
CA SER C 395 15.11 -7.64 -4.00
C SER C 395 13.59 -7.65 -4.17
N ARG C 396 13.12 -7.44 -5.40
CA ARG C 396 11.70 -7.55 -5.71
C ARG C 396 11.49 -8.26 -7.05
N MET C 397 12.51 -8.96 -7.54
CA MET C 397 12.47 -9.57 -8.86
C MET C 397 11.71 -10.89 -8.83
N ALA C 398 11.34 -11.36 -10.01
CA ALA C 398 10.64 -12.62 -10.18
C ALA C 398 10.88 -13.12 -11.59
N ALA C 399 11.58 -14.25 -11.72
CA ALA C 399 12.03 -14.68 -13.04
C ALA C 399 10.88 -15.27 -13.86
N VAL C 400 9.81 -14.48 -14.03
CA VAL C 400 8.59 -14.98 -14.63
C VAL C 400 8.83 -15.43 -16.07
N CYS C 401 7.87 -16.17 -16.60
CA CYS C 401 7.94 -16.69 -17.95
C CYS C 401 6.93 -15.97 -18.82
N ILE C 402 7.39 -15.45 -19.95
CA ILE C 402 6.52 -14.85 -20.95
C ILE C 402 5.66 -15.97 -21.54
N MET C 403 4.36 -15.95 -21.25
CA MET C 403 3.49 -17.03 -21.73
C MET C 403 3.28 -16.91 -23.24
N GLU C 404 2.69 -15.82 -23.69
CA GLU C 404 2.46 -15.62 -25.11
C GLU C 404 2.85 -14.19 -25.47
N VAL C 405 3.22 -14.01 -26.73
CA VAL C 405 3.60 -12.72 -27.26
C VAL C 405 2.82 -12.50 -28.55
N ASN C 406 1.93 -11.52 -28.55
CA ASN C 406 1.17 -11.14 -29.72
C ASN C 406 1.77 -9.85 -30.26
N LEU C 407 2.02 -9.81 -31.55
CA LEU C 407 2.57 -8.63 -32.19
C LEU C 407 1.41 -7.83 -32.79
N LEU C 408 0.93 -6.86 -32.03
CA LEU C 408 -0.20 -6.06 -32.47
C LEU C 408 0.26 -5.13 -33.59
N PRO C 409 -0.66 -4.53 -34.33
CA PRO C 409 -0.25 -3.76 -35.51
C PRO C 409 0.42 -2.45 -35.12
N SER C 410 1.13 -1.90 -36.09
CA SER C 410 1.90 -0.66 -35.93
C SER C 410 3.03 -0.83 -34.94
N LYS C 411 3.65 -2.01 -34.96
CA LYS C 411 4.87 -2.28 -34.19
C LYS C 411 4.65 -2.01 -32.70
N VAL C 412 3.77 -2.79 -32.11
CA VAL C 412 3.59 -2.84 -30.66
C VAL C 412 3.55 -4.31 -30.24
N THR C 413 4.30 -4.62 -29.20
CA THR C 413 4.45 -5.99 -28.71
C THR C 413 3.58 -6.18 -27.49
N HIS C 414 2.80 -7.25 -27.48
CA HIS C 414 1.92 -7.57 -26.38
C HIS C 414 2.51 -8.76 -25.64
N LEU C 415 2.93 -8.55 -24.40
CA LEU C 415 3.50 -9.61 -23.58
C LEU C 415 2.49 -10.07 -22.55
N LEU C 416 2.21 -11.36 -22.54
CA LEU C 416 1.49 -11.97 -21.44
C LEU C 416 2.52 -12.71 -20.61
N ILE C 417 2.79 -12.20 -19.41
CA ILE C 417 3.80 -12.76 -18.51
C ILE C 417 3.08 -13.36 -17.31
N LYS C 418 3.30 -14.66 -17.08
CA LYS C 418 2.58 -15.38 -16.04
C LYS C 418 2.71 -14.68 -14.70
N ARG C 419 1.58 -14.40 -14.09
CA ARG C 419 1.59 -13.60 -12.88
C ARG C 419 2.25 -14.35 -11.75
N PRO C 420 3.18 -13.74 -11.02
CA PRO C 420 3.72 -14.35 -9.81
C PRO C 420 2.61 -14.53 -8.78
N PRO C 421 2.62 -15.62 -8.02
CA PRO C 421 1.51 -15.90 -7.11
C PRO C 421 1.15 -14.74 -6.19
N PHE C 422 2.12 -14.25 -5.43
CA PHE C 422 1.87 -13.11 -4.54
C PHE C 422 2.31 -11.80 -5.19
N PHE C 423 1.71 -11.53 -6.35
CA PHE C 423 1.93 -10.28 -7.08
C PHE C 423 0.61 -9.53 -7.08
N HIS C 424 0.48 -8.55 -6.17
CA HIS C 424 -0.72 -7.76 -6.03
C HIS C 424 -0.40 -6.33 -6.45
N TYR C 425 -1.14 -5.83 -7.44
CA TYR C 425 -0.97 -4.46 -7.89
C TYR C 425 -2.31 -3.76 -8.00
N ARG C 426 -2.27 -2.52 -7.88
CA ARG C 426 -3.39 -1.62 -8.11
C ARG C 426 -3.45 -1.27 -9.58
N PRO C 427 -4.63 -0.92 -10.11
CA PRO C 427 -4.70 -0.57 -11.54
C PRO C 427 -3.97 0.73 -11.81
N GLY C 428 -3.03 0.69 -12.75
CA GLY C 428 -2.25 1.85 -13.11
C GLY C 428 -0.84 1.77 -12.59
N ASP C 429 -0.38 0.57 -12.27
CA ASP C 429 0.93 0.35 -11.67
C ASP C 429 1.89 -0.16 -12.73
N TYR C 430 3.04 0.49 -12.85
CA TYR C 430 4.01 0.04 -13.83
C TYR C 430 5.00 -0.94 -13.20
N LEU C 431 5.93 -1.43 -14.01
CA LEU C 431 6.91 -2.39 -13.55
C LEU C 431 8.12 -2.28 -14.45
N TYR C 432 9.30 -2.52 -13.90
CA TYR C 432 10.51 -2.49 -14.69
C TYR C 432 10.78 -3.86 -15.29
N LEU C 433 10.76 -3.92 -16.61
CA LEU C 433 10.88 -5.18 -17.32
C LEU C 433 12.32 -5.41 -17.72
N ASN C 434 12.76 -6.67 -17.68
CA ASN C 434 14.10 -7.02 -18.10
C ASN C 434 14.05 -8.34 -18.85
N ILE C 435 14.70 -8.39 -20.01
CA ILE C 435 14.67 -9.57 -20.85
C ILE C 435 16.09 -9.86 -21.32
N PRO C 436 16.81 -10.78 -20.69
CA PRO C 436 18.23 -10.97 -21.01
C PRO C 436 18.53 -11.26 -22.46
N THR C 437 17.59 -11.84 -23.20
CA THR C 437 17.85 -12.07 -24.61
C THR C 437 18.01 -10.77 -25.37
N ILE C 438 17.26 -9.74 -24.96
CA ILE C 438 17.35 -8.43 -25.61
C ILE C 438 18.58 -7.69 -25.14
N ALA C 439 18.61 -7.36 -23.85
CA ALA C 439 19.68 -6.60 -23.23
C ALA C 439 19.81 -7.11 -21.81
N ARG C 440 21.01 -7.53 -21.43
CA ARG C 440 21.16 -8.30 -20.22
C ARG C 440 21.02 -7.46 -18.96
N TYR C 441 21.34 -6.17 -19.02
CA TYR C 441 21.38 -5.35 -17.81
C TYR C 441 20.48 -4.14 -17.89
N GLU C 442 19.59 -4.05 -18.86
CA GLU C 442 18.73 -2.88 -19.05
C GLU C 442 17.36 -3.15 -18.49
N TRP C 443 16.84 -2.22 -17.72
CA TRP C 443 15.55 -2.35 -17.06
C TRP C 443 14.64 -1.22 -17.52
N HIS C 444 13.75 -1.50 -18.46
CA HIS C 444 12.86 -0.44 -18.88
C HIS C 444 11.52 -0.55 -18.18
N PRO C 445 10.85 0.58 -17.90
CA PRO C 445 9.58 0.53 -17.18
C PRO C 445 8.40 0.46 -18.13
N PHE C 446 7.38 -0.28 -17.73
CA PHE C 446 6.21 -0.45 -18.58
C PHE C 446 4.98 -0.55 -17.73
N THR C 447 3.90 0.09 -18.18
CA THR C 447 2.65 0.09 -17.42
C THR C 447 1.94 -1.22 -17.62
N ILE C 448 1.44 -1.79 -16.53
CA ILE C 448 0.64 -3.00 -16.62
C ILE C 448 -0.72 -2.62 -17.20
N SER C 449 -1.01 -3.12 -18.40
CA SER C 449 -2.25 -2.80 -19.09
C SER C 449 -3.26 -3.91 -18.96
N SER C 450 -3.35 -4.54 -17.79
CA SER C 450 -4.32 -5.57 -17.51
C SER C 450 -4.85 -5.36 -16.12
N ALA C 451 -6.17 -5.42 -15.96
CA ALA C 451 -6.78 -5.15 -14.68
C ALA C 451 -6.32 -6.17 -13.65
N PRO C 452 -6.15 -5.76 -12.39
CA PRO C 452 -5.74 -6.73 -11.36
C PRO C 452 -6.68 -7.91 -11.24
N GLU C 453 -7.97 -7.71 -11.54
CA GLU C 453 -8.94 -8.78 -11.43
C GLU C 453 -8.61 -9.93 -12.36
N GLN C 454 -7.89 -9.66 -13.43
CA GLN C 454 -7.37 -10.73 -14.27
C GLN C 454 -6.27 -11.47 -13.51
N LYS C 455 -6.53 -12.72 -13.18
CA LYS C 455 -5.69 -13.42 -12.23
C LYS C 455 -4.57 -14.23 -12.87
N ASP C 456 -4.75 -14.67 -14.12
CA ASP C 456 -3.77 -15.58 -14.69
C ASP C 456 -2.49 -14.87 -15.08
N THR C 457 -2.56 -13.94 -16.02
CA THR C 457 -1.38 -13.34 -16.62
C THR C 457 -1.34 -11.84 -16.37
N ILE C 458 -0.24 -11.23 -16.82
CA ILE C 458 -0.02 -9.80 -16.74
C ILE C 458 0.27 -9.30 -18.14
N TRP C 459 -0.49 -8.32 -18.59
CA TRP C 459 -0.29 -7.79 -19.92
C TRP C 459 0.68 -6.63 -19.87
N LEU C 460 1.38 -6.44 -20.97
CA LEU C 460 2.18 -5.25 -21.19
C LEU C 460 2.14 -4.97 -22.68
N HIS C 461 1.75 -3.77 -23.05
CA HIS C 461 1.75 -3.35 -24.44
C HIS C 461 2.93 -2.42 -24.65
N ILE C 462 3.92 -2.90 -25.38
CA ILE C 462 5.25 -2.31 -25.42
C ILE C 462 5.43 -1.70 -26.80
N ARG C 463 5.16 -0.42 -26.92
CA ARG C 463 5.22 0.24 -28.22
C ARG C 463 6.65 0.55 -28.60
N SER C 464 6.98 0.33 -29.86
CA SER C 464 8.34 0.50 -30.33
C SER C 464 8.72 1.97 -30.42
N GLN C 465 9.29 2.51 -29.36
CA GLN C 465 9.66 3.92 -29.29
C GLN C 465 11.16 4.13 -29.21
N GLY C 466 11.97 3.10 -29.38
CA GLY C 466 13.37 3.24 -29.14
C GLY C 466 14.13 2.03 -29.60
N GLN C 467 15.30 1.81 -29.00
CA GLN C 467 16.19 0.76 -29.48
C GLN C 467 16.00 -0.56 -28.75
N TRP C 468 15.70 -0.54 -27.45
CA TRP C 468 15.42 -1.79 -26.77
C TRP C 468 14.06 -2.33 -27.17
N THR C 469 13.04 -1.47 -27.17
CA THR C 469 11.71 -1.92 -27.53
C THR C 469 11.64 -2.36 -28.99
N ASN C 470 12.33 -1.64 -29.89
CA ASN C 470 12.44 -2.10 -31.26
C ASN C 470 13.13 -3.45 -31.33
N ARG C 471 14.16 -3.65 -30.51
CA ARG C 471 14.84 -4.93 -30.51
C ARG C 471 13.91 -6.04 -30.08
N LEU C 472 13.11 -5.78 -29.06
CA LEU C 472 12.13 -6.76 -28.59
C LEU C 472 11.16 -7.13 -29.71
N TYR C 473 10.55 -6.13 -30.32
CA TYR C 473 9.62 -6.43 -31.41
C TYR C 473 10.33 -7.17 -32.54
N GLU C 474 11.27 -6.50 -33.21
CA GLU C 474 11.92 -7.10 -34.37
C GLU C 474 12.56 -8.44 -34.08
N SER C 475 12.85 -8.74 -32.81
CA SER C 475 13.33 -10.07 -32.49
C SER C 475 12.19 -11.07 -32.51
N PHE C 476 11.03 -10.69 -31.97
CA PHE C 476 9.91 -11.61 -32.01
C PHE C 476 9.29 -11.73 -33.39
N LYS C 477 9.46 -10.74 -34.25
CA LYS C 477 8.82 -10.79 -35.57
C LYS C 477 9.50 -11.80 -36.48
N ALA C 478 10.84 -11.89 -36.40
CA ALA C 478 11.55 -12.84 -37.24
C ALA C 478 11.17 -14.28 -36.88
N SER C 479 10.79 -14.52 -35.62
CA SER C 479 10.41 -15.86 -35.18
C SER C 479 9.11 -16.31 -35.83
N CYS C 515 7.75 -19.09 -27.59
CA CYS C 515 7.62 -17.81 -26.90
C CYS C 515 7.59 -18.03 -25.40
N ASN C 516 8.71 -18.50 -24.84
CA ASN C 516 8.85 -18.75 -23.41
C ASN C 516 10.10 -18.07 -22.85
N ILE C 517 10.35 -16.83 -23.25
CA ILE C 517 11.60 -16.17 -22.90
C ILE C 517 11.67 -15.90 -21.40
N LYS C 518 12.88 -15.64 -20.92
CA LYS C 518 13.16 -15.43 -19.51
C LYS C 518 13.00 -13.94 -19.18
N CYS C 519 12.17 -13.64 -18.20
CA CYS C 519 11.79 -12.27 -17.89
C CYS C 519 11.88 -12.05 -16.39
N TYR C 520 12.54 -10.97 -15.98
CA TYR C 520 12.67 -10.61 -14.56
C TYR C 520 12.00 -9.26 -14.34
N ILE C 521 10.72 -9.26 -14.02
CA ILE C 521 10.04 -8.00 -13.74
C ILE C 521 10.44 -7.51 -12.35
N ASP C 522 10.15 -6.23 -12.09
CA ASP C 522 10.48 -5.62 -10.80
C ASP C 522 9.27 -4.90 -10.25
N GLY C 523 8.37 -5.65 -9.61
CA GLY C 523 7.41 -5.11 -8.69
C GLY C 523 6.43 -4.11 -9.26
N PRO C 524 5.36 -3.86 -8.53
CA PRO C 524 4.45 -2.78 -8.91
C PRO C 524 4.83 -1.45 -8.29
N TYR C 525 4.97 -0.41 -9.10
CA TYR C 525 5.14 0.95 -8.62
C TYR C 525 3.99 1.78 -9.18
N GLY C 526 3.43 2.65 -8.36
CA GLY C 526 2.41 3.55 -8.89
C GLY C 526 1.64 4.34 -7.86
N THR C 527 1.12 5.49 -8.27
CA THR C 527 0.26 6.27 -7.40
C THR C 527 -1.04 5.52 -7.12
N PRO C 528 -1.60 5.67 -5.93
CA PRO C 528 -2.88 5.00 -5.62
C PRO C 528 -4.02 5.65 -6.39
N THR C 529 -4.85 4.82 -7.01
CA THR C 529 -5.99 5.30 -7.79
C THR C 529 -7.31 5.08 -7.09
N ARG C 530 -7.29 4.93 -5.76
CA ARG C 530 -8.54 4.73 -5.04
C ARG C 530 -9.42 5.96 -5.03
N ARG C 531 -8.89 7.13 -5.42
CA ARG C 531 -9.74 8.29 -5.59
C ARG C 531 -10.77 8.07 -6.67
N ILE C 532 -10.44 7.26 -7.67
CA ILE C 532 -11.38 7.01 -8.77
C ILE C 532 -12.48 6.07 -8.33
N PHE C 533 -12.11 4.87 -7.90
CA PHE C 533 -13.09 3.87 -7.52
C PHE C 533 -13.94 4.28 -6.33
N ALA C 534 -13.56 5.35 -5.64
CA ALA C 534 -14.40 5.94 -4.59
C ALA C 534 -14.79 7.31 -5.13
N SER C 535 -15.84 7.34 -5.92
CA SER C 535 -16.31 8.55 -6.58
C SER C 535 -17.70 8.25 -7.13
N GLU C 536 -18.27 9.23 -7.80
CA GLU C 536 -19.51 9.03 -8.53
C GLU C 536 -19.47 9.89 -9.77
N HIS C 537 -19.78 9.29 -10.90
CA HIS C 537 -19.72 9.92 -12.21
C HIS C 537 -18.34 10.48 -12.49
N ALA C 538 -17.31 9.69 -12.23
CA ALA C 538 -15.97 10.09 -12.58
C ALA C 538 -15.90 10.40 -14.06
N VAL C 539 -15.06 11.35 -14.43
CA VAL C 539 -14.83 11.70 -15.83
C VAL C 539 -13.34 11.53 -16.07
N LEU C 540 -12.93 10.35 -16.52
CA LEU C 540 -11.52 10.11 -16.80
C LEU C 540 -11.18 10.77 -18.12
N ILE C 541 -10.33 11.78 -18.09
CA ILE C 541 -9.87 12.44 -19.31
C ILE C 541 -8.40 12.08 -19.49
N GLY C 542 -8.02 11.76 -20.71
CA GLY C 542 -6.64 11.42 -21.01
C GLY C 542 -6.27 11.96 -22.37
N ALA C 543 -5.03 12.42 -22.49
CA ALA C 543 -4.58 13.02 -23.72
C ALA C 543 -3.17 12.56 -24.03
N GLY C 544 -2.85 12.52 -25.32
CA GLY C 544 -1.54 12.07 -25.73
C GLY C 544 -1.40 10.56 -25.62
N ILE C 545 -0.18 10.12 -25.33
CA ILE C 545 0.15 8.70 -25.31
C ILE C 545 0.21 8.15 -23.90
N GLY C 546 -0.04 8.97 -22.88
CA GLY C 546 -0.01 8.48 -21.53
C GLY C 546 -1.33 7.90 -21.08
N ILE C 547 -1.85 6.92 -21.83
CA ILE C 547 -3.14 6.33 -21.54
C ILE C 547 -3.05 4.85 -21.25
N THR C 548 -1.87 4.25 -21.28
CA THR C 548 -1.77 2.85 -20.93
C THR C 548 -2.25 2.56 -19.50
N PRO C 549 -2.14 3.46 -18.53
CA PRO C 549 -2.80 3.20 -17.24
C PRO C 549 -4.31 3.29 -17.30
N PHE C 550 -4.87 4.02 -18.27
CA PHE C 550 -6.32 4.04 -18.39
C PHE C 550 -6.85 2.73 -18.92
N ALA C 551 -6.04 1.97 -19.66
CA ALA C 551 -6.46 0.63 -20.05
C ALA C 551 -6.71 -0.24 -18.84
N SER C 552 -5.74 -0.31 -17.94
CA SER C 552 -5.91 -1.06 -16.71
C SER C 552 -7.05 -0.52 -15.89
N ILE C 553 -7.18 0.80 -15.81
CA ILE C 553 -8.22 1.38 -14.96
C ILE C 553 -9.60 1.05 -15.49
N LEU C 554 -9.81 1.16 -16.81
CA LEU C 554 -11.13 0.87 -17.36
C LEU C 554 -11.44 -0.61 -17.30
N GLN C 555 -10.46 -1.47 -17.53
CA GLN C 555 -10.72 -2.89 -17.40
C GLN C 555 -11.08 -3.25 -15.97
N SER C 556 -10.43 -2.63 -14.99
CA SER C 556 -10.76 -2.93 -13.60
C SER C 556 -12.11 -2.37 -13.22
N ILE C 557 -12.43 -1.15 -13.66
CA ILE C 557 -13.76 -0.60 -13.47
C ILE C 557 -14.82 -1.57 -13.98
N MET C 558 -14.61 -2.10 -15.18
CA MET C 558 -15.64 -2.95 -15.76
C MET C 558 -15.71 -4.30 -15.06
N TYR C 559 -14.58 -4.85 -14.65
CA TYR C 559 -14.60 -6.09 -13.88
C TYR C 559 -15.38 -5.91 -12.59
N ARG C 560 -15.07 -4.85 -11.84
CA ARG C 560 -15.75 -4.61 -10.58
C ARG C 560 -17.21 -4.26 -10.78
N HIS C 561 -17.56 -3.65 -11.91
CA HIS C 561 -18.95 -3.29 -12.12
C HIS C 561 -19.78 -4.48 -12.57
N GLN C 562 -19.18 -5.43 -13.27
CA GLN C 562 -19.93 -6.64 -13.58
C GLN C 562 -19.91 -7.62 -12.43
N LYS C 563 -18.99 -7.46 -11.48
CA LYS C 563 -18.98 -8.34 -10.32
C LYS C 563 -20.16 -8.09 -9.40
N ARG C 564 -20.75 -6.88 -9.45
CA ARG C 564 -21.91 -6.58 -8.63
C ARG C 564 -23.22 -6.87 -9.35
N LYS C 565 -23.22 -7.80 -10.28
CA LYS C 565 -24.44 -8.29 -10.93
C LYS C 565 -24.62 -9.75 -10.52
N HIS C 566 -25.53 -9.98 -9.58
CA HIS C 566 -25.78 -11.32 -9.07
C HIS C 566 -26.94 -11.95 -9.83
N THR C 567 -26.83 -13.25 -10.07
CA THR C 567 -27.85 -14.03 -10.76
C THR C 567 -28.27 -15.17 -9.85
N CYS C 568 -29.53 -15.17 -9.44
CA CYS C 568 -29.99 -16.22 -8.53
C CYS C 568 -29.92 -17.57 -9.23
N PRO C 569 -29.31 -18.58 -8.62
CA PRO C 569 -29.27 -19.89 -9.28
C PRO C 569 -30.61 -20.59 -9.29
N SER C 570 -31.51 -20.27 -8.36
CA SER C 570 -32.79 -20.97 -8.29
C SER C 570 -33.78 -20.42 -9.30
N CYS C 571 -34.15 -19.15 -9.19
CA CYS C 571 -35.19 -18.57 -10.02
C CYS C 571 -34.66 -17.59 -11.06
N GLN C 572 -33.34 -17.35 -11.10
CA GLN C 572 -32.72 -16.51 -12.11
C GLN C 572 -33.33 -15.11 -12.16
N HIS C 573 -33.62 -14.55 -10.99
CA HIS C 573 -33.97 -13.14 -10.90
C HIS C 573 -32.69 -12.36 -10.67
N SER C 574 -32.04 -11.98 -11.76
CA SER C 574 -30.75 -11.32 -11.71
C SER C 574 -30.93 -9.86 -11.32
N TRP C 575 -30.38 -9.47 -10.18
CA TRP C 575 -30.47 -8.09 -9.70
C TRP C 575 -29.08 -7.49 -9.62
N ILE C 576 -29.04 -6.18 -9.42
CA ILE C 576 -27.81 -5.41 -9.34
C ILE C 576 -27.68 -4.88 -7.92
N GLU C 577 -26.67 -5.36 -7.20
CA GLU C 577 -26.46 -4.88 -5.85
C GLU C 577 -25.78 -3.50 -5.87
N GLY C 578 -25.85 -2.81 -4.74
CA GLY C 578 -25.24 -1.51 -4.62
C GLY C 578 -23.75 -1.58 -4.48
N VAL C 579 -23.19 -0.55 -3.82
CA VAL C 579 -21.74 -0.45 -3.68
C VAL C 579 -21.21 -1.65 -2.91
N GLN C 580 -19.97 -2.04 -3.21
CA GLN C 580 -19.37 -3.24 -2.64
C GLN C 580 -18.07 -2.93 -1.91
N ASP C 581 -17.99 -1.76 -1.28
CA ASP C 581 -16.87 -1.37 -0.43
C ASP C 581 -15.58 -1.18 -1.21
N ASN C 582 -15.60 -1.50 -2.51
CA ASN C 582 -14.48 -1.29 -3.41
C ASN C 582 -14.75 -0.21 -4.43
N MET C 583 -15.97 -0.15 -4.92
CA MET C 583 -16.36 0.70 -6.03
C MET C 583 -17.66 1.41 -5.68
N LYS C 584 -17.76 2.68 -6.07
CA LYS C 584 -18.95 3.45 -5.80
C LYS C 584 -19.52 4.15 -7.03
N LEU C 585 -18.87 4.04 -8.18
CA LEU C 585 -19.21 4.91 -9.30
C LEU C 585 -20.58 4.55 -9.85
N HIS C 586 -21.41 5.56 -10.07
CA HIS C 586 -22.67 5.36 -10.77
C HIS C 586 -22.53 5.55 -12.25
N LYS C 587 -21.54 6.31 -12.69
CA LYS C 587 -21.30 6.54 -14.10
C LYS C 587 -19.80 6.73 -14.26
N VAL C 588 -19.28 6.42 -15.44
CA VAL C 588 -17.89 6.67 -15.75
C VAL C 588 -17.78 7.16 -17.18
N ASP C 589 -17.39 8.41 -17.38
CA ASP C 589 -16.99 8.79 -18.71
C ASP C 589 -15.52 8.48 -18.91
N PHE C 590 -15.11 8.44 -20.17
CA PHE C 590 -13.70 8.38 -20.52
C PHE C 590 -13.54 9.12 -21.83
N ILE C 591 -12.73 10.16 -21.84
CA ILE C 591 -12.48 10.94 -23.03
C ILE C 591 -11.01 10.80 -23.38
N TRP C 592 -10.72 10.25 -24.55
CA TRP C 592 -9.36 10.05 -25.01
C TRP C 592 -9.14 10.97 -26.19
N ILE C 593 -8.22 11.91 -26.04
CA ILE C 593 -7.90 12.88 -27.05
C ILE C 593 -6.48 12.61 -27.50
N ASN C 594 -6.27 12.37 -28.78
CA ASN C 594 -4.93 12.12 -29.25
C ASN C 594 -4.85 12.48 -30.71
N ARG C 595 -3.66 12.80 -31.19
CA ARG C 595 -3.52 13.25 -32.57
C ARG C 595 -3.92 12.15 -33.55
N ASP C 596 -3.65 10.90 -33.21
CA ASP C 596 -4.14 9.77 -33.99
C ASP C 596 -3.81 8.48 -33.26
N GLN C 597 -4.52 7.42 -33.62
CA GLN C 597 -4.27 6.08 -33.11
C GLN C 597 -3.10 5.47 -33.88
N ARG C 598 -1.91 6.00 -33.59
CA ARG C 598 -0.74 5.53 -34.31
C ARG C 598 -0.29 4.17 -33.77
N SER C 599 0.19 4.15 -32.53
CA SER C 599 0.54 2.89 -31.89
C SER C 599 -0.58 2.32 -31.05
N PHE C 600 -1.66 3.08 -30.86
CA PHE C 600 -2.77 2.65 -30.01
C PHE C 600 -3.92 2.09 -30.84
N GLU C 601 -3.64 1.07 -31.64
CA GLU C 601 -4.76 0.32 -32.19
C GLU C 601 -5.27 -0.69 -31.20
N TRP C 602 -4.39 -1.21 -30.35
CA TRP C 602 -4.84 -2.07 -29.28
C TRP C 602 -5.78 -1.32 -28.34
N PHE C 603 -5.57 -0.02 -28.16
CA PHE C 603 -6.43 0.73 -27.26
C PHE C 603 -7.78 0.99 -27.89
N VAL C 604 -7.82 1.30 -29.17
CA VAL C 604 -9.09 1.45 -29.87
C VAL C 604 -9.86 0.14 -29.82
N SER C 605 -9.17 -0.98 -30.02
CA SER C 605 -9.85 -2.27 -29.91
C SER C 605 -10.29 -2.56 -28.50
N LEU C 606 -9.57 -2.03 -27.51
CA LEU C 606 -9.99 -2.21 -26.12
C LEU C 606 -11.25 -1.42 -25.81
N LEU C 607 -11.30 -0.17 -26.25
CA LEU C 607 -12.52 0.62 -26.08
C LEU C 607 -13.68 -0.01 -26.82
N THR C 608 -13.43 -0.54 -28.02
CA THR C 608 -14.47 -1.28 -28.72
C THR C 608 -14.93 -2.49 -27.94
N LYS C 609 -14.01 -3.20 -27.30
CA LYS C 609 -14.40 -4.38 -26.53
C LYS C 609 -15.22 -4.00 -25.32
N LEU C 610 -14.85 -2.93 -24.62
CA LEU C 610 -15.63 -2.51 -23.47
C LEU C 610 -17.01 -2.05 -23.88
N GLU C 611 -17.11 -1.34 -25.00
CA GLU C 611 -18.44 -0.94 -25.47
C GLU C 611 -19.26 -2.12 -25.94
N MET C 612 -18.63 -3.13 -26.54
CA MET C 612 -19.39 -4.33 -26.89
C MET C 612 -19.91 -5.01 -25.64
N ASP C 613 -19.07 -5.16 -24.64
CA ASP C 613 -19.44 -5.91 -23.46
C ASP C 613 -20.43 -5.19 -22.56
N GLN C 614 -20.58 -3.86 -22.72
CA GLN C 614 -21.61 -3.18 -21.95
C GLN C 614 -22.59 -2.41 -22.82
N ALA C 615 -22.74 -2.79 -24.09
CA ALA C 615 -23.85 -2.29 -24.88
C ALA C 615 -25.00 -3.28 -24.97
N GLU C 616 -24.74 -4.46 -24.48
CA GLU C 616 -25.79 -5.42 -24.43
C GLU C 616 -26.62 -5.13 -23.19
N GLU C 617 -26.19 -4.17 -22.38
CA GLU C 617 -26.87 -3.87 -21.12
C GLU C 617 -27.43 -2.47 -21.11
N ALA C 618 -27.02 -1.65 -22.04
CA ALA C 618 -27.37 -0.24 -22.01
C ALA C 618 -28.82 0.10 -22.16
N GLN C 619 -29.61 -0.87 -22.59
CA GLN C 619 -31.04 -0.66 -22.74
C GLN C 619 -31.69 -0.07 -21.51
N TYR C 620 -31.16 -0.35 -20.31
CA TYR C 620 -31.75 0.32 -19.16
C TYR C 620 -30.84 1.34 -18.51
N GLY C 621 -29.52 1.13 -18.54
CA GLY C 621 -28.58 2.14 -18.09
C GLY C 621 -27.22 1.89 -18.72
N ARG C 622 -26.53 2.99 -19.00
CA ARG C 622 -25.20 2.92 -19.60
C ARG C 622 -24.20 3.38 -18.57
N PHE C 623 -23.31 2.49 -18.16
CA PHE C 623 -22.37 2.80 -17.08
C PHE C 623 -21.17 3.57 -17.63
N LEU C 624 -20.47 2.99 -18.60
CA LEU C 624 -19.29 3.59 -19.19
C LEU C 624 -19.66 4.28 -20.49
N GLU C 625 -19.18 5.51 -20.67
CA GLU C 625 -19.21 6.16 -21.97
C GLU C 625 -17.79 6.46 -22.41
N LEU C 626 -17.42 5.94 -23.55
CA LEU C 626 -16.05 6.02 -24.04
C LEU C 626 -16.03 6.97 -25.22
N HIS C 627 -15.55 8.18 -24.99
CA HIS C 627 -15.37 9.12 -26.09
C HIS C 627 -14.00 8.94 -26.71
N MET C 628 -13.83 9.53 -27.89
CA MET C 628 -12.57 9.47 -28.60
C MET C 628 -12.53 10.62 -29.56
N TYR C 629 -11.54 11.48 -29.42
CA TYR C 629 -11.34 12.56 -30.37
C TYR C 629 -9.98 12.38 -31.02
N MET C 630 -9.87 12.81 -32.27
CA MET C 630 -8.68 12.54 -33.03
C MET C 630 -7.87 13.77 -33.41
N THR C 631 -8.45 14.97 -33.38
CA THR C 631 -7.66 16.20 -33.35
C THR C 631 -6.68 16.37 -34.51
N SER C 632 -6.65 15.40 -35.43
CA SER C 632 -5.82 15.56 -36.61
C SER C 632 -6.61 15.18 -37.86
N ALA C 633 -7.62 14.35 -37.70
CA ALA C 633 -8.59 14.13 -38.76
C ALA C 633 -9.51 15.34 -38.83
N LEU C 634 -9.38 16.13 -39.90
CA LEU C 634 -10.13 17.38 -39.97
C LEU C 634 -11.63 17.14 -39.98
N GLY C 635 -12.08 16.10 -40.69
CA GLY C 635 -13.50 15.84 -40.81
C GLY C 635 -13.79 14.36 -40.67
N LYS C 636 -15.01 14.06 -40.23
CA LYS C 636 -15.45 12.70 -39.99
C LYS C 636 -15.23 11.79 -41.21
N ASN C 637 -15.10 12.37 -42.40
CA ASN C 637 -14.75 11.57 -43.56
C ASN C 637 -13.35 10.97 -43.40
N ASP C 638 -12.50 11.60 -42.59
CA ASP C 638 -11.14 11.12 -42.44
C ASP C 638 -11.04 9.97 -41.44
N MET C 639 -11.94 9.92 -40.46
CA MET C 639 -11.91 8.85 -39.46
C MET C 639 -12.63 7.62 -40.00
N LYS C 640 -12.20 7.16 -41.16
CA LYS C 640 -12.72 5.94 -41.74
C LYS C 640 -11.80 4.75 -41.53
N ALA C 641 -10.60 4.97 -41.03
CA ALA C 641 -9.75 3.85 -40.66
C ALA C 641 -10.16 3.27 -39.31
N ILE C 642 -10.81 4.06 -38.47
CA ILE C 642 -11.28 3.54 -37.19
C ILE C 642 -12.60 2.81 -37.37
N GLY C 643 -13.46 3.31 -38.24
CA GLY C 643 -14.66 2.56 -38.58
C GLY C 643 -14.34 1.17 -39.08
N LEU C 644 -13.28 1.05 -39.88
CA LEU C 644 -12.87 -0.26 -40.36
C LEU C 644 -12.42 -1.15 -39.23
N GLN C 645 -11.66 -0.60 -38.27
CA GLN C 645 -11.22 -1.40 -37.14
C GLN C 645 -12.42 -1.88 -36.31
N MET C 646 -13.41 -1.02 -36.13
CA MET C 646 -14.57 -1.40 -35.32
C MET C 646 -15.41 -2.44 -36.03
N ALA C 647 -15.61 -2.28 -37.35
CA ALA C 647 -16.34 -3.29 -38.10
C ALA C 647 -15.56 -4.60 -38.18
N LEU C 648 -14.24 -4.54 -38.07
CA LEU C 648 -13.46 -5.77 -38.01
C LEU C 648 -13.56 -6.44 -36.65
N ASP C 649 -13.63 -5.65 -35.57
CA ASP C 649 -13.77 -6.24 -34.24
C ASP C 649 -15.17 -6.79 -34.03
N LEU C 650 -16.17 -6.22 -34.69
CA LEU C 650 -17.52 -6.77 -34.61
C LEU C 650 -17.63 -8.15 -35.22
N LEU C 651 -16.59 -8.64 -35.90
CA LEU C 651 -16.62 -9.96 -36.51
C LEU C 651 -15.74 -10.99 -35.81
N ALA C 652 -14.90 -10.57 -34.88
CA ALA C 652 -14.28 -11.53 -33.96
C ALA C 652 -15.27 -11.94 -32.88
N ASN C 653 -15.99 -10.97 -32.32
CA ASN C 653 -17.12 -11.20 -31.44
C ASN C 653 -18.37 -10.90 -32.26
N LYS C 654 -18.96 -11.93 -32.85
CA LYS C 654 -20.09 -11.73 -33.75
C LYS C 654 -21.21 -10.99 -33.03
N GLU C 655 -21.44 -9.74 -33.41
CA GLU C 655 -22.43 -8.91 -32.75
C GLU C 655 -23.12 -8.05 -33.79
N LYS C 656 -24.13 -7.31 -33.35
CA LYS C 656 -24.85 -6.38 -34.19
C LYS C 656 -24.22 -4.99 -34.09
N LYS C 657 -24.38 -4.22 -35.17
CA LYS C 657 -23.83 -2.86 -35.20
C LYS C 657 -24.35 -2.01 -34.05
N ASP C 658 -25.51 -2.36 -33.48
CA ASP C 658 -26.04 -1.58 -32.37
C ASP C 658 -25.18 -1.65 -31.12
N SER C 659 -24.25 -2.61 -31.06
CA SER C 659 -23.30 -2.64 -29.94
C SER C 659 -22.40 -1.42 -29.98
N ILE C 660 -21.83 -1.12 -31.15
CA ILE C 660 -20.90 0.00 -31.28
C ILE C 660 -21.60 1.32 -31.54
N THR C 661 -22.86 1.30 -32.00
CA THR C 661 -23.52 2.52 -32.43
C THR C 661 -23.46 3.61 -31.38
N GLY C 662 -23.26 3.24 -30.12
CA GLY C 662 -22.98 4.24 -29.10
C GLY C 662 -21.60 4.85 -29.28
N LEU C 663 -20.59 4.03 -29.53
CA LEU C 663 -19.22 4.51 -29.66
C LEU C 663 -18.97 5.18 -30.99
N GLN C 664 -19.72 4.82 -32.03
CA GLN C 664 -19.52 5.45 -33.33
C GLN C 664 -19.84 6.93 -33.30
N THR C 665 -20.84 7.34 -32.53
CA THR C 665 -21.21 8.74 -32.45
C THR C 665 -20.40 9.50 -31.39
N ARG C 666 -19.64 8.80 -30.57
CA ARG C 666 -18.73 9.43 -29.63
C ARG C 666 -17.28 9.34 -30.10
N THR C 667 -17.05 8.82 -31.30
CA THR C 667 -15.73 8.79 -31.92
C THR C 667 -15.65 9.93 -32.92
N GLN C 668 -15.31 11.11 -32.43
CA GLN C 668 -15.42 12.34 -33.19
C GLN C 668 -14.08 12.79 -33.72
N PRO C 669 -14.05 13.56 -34.79
CA PRO C 669 -12.79 14.10 -35.31
C PRO C 669 -12.53 15.50 -34.79
N GLY C 670 -11.26 15.86 -34.73
CA GLY C 670 -10.90 17.19 -34.30
C GLY C 670 -11.03 17.35 -32.80
N ARG C 671 -10.59 18.50 -32.32
CA ARG C 671 -10.55 18.75 -30.89
C ARG C 671 -11.95 18.69 -30.29
N PRO C 672 -12.04 18.58 -28.96
CA PRO C 672 -13.34 18.62 -28.31
C PRO C 672 -13.91 20.03 -28.30
N ASP C 673 -15.13 20.13 -27.81
CA ASP C 673 -15.75 21.41 -27.48
C ASP C 673 -16.10 21.32 -26.01
N TRP C 674 -15.19 21.76 -25.15
CA TRP C 674 -15.28 21.46 -23.73
C TRP C 674 -16.54 22.03 -23.10
N SER C 675 -17.06 23.13 -23.62
CA SER C 675 -18.33 23.66 -23.13
C SER C 675 -19.42 22.60 -23.23
N LYS C 676 -19.63 22.06 -24.43
CA LYS C 676 -20.68 21.08 -24.64
C LYS C 676 -20.41 19.81 -23.84
N VAL C 677 -19.14 19.39 -23.76
CA VAL C 677 -18.80 18.15 -23.07
C VAL C 677 -19.15 18.27 -21.59
N PHE C 678 -18.61 19.29 -20.92
CA PHE C 678 -18.89 19.43 -19.50
C PHE C 678 -20.35 19.74 -19.24
N GLN C 679 -21.00 20.47 -20.14
CA GLN C 679 -22.41 20.77 -19.94
C GLN C 679 -23.26 19.51 -20.05
N LYS C 680 -22.90 18.59 -20.95
CA LYS C 680 -23.62 17.33 -21.01
C LYS C 680 -23.35 16.47 -19.79
N VAL C 681 -22.10 16.45 -19.34
CA VAL C 681 -21.78 15.75 -18.09
C VAL C 681 -22.63 16.31 -16.95
N ALA C 682 -22.90 17.61 -16.99
CA ALA C 682 -23.73 18.24 -15.96
C ALA C 682 -25.20 17.88 -16.13
N ALA C 683 -25.66 17.75 -17.37
CA ALA C 683 -27.06 17.41 -17.61
C ALA C 683 -27.45 16.11 -16.93
N GLU C 684 -26.57 15.13 -16.95
CA GLU C 684 -26.80 13.91 -16.19
C GLU C 684 -26.60 14.19 -14.70
N LYS C 685 -27.39 13.49 -13.89
CA LYS C 685 -27.33 13.62 -12.44
C LYS C 685 -27.07 12.23 -11.87
N LYS C 686 -25.79 11.89 -11.69
CA LYS C 686 -25.41 10.59 -11.14
C LYS C 686 -24.47 10.73 -9.96
N GLY C 687 -24.37 11.90 -9.38
CA GLY C 687 -23.48 12.16 -8.27
C GLY C 687 -22.75 13.46 -8.48
N LYS C 688 -21.61 13.61 -7.84
CA LYS C 688 -20.77 14.79 -8.00
C LYS C 688 -19.61 14.44 -8.91
N VAL C 689 -19.56 15.10 -10.07
CA VAL C 689 -18.54 14.81 -11.07
C VAL C 689 -17.15 15.08 -10.51
N GLN C 690 -16.21 14.18 -10.77
CA GLN C 690 -14.84 14.30 -10.29
C GLN C 690 -13.90 14.05 -11.46
N VAL C 691 -13.56 15.12 -12.20
CA VAL C 691 -12.70 14.97 -13.37
C VAL C 691 -11.32 14.48 -12.96
N PHE C 692 -10.79 13.52 -13.71
CA PHE C 692 -9.43 13.04 -13.51
C PHE C 692 -8.67 13.21 -14.82
N PHE C 693 -7.55 13.90 -14.78
CA PHE C 693 -6.82 14.20 -15.99
C PHE C 693 -5.48 13.47 -15.98
N CYS C 694 -5.01 13.11 -17.18
CA CYS C 694 -3.67 12.56 -17.36
C CYS C 694 -3.14 13.08 -18.69
N GLY C 695 -2.46 14.22 -18.65
CA GLY C 695 -1.97 14.81 -19.87
C GLY C 695 -1.22 16.10 -19.58
N SER C 696 -1.00 16.89 -20.64
CA SER C 696 -0.15 18.04 -20.55
C SER C 696 -0.70 19.07 -19.57
N PRO C 697 0.12 20.02 -19.13
CA PRO C 697 -0.37 21.02 -18.17
C PRO C 697 -1.16 22.17 -18.78
N ALA C 698 -0.97 22.49 -20.06
CA ALA C 698 -1.81 23.50 -20.68
C ALA C 698 -3.25 23.03 -20.73
N LEU C 699 -3.47 21.81 -21.22
CA LEU C 699 -4.81 21.25 -21.19
C LEU C 699 -5.30 21.04 -19.77
N ALA C 700 -4.39 20.74 -18.84
CA ALA C 700 -4.80 20.60 -17.46
C ALA C 700 -5.40 21.89 -16.93
N LYS C 701 -4.78 23.03 -17.23
CA LYS C 701 -5.34 24.29 -16.76
C LYS C 701 -6.63 24.64 -17.47
N VAL C 702 -6.72 24.35 -18.77
CA VAL C 702 -7.98 24.59 -19.49
C VAL C 702 -9.11 23.83 -18.80
N LEU C 703 -8.86 22.56 -18.50
CA LEU C 703 -9.89 21.74 -17.87
C LEU C 703 -10.18 22.20 -16.45
N LYS C 704 -9.16 22.63 -15.71
CA LYS C 704 -9.39 23.10 -14.35
C LYS C 704 -10.27 24.34 -14.36
N GLY C 705 -10.06 25.22 -15.34
CA GLY C 705 -10.94 26.37 -15.48
C GLY C 705 -12.38 25.96 -15.72
N HIS C 706 -12.60 25.16 -16.77
CA HIS C 706 -13.98 24.74 -17.07
C HIS C 706 -14.59 23.98 -15.90
N CYS C 707 -13.79 23.20 -15.20
CA CYS C 707 -14.28 22.35 -14.13
C CYS C 707 -14.72 23.17 -12.94
N GLU C 708 -13.84 24.05 -12.42
CA GLU C 708 -14.23 24.88 -11.31
C GLU C 708 -15.32 25.86 -11.67
N LYS C 709 -15.49 26.17 -12.96
CA LYS C 709 -16.69 26.88 -13.38
C LYS C 709 -17.94 26.03 -13.15
N PHE C 710 -17.93 24.79 -13.66
CA PHE C 710 -19.13 23.98 -13.60
C PHE C 710 -19.38 23.38 -12.23
N GLY C 711 -18.37 23.35 -11.37
CA GLY C 711 -18.57 22.82 -10.03
C GLY C 711 -18.19 21.38 -9.87
N PHE C 712 -17.30 20.85 -10.70
CA PHE C 712 -16.79 19.51 -10.56
C PHE C 712 -15.50 19.57 -9.74
N ARG C 713 -15.02 18.43 -9.28
CA ARG C 713 -13.80 18.40 -8.47
C ARG C 713 -12.64 17.89 -9.31
N PHE C 714 -11.94 18.80 -9.98
CA PHE C 714 -10.83 18.43 -10.82
C PHE C 714 -9.75 17.69 -10.05
N PHE C 715 -9.06 16.81 -10.74
CA PHE C 715 -7.86 16.16 -10.25
C PHE C 715 -6.85 16.14 -11.38
N GLN C 716 -5.60 15.83 -11.05
CA GLN C 716 -4.62 15.51 -12.08
C GLN C 716 -3.84 14.30 -11.61
N GLU C 717 -4.25 13.13 -12.08
CA GLU C 717 -3.55 11.90 -11.79
C GLU C 717 -2.28 11.85 -12.60
N ASN C 718 -1.18 11.47 -11.97
CA ASN C 718 0.12 11.61 -12.61
C ASN C 718 0.63 10.32 -13.22
N PHE C 719 -0.02 9.19 -12.99
CA PHE C 719 0.40 7.96 -13.63
C PHE C 719 0.55 8.13 -15.14
N ALA D 1 3.20 -14.55 -52.39
CA ALA D 1 4.34 -14.29 -51.51
C ALA D 1 4.05 -14.74 -50.09
N ALA D 2 4.24 -13.84 -49.13
CA ALA D 2 3.96 -14.17 -47.74
C ALA D 2 2.46 -14.32 -47.50
N ALA D 3 1.65 -13.44 -48.11
CA ALA D 3 0.22 -13.50 -47.89
C ALA D 3 -0.44 -14.63 -48.67
N ALA D 4 0.16 -15.04 -49.78
CA ALA D 4 -0.35 -16.21 -50.50
C ALA D 4 -0.21 -17.47 -49.66
N ALA D 5 0.95 -17.64 -49.01
CA ALA D 5 1.11 -18.76 -48.09
C ALA D 5 0.14 -18.65 -46.92
N ALA D 6 -0.17 -17.42 -46.50
CA ALA D 6 -1.15 -17.23 -45.43
C ALA D 6 -2.53 -17.70 -45.86
N ALA D 7 -2.94 -17.34 -47.08
CA ALA D 7 -4.24 -17.79 -47.58
C ALA D 7 -4.26 -19.31 -47.75
N ALA D 8 -3.15 -19.89 -48.22
CA ALA D 8 -3.09 -21.33 -48.36
C ALA D 8 -3.22 -22.02 -47.00
N ALA D 9 -2.53 -21.50 -45.98
CA ALA D 9 -2.63 -22.08 -44.66
C ALA D 9 -4.02 -21.91 -44.07
N ALA D 10 -4.66 -20.78 -44.33
CA ALA D 10 -6.01 -20.55 -43.83
C ALA D 10 -7.01 -21.48 -44.48
N ALA D 11 -6.87 -21.71 -45.79
CA ALA D 11 -7.72 -22.70 -46.45
C ALA D 11 -7.45 -24.10 -45.93
N ALA D 12 -6.18 -24.43 -45.68
CA ALA D 12 -5.85 -25.75 -45.15
C ALA D 12 -6.31 -25.90 -43.70
N ALA D 13 -6.31 -24.81 -42.94
CA ALA D 13 -6.69 -24.88 -41.53
C ALA D 13 -8.16 -25.23 -41.37
FE HEB E . 33.52 18.37 28.99
CHA HEB E . 35.67 17.89 26.40
CHB HEB E . 35.95 20.17 30.67
CHC HEB E . 31.34 18.92 31.53
CHD HEB E . 31.08 16.48 27.36
NA HEB E . 35.46 18.93 28.61
C1A HEB E . 36.13 18.62 27.48
C2A HEB E . 37.44 19.18 27.56
C3A HEB E . 37.52 19.83 28.76
C4A HEB E . 36.26 19.67 29.42
CMA HEB E . 38.70 20.59 29.31
CAA HEB E . 38.49 19.07 26.50
CBA HEB E . 38.84 20.38 25.78
CGA HEB E . 38.70 20.29 24.27
O1A HEB E . 39.46 19.49 23.67
O2A HEB E . 38.00 21.17 23.73
NB HEB E . 33.63 19.37 30.76
C1B HEB E . 34.71 20.02 31.25
C2B HEB E . 34.35 20.56 32.51
C3B HEB E . 33.04 20.20 32.75
C4B HEB E . 32.61 19.45 31.63
CMB HEB E . 35.29 21.35 33.37
CAB HEB E . 32.15 20.47 33.92
CBB HEB E . 32.21 21.86 34.54
NC HEB E . 31.58 17.81 29.38
C1C HEB E . 30.91 18.18 30.49
C2C HEB E . 29.61 17.66 30.45
C3C HEB E . 29.52 16.96 29.28
C4C HEB E . 30.77 17.06 28.58
CMC HEB E . 28.61 17.87 31.54
CAC HEB E . 28.29 16.22 28.82
CBC HEB E . 27.82 16.44 27.58
ND HEB E . 33.41 17.36 27.21
C1D HEB E . 32.33 16.66 26.75
C2D HEB E . 32.72 16.13 25.47
C3D HEB E . 34.00 16.52 25.21
C4D HEB E . 34.42 17.31 26.33
CMD HEB E . 31.89 15.29 24.54
CAD HEB E . 34.78 16.19 23.98
CBD HEB E . 35.99 15.34 24.28
CGD HEB E . 36.86 15.14 23.04
O1D HEB E . 38.02 14.73 23.24
O2D HEB E . 36.24 15.10 21.96
FE HEB F . 15.25 11.98 26.22
CHA HEB F . 12.60 11.95 24.09
CHB HEB F . 13.41 10.18 28.54
CHC HEB F . 17.86 12.09 28.34
CHD HEB F . 17.17 13.67 23.83
NA HEB F . 13.34 11.21 26.31
C1A HEB F . 12.46 11.31 25.30
C2A HEB F . 11.27 10.62 25.68
C3A HEB F . 11.49 10.11 26.94
C4A HEB F . 12.82 10.49 27.33
CMA HEB F . 10.55 9.30 27.79
CAA HEB F . 10.07 10.51 24.80
CBA HEB F . 8.77 11.22 25.22
CGA HEB F . 7.55 10.43 24.79
O1A HEB F . 7.10 9.61 25.60
O2A HEB F . 7.26 10.50 23.58
NB HEB F . 15.57 11.26 28.11
C1B HEB F . 14.71 10.56 28.85
C2B HEB F . 15.37 10.24 30.09
C3B HEB F . 16.62 10.78 30.02
C4B HEB F . 16.73 11.43 28.76
CMB HEB F . 14.77 9.45 31.21
CAB HEB F . 17.72 10.72 31.04
CBB HEB F . 18.13 12.04 31.64
NC HEB F . 17.15 12.75 26.12
C1C HEB F . 18.03 12.64 27.12
C2C HEB F . 19.28 13.22 26.73
C3C HEB F . 19.09 13.67 25.46
C4C HEB F . 17.74 13.37 25.06
CMC HEB F . 20.47 13.27 27.63
CAC HEB F . 20.11 14.36 24.57
CBC HEB F . 20.85 15.39 25.04
ND HEB F . 14.93 12.70 24.34
C1D HEB F . 15.85 13.32 23.54
C2D HEB F . 15.20 13.59 22.29
C3D HEB F . 13.93 13.12 22.36
C4D HEB F . 13.77 12.55 23.66
CMD HEB F . 15.80 14.26 21.09
CAD HEB F . 12.90 13.18 21.26
CBD HEB F . 11.73 14.10 21.58
CGD HEB F . 10.86 14.35 20.35
O1D HEB F . 10.74 13.39 19.56
O2D HEB F . 10.72 15.56 20.04
PA NDP G . 5.33 -15.84 27.03
O1A NDP G . 6.00 -16.96 27.71
O2A NDP G . 5.38 -15.71 25.54
O5B NDP G . 3.78 -15.75 27.54
C5B NDP G . 3.02 -16.02 26.42
C4B NDP G . 2.12 -17.17 26.71
O4B NDP G . 2.71 -18.32 26.22
C3B NDP G . 1.98 -17.28 28.21
O3B NDP G . 0.67 -17.48 28.53
C2B NDP G . 2.67 -18.59 28.53
O2B NDP G . 2.06 -19.29 29.47
C1B NDP G . 2.50 -19.29 27.16
N9A NDP G . 3.54 -20.28 26.97
C8A NDP G . 4.91 -20.14 27.18
N7A NDP G . 5.61 -21.25 26.92
C5A NDP G . 4.63 -22.17 26.51
C6A NDP G . 4.71 -23.50 26.10
N6A NDP G . 5.92 -24.14 26.05
N1A NDP G . 3.60 -24.20 25.75
C2A NDP G . 2.44 -23.49 25.83
N3A NDP G . 2.20 -22.23 26.21
C4A NDP G . 3.34 -21.57 26.54
O3 NDP G . 6.18 -14.61 27.66
PN NDP G . 5.47 -13.25 27.32
O1N NDP G . 4.90 -12.71 28.57
O2N NDP G . 4.78 -13.18 25.98
O5D NDP G . 6.76 -12.11 27.05
C5D NDP G . 7.87 -12.89 27.04
C4D NDP G . 9.00 -12.14 26.41
O4D NDP G . 8.80 -11.98 25.03
C3D NDP G . 8.96 -10.69 26.90
O3D NDP G . 9.78 -10.60 28.02
C2D NDP G . 9.57 -9.93 25.71
O2D NDP G . 10.81 -9.39 25.99
C1D NDP G . 9.77 -11.05 24.69
N1N NDP G . 9.51 -10.57 23.35
C2N NDP G . 10.58 -10.22 22.57
C3N NDP G . 10.42 -10.05 21.24
C7N NDP G . 11.61 -9.68 20.49
O7N NDP G . 12.76 -9.67 20.96
N7N NDP G . 11.43 -9.31 19.16
C4N NDP G . 9.11 -10.23 20.58
C5N NDP G . 8.00 -10.28 21.55
C6N NDP G . 8.22 -10.45 22.85
P2B NDP G . 3.05 -19.40 31.02
O1X NDP G . 2.32 -18.34 31.77
O2X NDP G . 2.85 -20.84 31.47
O3X NDP G . 4.38 -19.04 30.44
PA FAD H . 4.31 5.19 29.58
O1A FAD H . 3.62 5.17 30.87
O2A FAD H . 4.84 6.55 29.19
O5B FAD H . 5.44 4.15 29.57
C5B FAD H . 5.25 2.84 30.12
C4B FAD H . 5.57 1.80 29.07
O4B FAD H . 5.10 2.24 27.78
C3B FAD H . 7.04 1.49 28.89
O3B FAD H . 7.23 0.13 28.52
C2B FAD H . 7.45 2.41 27.75
O2B FAD H . 8.55 1.87 27.02
C1B FAD H . 6.19 2.40 26.89
N9A FAD H . 5.98 3.62 26.13
C8A FAD H . 5.98 4.90 26.61
N7A FAD H . 5.78 5.82 25.70
C5A FAD H . 5.64 5.08 24.53
C6A FAD H . 5.41 5.46 23.20
N6A FAD H . 5.26 6.74 22.80
N1A FAD H . 5.32 4.49 22.27
C2A FAD H . 5.47 3.23 22.66
N3A FAD H . 5.69 2.75 23.88
C4A FAD H . 5.76 3.73 24.77
N1 FAD H . -1.27 -0.13 24.43
C2 FAD H . -2.60 -0.20 24.69
O2 FAD H . -3.04 -0.06 25.84
N3 FAD H . -3.48 -0.43 23.67
C4 FAD H . -3.17 -0.61 22.38
O4 FAD H . -4.05 -0.81 21.55
C4X FAD H . -1.75 -0.52 22.09
N5 FAD H . -1.38 -0.68 20.88
C5X FAD H . -0.03 -0.59 20.60
C6 FAD H . 0.39 -0.74 19.28
C7 FAD H . 1.73 -0.67 18.94
C7M FAD H . 2.15 -0.85 17.51
C8 FAD H . 2.68 -0.43 19.94
C8M FAD H . 4.14 -0.35 19.62
C9 FAD H . 2.27 -0.27 21.26
C9A FAD H . 0.92 -0.34 21.59
N10 FAD H . 0.47 -0.14 22.92
C10 FAD H . -0.87 -0.27 23.21
C1' FAD H . 1.47 0.03 24.02
C2' FAD H . 1.29 1.23 24.95
O2' FAD H . 0.33 1.03 25.99
C3' FAD H . 1.05 2.52 24.17
O3' FAD H . 1.57 2.37 22.86
C4' FAD H . 1.81 3.64 24.88
O4' FAD H . 2.79 3.00 25.70
C5' FAD H . 0.98 4.47 25.81
O5' FAD H . 1.86 5.34 26.57
P FAD H . 1.92 5.27 28.13
O1P FAD H . 1.87 6.66 28.76
O2P FAD H . 0.92 4.36 28.59
O3P FAD H . 3.34 4.70 28.43
O1 PX2 I . 10.87 -5.51 30.77
O2 PX2 I . 12.12 -6.42 28.77
P1 PX2 I . 12.17 -6.07 30.23
O3 PX2 I . 12.80 -7.13 31.10
O4 PX2 I . 13.18 -4.83 30.32
C1 PX2 I . 13.29 -4.04 31.50
C2 PX2 I . 14.58 -3.24 31.45
C3 PX2 I . 14.51 -2.25 30.30
O5 PX2 I . 14.96 -2.88 29.10
C4 PX2 I . 16.27 -2.55 28.60
O6 PX2 I . 17.26 -2.94 29.20
C5 PX2 I . 16.41 -1.76 27.33
C6 PX2 I . 17.41 -2.45 26.43
C7 PX2 I . 17.06 -2.12 24.99
C8 PX2 I . 17.82 -3.04 24.06
C9 PX2 I . 17.20 -2.99 22.68
C10 PX2 I . 17.42 -1.63 22.04
C11 PX2 I . 16.91 -1.66 20.62
C12 PX2 I . 17.22 -0.38 19.87
C13 PX2 I . 16.32 -0.24 18.66
C14 PX2 I . 16.64 1.05 17.91
C15 PX2 I . 15.59 1.35 16.88
O7 PX2 I . 14.81 -2.50 32.65
C16 PX2 I . 16.12 -2.80 33.21
O8 PX2 I . 16.21 -3.59 34.13
C17 PX2 I . 17.35 -2.16 32.61
C18 PX2 I . 18.62 -2.87 33.09
C19 PX2 I . 19.69 -2.81 32.01
C20 PX2 I . 21.06 -2.46 32.58
C21 PX2 I . 22.08 -2.38 31.47
C22 PX2 I . 23.37 -1.68 31.90
C23 PX2 I . 24.26 -1.41 30.69
C24 PX2 I . 25.44 -0.52 31.07
C25 PX2 I . 26.24 -0.10 29.84
C26 PX2 I . 27.42 0.77 30.25
C27 PX2 I . 28.39 0.93 29.11
ZN ZN J . -34.22 -16.67 -6.66
FE HEB K . 41.91 18.34 -14.34
CHA HEB K . 41.99 19.90 -11.32
CHB HEB K . 45.19 19.31 -14.91
CHC HEB K . 41.88 16.71 -17.31
CHD HEB K . 38.60 17.42 -13.82
NA HEB K . 43.34 19.41 -13.30
C1A HEB K . 43.14 19.94 -12.08
C2A HEB K . 44.34 20.60 -11.67
C3A HEB K . 45.24 20.44 -12.69
C4A HEB K . 44.60 19.68 -13.71
CMA HEB K . 46.65 20.95 -12.74
CAA HEB K . 44.52 21.32 -10.37
CBA HEB K . 45.51 20.65 -9.40
CGA HEB K . 44.90 20.38 -8.03
O1A HEB K . 44.54 21.36 -7.35
O2A HEB K . 45.00 19.21 -7.61
NB HEB K . 43.27 18.06 -15.83
C1B HEB K . 44.54 18.55 -15.85
C2B HEB K . 45.14 18.13 -17.08
C3B HEB K . 44.20 17.38 -17.76
C4B HEB K . 43.02 17.36 -16.94
CMB HEB K . 46.55 18.48 -17.47
CAB HEB K . 44.26 16.71 -19.09
CBB HEB K . 45.53 15.98 -19.44
NC HEB K . 40.50 17.26 -15.38
C1C HEB K . 40.75 16.70 -16.58
C2C HEB K . 39.59 16.03 -17.01
C3C HEB K . 38.66 16.21 -16.04
C4C HEB K . 39.23 17.01 -14.99
CMC HEB K . 39.51 15.28 -18.30
CAC HEB K . 37.26 15.67 -16.09
CBC HEB K . 36.77 15.00 -15.04
ND HEB K . 40.54 18.62 -12.85
C1D HEB K . 39.26 18.17 -12.85
C2D HEB K . 38.67 18.60 -11.60
C3D HEB K . 39.62 19.29 -10.92
C4D HEB K . 40.81 19.29 -11.71
CMD HEB K . 37.29 18.37 -11.10
CAD HEB K . 39.45 19.92 -9.55
CBD HEB K . 39.58 21.43 -9.59
CGD HEB K . 39.54 22.02 -8.20
O1D HEB K . 39.95 23.19 -8.10
O2D HEB K . 38.83 21.42 -7.38
FE HEB L . 25.80 7.99 -18.26
CHA HEB L . 23.62 5.66 -17.08
CHB HEB L . 24.08 8.07 -21.27
CHC HEB L . 28.01 10.23 -19.44
CHD HEB L . 27.45 8.03 -15.19
NA HEB L . 24.16 7.03 -19.05
C1A HEB L . 23.42 6.14 -18.35
C2A HEB L . 22.34 5.73 -19.18
C3A HEB L . 22.46 6.41 -20.37
C4A HEB L . 23.62 7.23 -20.27
CMA HEB L . 21.56 6.32 -21.58
CAA HEB L . 21.30 4.74 -18.73
CBA HEB L . 21.24 3.37 -19.41
CGA HEB L . 19.81 2.87 -19.50
O1A HEB L . 19.17 3.16 -20.52
O2A HEB L . 19.32 2.41 -18.45
NB HEB L . 26.01 8.97 -20.04
C1B HEB L . 25.20 8.86 -21.11
C2B HEB L . 25.72 9.75 -22.12
C3B HEB L . 26.82 10.36 -21.59
C4B HEB L . 27.00 9.85 -20.28
CMB HEB L . 25.11 9.96 -23.47
CAB HEB L . 27.70 11.38 -22.23
CBB HEB L . 29.14 10.96 -22.47
NC HEB L . 27.44 8.94 -17.48
C1C HEB L . 28.16 9.83 -18.16
C2C HEB L . 29.19 10.36 -17.33
C3C HEB L . 29.04 9.74 -16.12
C4C HEB L . 27.93 8.84 -16.20
CMC HEB L . 30.18 11.38 -17.80
CAC HEB L . 29.88 9.95 -14.88
CBC HEB L . 31.23 9.93 -14.94
ND HEB L . 25.60 7.01 -16.48
C1D HEB L . 26.35 7.20 -15.36
C2D HEB L . 25.80 6.35 -14.33
C3D HEB L . 24.75 5.68 -14.87
C4D HEB L . 24.62 6.12 -16.23
CMD HEB L . 26.30 6.20 -12.94
CAD HEB L . 23.88 4.69 -14.15
CBD HEB L . 24.00 3.26 -14.66
CGD HEB L . 23.34 2.27 -13.73
O1D HEB L . 22.29 2.66 -13.17
O2D HEB L . 24.07 1.35 -13.31
PA NDP M . -0.86 18.01 -26.13
O1A NDP M . -1.13 19.34 -26.73
O2A NDP M . -1.19 17.74 -24.69
O5B NDP M . -1.51 16.86 -27.08
C5B NDP M . -2.49 16.28 -26.28
C4B NDP M . -3.79 16.35 -27.01
O4B NDP M . -4.49 17.44 -26.53
C3B NDP M . -3.50 16.55 -28.48
O3B NDP M . -4.30 15.71 -29.21
C2B NDP M . -4.01 17.94 -28.75
O2B NDP M . -4.61 18.05 -29.93
C1B NDP M . -5.06 18.05 -27.62
N9A NDP M . -5.29 19.43 -27.28
C8A NDP M . -4.34 20.41 -27.03
N7A NDP M . -4.86 21.60 -26.73
C5A NDP M . -6.24 21.38 -26.79
C6A NDP M . -7.34 22.21 -26.57
N6A NDP M . -7.17 23.53 -26.24
N1A NDP M . -8.61 21.75 -26.69
C2A NDP M . -8.71 20.43 -27.01
N3A NDP M . -7.78 19.51 -27.25
C4A NDP M . -6.52 20.01 -27.12
O3 NDP M . 0.75 17.99 -26.28
PN NDP M . 1.30 16.54 -25.98
O1N NDP M . 1.76 15.95 -27.26
O2N NDP M . 0.54 15.76 -24.93
O5D NDP M . 2.81 16.76 -25.16
C5D NDP M . 2.85 18.10 -24.92
C4D NDP M . 3.88 18.39 -23.87
O4D NDP M . 3.46 17.93 -22.62
C3D NDP M . 5.11 17.53 -24.14
O3D NDP M . 5.98 18.26 -24.93
C2D NDP M . 5.67 17.34 -22.72
O2D NDP M . 6.88 17.98 -22.53
C1D NDP M . 4.61 18.04 -21.87
N1N NDP M . 4.44 17.34 -20.62
C2N NDP M . 5.07 17.81 -19.50
C3N NDP M . 4.71 17.38 -18.28
C7N NDP M . 5.44 17.95 -17.15
O7N NDP M . 6.24 18.89 -17.24
N7N NDP M . 5.21 17.39 -15.90
C4N NDP M . 3.62 16.39 -18.09
C5N NDP M . 3.25 15.73 -19.35
C6N NDP M . 3.64 16.20 -20.53
P2B NDP M . -3.66 19.10 -31.10
O1X NDP M . -3.04 17.99 -31.88
O2X NDP M . -4.74 19.93 -31.79
O3X NDP M . -2.80 19.81 -30.09
PA FAD N . 15.42 4.40 -25.77
O1A FAD N . 15.39 4.09 -27.20
O2A FAD N . 16.64 3.89 -25.04
O5B FAD N . 15.26 5.92 -25.56
C5B FAD N . 14.30 6.69 -26.33
C4B FAD N . 13.38 7.42 -25.40
O4B FAD N . 13.06 6.60 -24.25
C3B FAD N . 13.93 8.72 -24.82
O3B FAD N . 12.88 9.65 -24.62
C2B FAD N . 14.52 8.27 -23.49
O2B FAD N . 14.52 9.34 -22.55
C1B FAD N . 13.53 7.19 -23.07
N9A FAD N . 14.11 6.15 -22.23
C8A FAD N . 15.24 5.41 -22.50
N7A FAD N . 15.55 4.54 -21.57
C5A FAD N . 14.55 4.73 -20.62
C6A FAD N . 14.30 4.10 -19.39
N6A FAD N . 15.08 3.14 -18.87
N1A FAD N . 13.23 4.52 -18.69
C2A FAD N . 12.46 5.49 -19.19
N3A FAD N . 12.59 6.14 -20.35
C4A FAD N . 13.67 5.71 -21.02
N1 FAD N . 6.61 2.71 -23.41
C2 FAD N . 5.88 1.78 -24.07
O2 FAD N . 6.08 1.53 -25.26
N3 FAD N . 4.88 1.10 -23.41
C4 FAD N . 4.54 1.25 -22.12
O4 FAD N . 3.63 0.58 -21.64
C4X FAD N . 5.32 2.24 -21.42
N5 FAD N . 5.05 2.43 -20.18
C5X FAD N . 5.80 3.37 -19.49
C6 FAD N . 5.51 3.58 -18.16
C7 FAD N . 6.24 4.51 -17.41
C7M FAD N . 5.90 4.72 -15.96
C8 FAD N . 7.26 5.23 -18.03
C8M FAD N . 8.06 6.26 -17.25
C9 FAD N . 7.54 5.02 -19.37
C9A FAD N . 6.83 4.09 -20.11
N10 FAD N . 7.14 3.81 -21.45
C10 FAD N . 6.35 2.92 -22.15
C1' FAD N . 8.16 4.64 -22.15
C2' FAD N . 9.26 3.89 -22.92
O2' FAD N . 8.88 3.45 -24.22
C3' FAD N . 9.87 2.79 -22.07
O3' FAD N . 9.65 3.07 -20.69
C4' FAD N . 11.37 2.78 -22.33
O4' FAD N . 11.69 4.05 -22.90
C5' FAD N . 11.82 1.74 -23.35
O5' FAD N . 13.21 1.99 -23.66
P FAD N . 13.69 2.31 -25.12
O1P FAD N . 14.91 1.49 -25.53
O2P FAD N . 12.56 2.19 -25.99
O3P FAD N . 14.14 3.80 -25.06
O1 PX2 O . 11.33 16.31 -26.45
O2 PX2 O . 10.74 17.55 -24.31
P1 PX2 O . 11.47 17.57 -25.63
O3 PX2 O . 11.29 18.85 -26.40
O4 PX2 O . 13.03 17.58 -25.22
C1 PX2 O . 14.05 17.36 -26.18
C2 PX2 O . 15.39 17.83 -25.61
C3 PX2 O . 15.74 16.97 -24.41
O5 PX2 O . 15.15 17.53 -23.24
C4 PX2 O . 16.00 18.25 -22.32
O6 PX2 O . 16.45 19.34 -22.64
C5 PX2 O . 16.30 17.67 -20.96
C6 PX2 O . 16.07 18.72 -19.90
C7 PX2 O . 15.67 18.04 -18.61
C8 PX2 O . 15.12 19.06 -17.64
C9 PX2 O . 14.39 18.34 -16.52
C10 PX2 O . 15.36 17.56 -15.66
C11 PX2 O . 14.61 16.98 -14.48
C12 PX2 O . 15.56 16.30 -13.50
C13 PX2 O . 14.78 15.33 -12.62
C14 PX2 O . 15.71 14.67 -11.61
C15 PX2 O . 15.03 13.51 -10.93
O7 PX2 O . 16.44 17.71 -26.56
C16 PX2 O . 17.12 18.99 -26.73
O8 PX2 O . 16.85 19.69 -27.69
C17 PX2 O . 18.14 19.44 -25.70
C18 PX2 O . 18.45 20.92 -25.86
C19 PX2 O . 18.79 21.54 -24.51
C20 PX2 O . 20.01 22.46 -24.58
C21 PX2 O . 20.31 23.02 -23.20
C22 PX2 O . 21.71 23.62 -23.12
C23 PX2 O . 22.05 23.94 -21.67
C24 PX2 O . 23.51 24.35 -21.53
C25 PX2 O . 23.92 24.50 -20.08
C26 PX2 O . 25.39 24.92 -19.97
C27 PX2 O . 25.72 25.40 -18.58
#